data_5SDQ
#
_entry.id   5SDQ
#
_cell.length_a   101.233
_cell.length_b   116.884
_cell.length_c   147.873
_cell.angle_alpha   90.000
_cell.angle_beta   90.000
_cell.angle_gamma   90.000
#
_symmetry.space_group_name_H-M   'P 21 21 21'
#
loop_
_entity.id
_entity.type
_entity.pdbx_description
1 polymer 'Asp/Glu-specific dipeptidyl-peptidase'
2 non-polymer 2-[(morpholin-4-yl)methyl]phenol
3 non-polymer 'CHLORIDE ION'
4 water water
#
_entity_poly.entity_id   1
_entity_poly.type   'polypeptide(L)'
_entity_poly.pdbx_seq_one_letter_code
;MDEGMWLMQQLGRKYAQMKERGLKMKEYDLYNPNGTSLKDAVVLFDGGCTGEVVSDRGLVLTNHHCGYDMIQAHSTLEHN
YLENGFWAMREADELPNKDISVVFIDKIEDVTDYVKKELKAIKDPNSMDYLSPKYLQKLADKKAGKNFSAKNPGLSVEIK
AFYGGNLYLMFTKKTYTDVRLVGAPPSSIGKFGADTDNWIWPRHTGDFSIFRIYADKNGNPAPYSEDNVPLKPKRFFNIS
LGGVQENDYAMIMGFPGTTHRYFTASEVDEWKSIDNDIRIRMRDIRQGVMLREMLADPQIKIMYSAKYAASQNAYKRAIG
ANWAIKTRGLRQNKQAMQDRLIAWGAKQGTPRYEEAVHEIDATVAKRADLRRRYWMIEEGIIRGIEFARSPIPTEDETKA
LQGNDASARKEAIDKIRTRYSKFANKDYSAEVDKKVAVAMLTEYLKEIPYENLPLHLRLVKDRFAGDVQAYVDDIFARSV
FGSEAQFDAFAAVPSVEKLAEDPMVLFASSVFDEYRKLYNELRPYDDPILRAQRTYIAGLLEMDGDQDQFPDANLTLRFT
YGQVKGYSPRDNVYYGHQTTLDGVMEKEDPDNWEFVVDPKLKAVYERKDFGRYADRSGRMPVAFCATTHTTGGNSGSPVM
NANGELIGLNFDRNWEGVGGDIQYLADYQRSIIVDIRYVLLVIDKVGGCQRLLDEMNIVPAHHHHHH
;
_entity_poly.pdbx_strand_id   A,B
#
loop_
_chem_comp.id
_chem_comp.type
_chem_comp.name
_chem_comp.formula
CL non-polymer 'CHLORIDE ION' 'Cl -1'
I8M non-polymer 2-[(morpholin-4-yl)methyl]phenol 'C11 H15 N O2'
#
# COMPACT_ATOMS: atom_id res chain seq x y z
N ASP A 2 -4.76 -8.88 28.62
CA ASP A 2 -5.47 -10.14 28.46
C ASP A 2 -4.43 -11.28 28.52
N GLU A 3 -3.89 -11.75 27.36
CA GLU A 3 -2.84 -12.78 27.35
C GLU A 3 -1.60 -11.97 27.68
N GLY A 4 -0.97 -12.24 28.81
CA GLY A 4 0.03 -11.31 29.33
C GLY A 4 1.52 -11.50 29.41
N MET A 5 2.12 -10.65 30.26
CA MET A 5 3.55 -10.60 30.51
C MET A 5 3.69 -10.95 31.98
N TRP A 6 3.70 -12.24 32.22
CA TRP A 6 3.70 -12.82 33.55
C TRP A 6 4.99 -12.76 34.29
N LEU A 7 4.92 -12.53 35.59
CA LEU A 7 6.08 -12.56 36.47
C LEU A 7 6.57 -14.01 36.53
N MET A 8 7.86 -14.22 36.79
CA MET A 8 8.39 -15.58 36.94
C MET A 8 7.69 -16.33 38.10
N GLN A 9 7.31 -15.60 39.16
CA GLN A 9 6.57 -16.08 40.33
C GLN A 9 5.21 -16.68 39.94
N GLN A 10 4.61 -16.15 38.85
CA GLN A 10 3.30 -16.60 38.38
C GLN A 10 3.34 -17.88 37.54
N LEU A 11 4.53 -18.42 37.25
CA LEU A 11 4.63 -19.65 36.46
C LEU A 11 3.87 -20.82 37.10
N GLY A 12 3.97 -20.96 38.42
CA GLY A 12 3.27 -22.04 39.14
C GLY A 12 1.77 -22.06 38.90
N ARG A 13 1.10 -20.91 39.02
CA ARG A 13 -0.34 -20.84 38.84
C ARG A 13 -0.76 -20.83 37.34
N LYS A 14 0.17 -20.57 36.40
CA LYS A 14 -0.12 -20.60 34.96
C LYS A 14 0.23 -21.94 34.29
N TYR A 15 1.09 -22.74 34.95
CA TYR A 15 1.64 -23.99 34.45
C TYR A 15 0.62 -24.95 33.86
N ALA A 16 -0.50 -25.20 34.57
CA ALA A 16 -1.55 -26.10 34.08
C ALA A 16 -2.19 -25.59 32.78
N GLN A 17 -2.41 -24.26 32.66
CA GLN A 17 -2.95 -23.69 31.42
C GLN A 17 -1.93 -23.82 30.28
N MET A 18 -0.64 -23.65 30.59
CA MET A 18 0.41 -23.75 29.58
C MET A 18 0.53 -25.17 29.08
N LYS A 19 0.45 -26.15 30.00
CA LYS A 19 0.51 -27.58 29.70
C LYS A 19 -0.67 -27.95 28.80
N GLU A 20 -1.87 -27.43 29.10
CA GLU A 20 -3.05 -27.71 28.27
C GLU A 20 -2.94 -27.06 26.88
N ARG A 21 -2.17 -25.96 26.76
CA ARG A 21 -1.92 -25.29 25.49
C ARG A 21 -0.76 -25.89 24.68
N GLY A 22 -0.09 -26.91 25.23
CA GLY A 22 0.98 -27.58 24.51
C GLY A 22 2.30 -27.74 25.22
N LEU A 23 2.58 -26.93 26.27
CA LEU A 23 3.85 -27.01 27.01
C LEU A 23 4.17 -28.44 27.51
N LYS A 24 5.37 -28.92 27.22
CA LYS A 24 5.80 -30.25 27.59
C LYS A 24 6.86 -30.28 28.67
N MET A 25 7.65 -29.20 28.82
CA MET A 25 8.74 -29.21 29.79
C MET A 25 8.26 -29.11 31.25
N LYS A 26 9.06 -29.64 32.20
CA LYS A 26 8.70 -29.57 33.61
C LYS A 26 8.82 -28.10 34.08
N GLU A 27 7.95 -27.70 35.03
CA GLU A 27 7.89 -26.32 35.53
C GLU A 27 9.24 -25.76 35.96
N TYR A 28 9.97 -26.50 36.81
CA TYR A 28 11.25 -26.05 37.34
C TYR A 28 12.41 -26.09 36.33
N ASP A 29 12.22 -26.76 35.18
CA ASP A 29 13.23 -26.72 34.12
C ASP A 29 13.15 -25.35 33.37
N LEU A 30 11.97 -24.70 33.40
CA LEU A 30 11.75 -23.40 32.78
C LEU A 30 12.14 -22.30 33.78
N TYR A 31 11.60 -22.38 35.01
CA TYR A 31 11.93 -21.42 36.07
C TYR A 31 11.93 -22.10 37.41
N ASN A 32 13.06 -22.04 38.09
CA ASN A 32 13.23 -22.59 39.42
C ASN A 32 13.78 -21.48 40.30
N PRO A 33 13.01 -21.09 41.33
CA PRO A 33 13.49 -20.02 42.22
C PRO A 33 14.69 -20.41 43.10
N ASN A 34 15.03 -21.71 43.18
CA ASN A 34 16.13 -22.18 44.03
C ASN A 34 17.11 -23.10 43.28
N GLY A 35 17.26 -22.90 41.98
CA GLY A 35 18.13 -23.76 41.19
C GLY A 35 18.19 -23.38 39.73
N THR A 36 19.09 -24.02 38.99
CA THR A 36 19.28 -23.74 37.56
C THR A 36 18.06 -24.12 36.72
N SER A 37 17.64 -23.19 35.87
CA SER A 37 16.52 -23.32 34.93
C SER A 37 16.83 -22.54 33.64
N LEU A 38 15.96 -22.67 32.62
CA LEU A 38 16.10 -21.98 31.35
C LEU A 38 16.16 -20.44 31.50
N LYS A 39 15.54 -19.92 32.58
CA LYS A 39 15.57 -18.51 32.95
C LYS A 39 17.03 -17.99 33.03
N ASP A 40 17.96 -18.89 33.47
CA ASP A 40 19.38 -18.56 33.60
C ASP A 40 20.10 -18.38 32.27
N ALA A 41 19.47 -18.72 31.15
CA ALA A 41 20.05 -18.51 29.83
C ALA A 41 19.52 -17.19 29.19
N VAL A 42 18.69 -16.40 29.91
CA VAL A 42 18.12 -15.16 29.38
C VAL A 42 18.89 -13.96 29.94
N VAL A 43 19.21 -12.98 29.07
CA VAL A 43 19.91 -11.79 29.51
C VAL A 43 19.22 -10.51 29.06
N LEU A 44 19.42 -9.45 29.80
CA LEU A 44 19.02 -8.12 29.39
C LEU A 44 20.27 -7.66 28.62
N PHE A 45 20.14 -7.48 27.32
CA PHE A 45 21.23 -7.10 26.42
C PHE A 45 21.33 -5.60 26.29
N ASP A 46 22.48 -5.04 26.68
CA ASP A 46 22.77 -3.62 26.57
C ASP A 46 21.68 -2.68 27.12
N GLY A 47 21.14 -3.04 28.27
CA GLY A 47 20.12 -2.26 28.97
C GLY A 47 18.76 -2.01 28.34
N GLY A 48 18.55 -2.42 27.09
CA GLY A 48 17.27 -2.18 26.42
C GLY A 48 16.73 -3.30 25.55
N CYS A 49 17.50 -4.34 25.36
CA CYS A 49 17.12 -5.47 24.52
C CYS A 49 17.13 -6.75 25.36
N THR A 50 16.69 -7.85 24.76
CA THR A 50 16.81 -9.15 25.37
C THR A 50 17.82 -9.94 24.51
N GLY A 51 18.47 -10.90 25.16
CA GLY A 51 19.39 -11.81 24.51
C GLY A 51 19.28 -13.18 25.14
N GLU A 52 20.00 -14.16 24.57
CA GLU A 52 19.99 -15.51 25.12
C GLU A 52 21.28 -16.24 24.87
N VAL A 53 21.70 -17.05 25.85
CA VAL A 53 22.91 -17.84 25.80
C VAL A 53 22.59 -19.13 25.05
N VAL A 54 23.37 -19.44 24.03
CA VAL A 54 23.11 -20.60 23.17
C VAL A 54 24.28 -21.61 23.10
N SER A 55 25.27 -21.49 23.99
CA SER A 55 26.38 -22.45 24.02
C SER A 55 27.04 -22.56 25.41
N ASP A 56 27.82 -23.64 25.64
CA ASP A 56 28.57 -23.78 26.88
C ASP A 56 29.78 -22.83 26.94
N ARG A 57 30.01 -22.03 25.88
CA ARG A 57 31.10 -21.07 25.82
C ARG A 57 30.59 -19.62 25.74
N GLY A 58 29.40 -19.37 26.31
CA GLY A 58 28.83 -18.03 26.41
C GLY A 58 28.41 -17.30 25.15
N LEU A 59 28.10 -18.06 24.08
CA LEU A 59 27.62 -17.44 22.84
C LEU A 59 26.22 -16.86 23.11
N VAL A 60 25.96 -15.65 22.63
CA VAL A 60 24.70 -14.95 22.85
C VAL A 60 24.06 -14.53 21.52
N LEU A 61 22.77 -14.79 21.37
CA LEU A 61 22.03 -14.32 20.21
C LEU A 61 21.12 -13.18 20.66
N THR A 62 21.01 -12.15 19.82
CA THR A 62 20.10 -11.02 19.99
C THR A 62 19.75 -10.50 18.58
N ASN A 63 19.00 -9.40 18.45
CA ASN A 63 18.67 -8.84 17.15
C ASN A 63 19.83 -8.08 16.53
N HIS A 64 19.74 -7.86 15.21
CA HIS A 64 20.70 -7.06 14.47
C HIS A 64 20.50 -5.62 14.92
N HIS A 65 19.25 -5.15 15.10
CA HIS A 65 19.02 -3.78 15.55
C HIS A 65 19.44 -3.54 17.00
N CYS A 66 19.66 -4.62 17.80
CA CYS A 66 20.16 -4.54 19.17
C CYS A 66 21.69 -4.47 19.19
N GLY A 67 22.32 -5.21 18.27
CA GLY A 67 23.77 -5.20 18.14
C GLY A 67 24.29 -4.17 17.15
N TYR A 68 23.39 -3.37 16.51
CA TYR A 68 23.67 -2.38 15.46
C TYR A 68 24.80 -1.40 15.81
N ASP A 69 24.74 -0.76 16.98
CA ASP A 69 25.78 0.20 17.42
C ASP A 69 27.16 -0.44 17.52
N MET A 70 27.25 -1.69 18.00
CA MET A 70 28.53 -2.37 18.12
C MET A 70 29.09 -2.74 16.74
N ILE A 71 28.22 -3.12 15.80
CA ILE A 71 28.64 -3.48 14.45
C ILE A 71 29.13 -2.21 13.73
N GLN A 72 28.41 -1.09 13.91
CA GLN A 72 28.73 0.20 13.32
C GLN A 72 30.04 0.79 13.88
N ALA A 73 30.28 0.65 15.19
CA ALA A 73 31.50 1.16 15.84
C ALA A 73 32.77 0.43 15.37
N HIS A 74 32.64 -0.84 14.99
CA HIS A 74 33.78 -1.59 14.46
C HIS A 74 33.89 -1.51 12.92
N SER A 75 32.98 -0.79 12.25
CA SER A 75 32.99 -0.68 10.80
C SER A 75 33.78 0.51 10.30
N THR A 76 34.60 0.28 9.27
CA THR A 76 35.41 1.28 8.58
C THR A 76 35.18 1.14 7.04
N LEU A 77 35.80 2.02 6.22
CA LEU A 77 35.70 1.91 4.77
C LEU A 77 36.37 0.60 4.31
N GLU A 78 37.48 0.21 4.97
CA GLU A 78 38.23 -1.01 4.65
C GLU A 78 37.47 -2.28 5.07
N HIS A 79 36.89 -2.30 6.27
CA HIS A 79 36.12 -3.45 6.74
C HIS A 79 34.73 -3.03 7.18
N ASN A 80 33.82 -2.80 6.20
CA ASN A 80 32.46 -2.36 6.50
C ASN A 80 31.58 -3.52 6.98
N TYR A 81 31.62 -3.80 8.29
CA TYR A 81 30.84 -4.89 8.86
C TYR A 81 29.34 -4.61 8.83
N LEU A 82 28.94 -3.34 8.92
CA LEU A 82 27.53 -2.97 8.86
C LEU A 82 26.93 -3.32 7.48
N GLU A 83 27.73 -3.18 6.42
CA GLU A 83 27.28 -3.47 5.06
C GLU A 83 27.45 -4.93 4.64
N ASN A 84 28.61 -5.54 4.91
CA ASN A 84 28.86 -6.91 4.46
C ASN A 84 28.73 -8.01 5.51
N GLY A 85 28.48 -7.62 6.75
CA GLY A 85 28.44 -8.58 7.85
C GLY A 85 29.81 -8.79 8.46
N PHE A 86 29.86 -9.55 9.55
CA PHE A 86 31.11 -9.83 10.25
C PHE A 86 31.08 -11.26 10.72
N TRP A 87 32.16 -12.02 10.53
CA TRP A 87 32.21 -13.42 10.96
C TRP A 87 33.58 -13.77 11.52
N ALA A 88 33.74 -13.74 12.85
CA ALA A 88 35.01 -14.08 13.49
C ALA A 88 35.25 -15.57 13.32
N MET A 89 36.37 -15.94 12.67
CA MET A 89 36.67 -17.35 12.42
C MET A 89 37.41 -18.06 13.58
N ARG A 90 37.70 -17.33 14.65
CA ARG A 90 38.30 -17.84 15.88
C ARG A 90 37.88 -16.93 17.03
N GLU A 91 37.85 -17.47 18.26
CA GLU A 91 37.49 -16.72 19.45
C GLU A 91 38.36 -15.50 19.65
N ALA A 92 39.66 -15.61 19.31
CA ALA A 92 40.62 -14.51 19.41
C ALA A 92 40.28 -13.33 18.49
N ASP A 93 39.52 -13.58 17.40
CA ASP A 93 39.12 -12.57 16.44
C ASP A 93 37.81 -11.83 16.82
N GLU A 94 37.13 -12.26 17.90
CA GLU A 94 35.89 -11.62 18.33
C GLU A 94 36.21 -10.24 18.91
N LEU A 95 35.47 -9.21 18.46
CA LEU A 95 35.75 -7.82 18.80
C LEU A 95 35.16 -7.31 20.12
N PRO A 96 36.01 -6.83 21.03
CA PRO A 96 35.49 -6.25 22.29
C PRO A 96 34.68 -4.98 22.05
N ASN A 97 33.75 -4.68 22.95
CA ASN A 97 32.89 -3.51 22.80
C ASN A 97 32.92 -2.62 24.03
N LYS A 98 33.09 -1.31 23.83
CA LYS A 98 33.08 -0.37 24.93
C LYS A 98 31.63 -0.06 25.30
N ASP A 99 31.37 0.11 26.61
CA ASP A 99 30.05 0.46 27.17
C ASP A 99 28.96 -0.59 26.94
N ILE A 100 29.33 -1.87 26.88
CA ILE A 100 28.35 -2.94 26.68
C ILE A 100 28.12 -3.71 27.99
N SER A 101 26.94 -4.34 28.10
CA SER A 101 26.64 -5.18 29.26
C SER A 101 25.61 -6.25 28.94
N VAL A 102 25.66 -7.33 29.71
CA VAL A 102 24.67 -8.38 29.70
C VAL A 102 24.29 -8.60 31.16
N VAL A 103 22.99 -8.60 31.44
CA VAL A 103 22.52 -8.79 32.82
C VAL A 103 21.75 -10.09 32.98
N PHE A 104 22.23 -10.97 33.86
CA PHE A 104 21.53 -12.20 34.18
C PHE A 104 20.66 -11.96 35.42
N ILE A 105 19.46 -12.55 35.44
CA ILE A 105 18.60 -12.43 36.61
C ILE A 105 18.84 -13.65 37.49
N ASP A 106 19.86 -13.55 38.35
CA ASP A 106 20.30 -14.64 39.21
C ASP A 106 19.22 -15.13 40.16
N LYS A 107 18.59 -14.21 40.87
CA LYS A 107 17.52 -14.56 41.80
C LYS A 107 16.42 -13.52 41.74
N ILE A 108 15.20 -13.91 42.05
CA ILE A 108 14.05 -13.02 42.13
C ILE A 108 13.34 -13.40 43.40
N GLU A 109 13.07 -12.42 44.24
CA GLU A 109 12.46 -12.68 45.53
C GLU A 109 11.34 -11.70 45.81
N ASP A 110 10.20 -12.19 46.32
CA ASP A 110 9.10 -11.32 46.69
C ASP A 110 9.44 -10.64 48.03
N VAL A 111 9.57 -9.30 48.01
CA VAL A 111 9.86 -8.54 49.23
C VAL A 111 8.72 -7.58 49.59
N THR A 112 7.47 -7.90 49.18
CA THR A 112 6.32 -7.05 49.42
C THR A 112 6.10 -6.73 50.89
N ASP A 113 6.10 -7.75 51.76
CA ASP A 113 5.90 -7.55 53.20
C ASP A 113 6.99 -6.67 53.81
N TYR A 114 8.26 -6.90 53.42
CA TYR A 114 9.40 -6.12 53.87
C TYR A 114 9.26 -4.65 53.46
N VAL A 115 8.95 -4.38 52.17
CA VAL A 115 8.79 -3.02 51.69
C VAL A 115 7.61 -2.33 52.37
N LYS A 116 6.45 -3.01 52.45
CA LYS A 116 5.26 -2.45 53.10
C LYS A 116 5.49 -2.17 54.59
N LYS A 117 6.32 -2.99 55.27
CA LYS A 117 6.64 -2.74 56.69
C LYS A 117 7.50 -1.48 56.80
N GLU A 118 8.52 -1.35 55.92
CA GLU A 118 9.40 -0.17 55.93
C GLU A 118 8.61 1.10 55.62
N LEU A 119 7.63 0.99 54.69
CA LEU A 119 6.77 2.10 54.29
C LEU A 119 5.88 2.60 55.42
N LYS A 120 5.51 1.73 56.38
CA LYS A 120 4.68 2.12 57.53
C LYS A 120 5.31 3.20 58.40
N ALA A 121 6.64 3.41 58.30
CA ALA A 121 7.31 4.49 59.03
C ALA A 121 7.11 5.86 58.35
N ILE A 122 5.88 6.03 57.79
CA ILE A 122 5.26 7.16 57.09
C ILE A 122 5.34 8.46 57.87
N LYS A 123 5.93 9.46 57.26
CA LYS A 123 5.92 10.82 57.80
C LYS A 123 4.72 11.58 57.17
N ASP A 124 4.38 11.24 55.90
CA ASP A 124 3.35 11.81 55.06
C ASP A 124 2.62 10.66 54.34
N PRO A 125 1.30 10.50 54.52
CA PRO A 125 0.57 9.43 53.81
C PRO A 125 0.55 9.58 52.28
N ASN A 126 0.84 10.79 51.79
CA ASN A 126 0.90 11.09 50.36
C ASN A 126 2.32 10.97 49.78
N SER A 127 3.30 10.49 50.56
CA SER A 127 4.68 10.30 50.11
C SER A 127 4.77 9.40 48.88
N MET A 128 5.64 9.78 47.95
CA MET A 128 5.84 8.96 46.76
C MET A 128 7.09 8.05 46.86
N ASP A 129 7.61 7.85 48.09
CA ASP A 129 8.77 6.99 48.30
C ASP A 129 8.50 5.54 47.88
N TYR A 130 7.24 5.10 47.97
CA TYR A 130 6.84 3.75 47.56
C TYR A 130 7.14 3.47 46.06
N LEU A 131 7.34 4.52 45.26
CA LEU A 131 7.71 4.39 43.84
C LEU A 131 9.10 4.95 43.51
N SER A 132 9.80 5.50 44.51
CA SER A 132 11.10 6.14 44.33
C SER A 132 12.23 5.14 44.16
N PRO A 133 12.95 5.22 43.03
CA PRO A 133 14.11 4.32 42.84
C PRO A 133 15.18 4.54 43.91
N LYS A 134 15.34 5.78 44.40
CA LYS A 134 16.30 6.08 45.46
C LYS A 134 15.88 5.40 46.76
N TYR A 135 14.61 5.55 47.15
CA TYR A 135 14.12 4.94 48.39
C TYR A 135 14.18 3.43 48.32
N LEU A 136 13.72 2.84 47.21
CA LEU A 136 13.72 1.39 47.02
C LEU A 136 15.14 0.83 47.00
N GLN A 137 16.11 1.58 46.44
CA GLN A 137 17.52 1.14 46.44
C GLN A 137 18.10 1.13 47.85
N LYS A 138 17.68 2.07 48.69
CA LYS A 138 18.08 2.11 50.10
C LYS A 138 17.54 0.86 50.81
N LEU A 139 16.31 0.41 50.47
CA LEU A 139 15.74 -0.81 51.07
C LEU A 139 16.43 -2.06 50.57
N ALA A 140 16.82 -2.06 49.29
CA ALA A 140 17.50 -3.18 48.66
C ALA A 140 18.89 -3.37 49.32
N ASP A 141 19.65 -2.28 49.50
CA ASP A 141 20.97 -2.28 50.13
C ASP A 141 20.90 -2.73 51.60
N LYS A 142 19.84 -2.32 52.31
CA LYS A 142 19.63 -2.71 53.69
C LYS A 142 19.40 -4.21 53.80
N LYS A 143 18.59 -4.77 52.89
CA LYS A 143 18.30 -6.20 52.89
C LYS A 143 19.53 -7.03 52.46
N ALA A 144 20.24 -6.58 51.42
CA ALA A 144 21.43 -7.28 50.92
C ALA A 144 22.61 -7.22 51.90
N GLY A 145 22.74 -6.11 52.62
CA GLY A 145 23.81 -5.91 53.58
C GLY A 145 24.83 -4.86 53.19
N LYS A 146 25.72 -4.52 54.13
CA LYS A 146 26.78 -3.53 53.89
C LYS A 146 27.85 -4.11 52.98
N ASN A 147 28.20 -3.37 51.91
CA ASN A 147 29.20 -3.76 50.90
C ASN A 147 28.85 -5.07 50.18
N PHE A 148 27.59 -5.22 49.73
CA PHE A 148 27.17 -6.43 49.02
C PHE A 148 27.93 -6.59 47.71
N SER A 149 28.09 -5.48 46.96
CA SER A 149 28.77 -5.47 45.68
C SER A 149 30.27 -5.79 45.82
N ALA A 150 30.88 -5.46 46.96
CA ALA A 150 32.29 -5.75 47.20
C ALA A 150 32.46 -7.18 47.72
N LYS A 151 31.50 -7.68 48.53
CA LYS A 151 31.55 -9.04 49.05
C LYS A 151 31.18 -10.10 48.00
N ASN A 152 30.36 -9.71 47.00
CA ASN A 152 29.95 -10.59 45.90
C ASN A 152 30.18 -9.84 44.58
N PRO A 153 31.44 -9.76 44.10
CA PRO A 153 31.70 -8.99 42.87
C PRO A 153 30.93 -9.46 41.63
N GLY A 154 30.36 -8.50 40.91
CA GLY A 154 29.55 -8.80 39.75
C GLY A 154 28.06 -8.87 40.05
N LEU A 155 27.70 -9.01 41.34
CA LEU A 155 26.32 -9.08 41.78
C LEU A 155 25.83 -7.73 42.28
N SER A 156 24.57 -7.45 41.99
CA SER A 156 23.93 -6.23 42.47
C SER A 156 22.46 -6.51 42.76
N VAL A 157 21.87 -5.68 43.60
CA VAL A 157 20.51 -5.87 44.05
C VAL A 157 19.62 -4.69 43.65
N GLU A 158 18.34 -4.96 43.33
CA GLU A 158 17.43 -3.90 42.95
C GLU A 158 15.99 -4.27 43.31
N ILE A 159 15.24 -3.35 43.91
CA ILE A 159 13.84 -3.58 44.22
C ILE A 159 13.00 -2.76 43.26
N LYS A 160 11.98 -3.36 42.67
CA LYS A 160 11.05 -2.66 41.81
C LYS A 160 9.62 -2.82 42.30
N ALA A 161 8.80 -1.81 42.07
CA ALA A 161 7.39 -1.82 42.40
C ALA A 161 6.63 -2.43 41.21
N PHE A 162 5.54 -3.14 41.51
CA PHE A 162 4.66 -3.78 40.53
C PHE A 162 3.23 -3.57 40.97
N TYR A 163 2.29 -3.65 40.01
CA TYR A 163 0.86 -3.49 40.29
C TYR A 163 0.57 -2.14 40.99
N GLY A 164 1.24 -1.08 40.54
CA GLY A 164 1.09 0.26 41.10
C GLY A 164 1.55 0.43 42.54
N GLY A 165 2.48 -0.42 42.98
CA GLY A 165 2.98 -0.36 44.35
C GLY A 165 2.33 -1.36 45.29
N ASN A 166 1.66 -2.38 44.74
CA ASN A 166 1.04 -3.44 45.57
C ASN A 166 1.89 -4.70 45.69
N LEU A 167 2.96 -4.80 44.91
CA LEU A 167 3.85 -5.94 44.96
C LEU A 167 5.28 -5.45 44.70
N TYR A 168 6.26 -5.98 45.45
CA TYR A 168 7.65 -5.58 45.26
C TYR A 168 8.50 -6.81 45.07
N LEU A 169 9.42 -6.76 44.11
CA LEU A 169 10.33 -7.88 43.90
C LEU A 169 11.77 -7.37 43.97
N MET A 170 12.64 -8.16 44.59
CA MET A 170 14.06 -7.85 44.64
C MET A 170 14.76 -8.78 43.67
N PHE A 171 15.58 -8.20 42.81
CA PHE A 171 16.29 -8.96 41.81
C PHE A 171 17.77 -8.94 42.18
N THR A 172 18.39 -10.12 42.14
CA THR A 172 19.83 -10.21 42.32
C THR A 172 20.32 -10.38 40.86
N LYS A 173 21.09 -9.41 40.39
CA LYS A 173 21.55 -9.36 39.03
C LYS A 173 23.04 -9.62 38.93
N LYS A 174 23.46 -10.36 37.91
CA LYS A 174 24.87 -10.62 37.67
C LYS A 174 25.18 -9.95 36.34
N THR A 175 26.02 -8.91 36.34
CA THR A 175 26.31 -8.13 35.14
C THR A 175 27.71 -8.39 34.60
N TYR A 176 27.81 -8.66 33.29
CA TYR A 176 29.09 -8.88 32.60
C TYR A 176 29.28 -7.73 31.61
N THR A 177 30.46 -7.11 31.60
CA THR A 177 30.71 -5.98 30.72
C THR A 177 31.70 -6.27 29.58
N ASP A 178 32.27 -7.48 29.53
CA ASP A 178 33.13 -7.87 28.41
C ASP A 178 32.27 -8.76 27.49
N VAL A 179 31.58 -8.16 26.52
CA VAL A 179 30.70 -8.87 25.59
C VAL A 179 31.20 -8.55 24.20
N ARG A 180 31.75 -9.56 23.51
CA ARG A 180 32.40 -9.35 22.23
C ARG A 180 31.57 -9.73 21.03
N LEU A 181 31.67 -8.94 19.95
CA LEU A 181 30.97 -9.17 18.70
C LEU A 181 31.56 -10.40 18.03
N VAL A 182 30.71 -11.38 17.72
CA VAL A 182 31.13 -12.65 17.12
C VAL A 182 30.71 -12.74 15.66
N GLY A 183 29.47 -12.36 15.38
CA GLY A 183 28.93 -12.45 14.04
C GLY A 183 27.73 -11.60 13.80
N ALA A 184 27.55 -11.19 12.56
CA ALA A 184 26.40 -10.39 12.17
C ALA A 184 26.18 -10.57 10.68
N PRO A 185 24.92 -10.73 10.25
CA PRO A 185 24.67 -10.79 8.80
C PRO A 185 24.84 -9.40 8.19
N PRO A 186 24.93 -9.28 6.85
CA PRO A 186 24.94 -7.94 6.24
C PRO A 186 23.65 -7.20 6.57
N SER A 187 23.66 -5.86 6.51
CA SER A 187 22.43 -5.10 6.79
C SER A 187 21.29 -5.45 5.80
N SER A 188 21.62 -6.00 4.63
CA SER A 188 20.62 -6.42 3.65
C SER A 188 19.74 -7.57 4.20
N ILE A 189 20.26 -8.36 5.15
CA ILE A 189 19.52 -9.43 5.80
C ILE A 189 19.01 -8.94 7.17
N GLY A 190 19.92 -8.39 7.99
CA GLY A 190 19.63 -7.88 9.32
C GLY A 190 18.57 -6.80 9.40
N LYS A 191 18.45 -5.98 8.36
CA LYS A 191 17.42 -4.96 8.27
C LYS A 191 16.82 -4.86 6.87
N PHE A 192 16.51 -6.02 6.28
CA PHE A 192 15.90 -6.10 4.95
C PHE A 192 14.75 -5.11 4.67
N GLY A 193 13.71 -5.10 5.51
CA GLY A 193 12.59 -4.18 5.25
C GLY A 193 12.90 -2.71 5.47
N ALA A 194 13.97 -2.44 6.23
CA ALA A 194 14.43 -1.11 6.61
C ALA A 194 13.23 -0.26 7.22
N ASP A 195 12.82 0.93 6.72
CA ASP A 195 11.69 1.67 7.32
C ASP A 195 10.35 1.27 6.73
N THR A 196 10.32 0.81 5.46
CA THR A 196 9.08 0.41 4.79
C THR A 196 8.39 -0.75 5.50
N ASP A 197 9.16 -1.76 5.93
CA ASP A 197 8.59 -2.92 6.60
C ASP A 197 8.59 -2.82 8.14
N ASN A 198 8.88 -1.63 8.72
CA ASN A 198 8.83 -1.45 10.17
C ASN A 198 7.40 -1.61 10.68
N TRP A 199 7.19 -2.40 11.74
CA TRP A 199 5.85 -2.70 12.28
C TRP A 199 5.00 -3.51 11.26
N ILE A 200 5.61 -4.13 10.24
CA ILE A 200 4.85 -4.84 9.21
C ILE A 200 4.97 -6.35 9.27
N TRP A 201 3.83 -7.00 9.17
CA TRP A 201 3.72 -8.43 8.95
C TRP A 201 2.87 -8.55 7.67
N PRO A 202 3.23 -9.38 6.65
CA PRO A 202 4.39 -10.29 6.56
C PRO A 202 5.74 -9.57 6.62
N ARG A 203 6.75 -10.24 7.21
CA ARG A 203 8.08 -9.65 7.37
C ARG A 203 9.13 -10.65 6.89
N HIS A 204 10.19 -10.17 6.22
CA HIS A 204 11.21 -11.04 5.64
C HIS A 204 12.64 -10.66 6.09
N THR A 205 12.75 -10.15 7.31
CA THR A 205 13.99 -9.65 7.87
C THR A 205 14.69 -10.67 8.77
N GLY A 206 15.97 -10.94 8.48
CA GLY A 206 16.79 -11.83 9.31
C GLY A 206 17.48 -11.04 10.40
N ASP A 207 16.65 -10.46 11.30
CA ASP A 207 17.08 -9.58 12.39
C ASP A 207 17.77 -10.29 13.53
N PHE A 208 19.07 -10.60 13.34
CA PHE A 208 19.88 -11.24 14.38
C PHE A 208 21.35 -10.75 14.34
N SER A 209 22.05 -10.89 15.45
CA SER A 209 23.48 -10.65 15.63
C SER A 209 23.97 -11.57 16.76
N ILE A 210 25.27 -11.86 16.78
CA ILE A 210 25.87 -12.83 17.68
C ILE A 210 27.01 -12.20 18.48
N PHE A 211 26.97 -12.40 19.78
CA PHE A 211 27.96 -11.89 20.71
C PHE A 211 28.48 -13.03 21.61
N ARG A 212 29.44 -12.75 22.48
CA ARG A 212 29.97 -13.75 23.40
C ARG A 212 30.33 -13.08 24.70
N ILE A 213 29.89 -13.67 25.80
CA ILE A 213 30.21 -13.15 27.12
C ILE A 213 31.58 -13.67 27.54
N TYR A 214 32.46 -12.76 27.94
CA TYR A 214 33.79 -13.08 28.47
C TYR A 214 33.81 -12.77 29.96
N ALA A 215 34.60 -13.52 30.71
CA ALA A 215 34.69 -13.40 32.17
C ALA A 215 36.11 -13.77 32.66
N ASP A 216 36.42 -13.62 33.98
CA ASP A 216 37.73 -14.05 34.49
C ASP A 216 37.83 -15.59 34.48
N LYS A 217 38.94 -16.16 35.00
CA LYS A 217 39.17 -17.60 35.03
C LYS A 217 38.10 -18.40 35.77
N ASN A 218 37.38 -17.77 36.71
CA ASN A 218 36.33 -18.47 37.47
C ASN A 218 34.91 -18.17 37.01
N GLY A 219 34.76 -17.60 35.82
CA GLY A 219 33.43 -17.25 35.32
C GLY A 219 32.80 -16.03 35.98
N ASN A 220 33.60 -15.25 36.72
CA ASN A 220 33.10 -14.06 37.38
C ASN A 220 33.22 -12.84 36.48
N PRO A 221 32.27 -11.91 36.58
CA PRO A 221 32.33 -10.70 35.75
C PRO A 221 33.63 -9.92 35.90
N ALA A 222 34.10 -9.38 34.78
CA ALA A 222 35.31 -8.60 34.75
C ALA A 222 35.25 -7.63 33.57
N PRO A 223 35.73 -6.39 33.74
CA PRO A 223 35.78 -5.47 32.59
C PRO A 223 36.71 -6.01 31.50
N TYR A 224 36.69 -5.43 30.28
CA TYR A 224 37.54 -5.93 29.20
C TYR A 224 39.02 -6.13 29.60
N SER A 225 39.53 -7.33 29.34
CA SER A 225 40.92 -7.69 29.57
C SER A 225 41.33 -8.75 28.54
N GLU A 226 42.56 -8.65 28.02
CA GLU A 226 43.09 -9.62 27.05
C GLU A 226 43.18 -11.03 27.66
N ASP A 227 43.26 -11.13 29.00
CA ASP A 227 43.32 -12.40 29.73
C ASP A 227 41.92 -13.02 29.99
N ASN A 228 40.83 -12.35 29.58
CA ASN A 228 39.48 -12.88 29.79
C ASN A 228 39.21 -14.10 28.93
N VAL A 229 38.43 -15.02 29.48
CA VAL A 229 38.09 -16.30 28.88
C VAL A 229 36.56 -16.40 28.69
N PRO A 230 36.05 -17.06 27.63
CA PRO A 230 34.60 -17.18 27.47
C PRO A 230 33.90 -17.74 28.72
N LEU A 231 32.71 -17.21 29.01
CA LEU A 231 31.96 -17.64 30.18
C LEU A 231 31.36 -19.04 29.95
N LYS A 232 31.45 -19.91 30.95
CA LYS A 232 30.80 -21.22 30.94
C LYS A 232 29.54 -20.96 31.74
N PRO A 233 28.35 -20.90 31.09
CA PRO A 233 27.14 -20.52 31.83
C PRO A 233 26.47 -21.63 32.63
N LYS A 234 25.55 -21.26 33.53
CA LYS A 234 24.76 -22.21 34.33
C LYS A 234 23.89 -23.05 33.37
N ARG A 235 23.33 -22.40 32.35
CA ARG A 235 22.39 -22.99 31.40
C ARG A 235 22.44 -22.25 30.05
N PHE A 236 22.14 -22.96 28.96
CA PHE A 236 22.07 -22.38 27.62
C PHE A 236 20.93 -23.05 26.84
N PHE A 237 20.44 -22.39 25.80
CA PHE A 237 19.36 -22.93 24.98
C PHE A 237 19.84 -23.96 23.97
N ASN A 238 19.08 -25.03 23.82
CA ASN A 238 19.33 -25.98 22.75
C ASN A 238 18.63 -25.40 21.51
N ILE A 239 19.22 -25.56 20.32
CA ILE A 239 18.62 -25.03 19.09
C ILE A 239 17.76 -26.11 18.46
N SER A 240 16.48 -25.81 18.16
CA SER A 240 15.63 -26.79 17.48
C SER A 240 15.67 -26.62 15.98
N LEU A 241 15.75 -27.73 15.24
CA LEU A 241 15.63 -27.69 13.79
C LEU A 241 14.27 -28.27 13.30
N GLY A 242 13.37 -28.59 14.22
CA GLY A 242 12.04 -29.12 13.92
C GLY A 242 11.08 -28.10 13.34
N GLY A 243 11.39 -26.83 13.49
CA GLY A 243 10.59 -25.74 12.96
C GLY A 243 9.26 -25.51 13.64
N VAL A 244 8.38 -24.79 12.96
CA VAL A 244 7.06 -24.47 13.47
C VAL A 244 5.99 -24.81 12.45
N GLN A 245 4.81 -25.11 12.97
CA GLN A 245 3.58 -25.35 12.21
C GLN A 245 2.50 -24.44 12.80
N GLU A 246 1.45 -24.19 12.04
CA GLU A 246 0.31 -23.39 12.48
C GLU A 246 -0.31 -24.03 13.73
N ASN A 247 -0.59 -23.21 14.75
CA ASN A 247 -1.17 -23.60 16.04
C ASN A 247 -0.16 -24.19 17.02
N ASP A 248 1.12 -24.28 16.67
CA ASP A 248 2.13 -24.78 17.60
C ASP A 248 2.25 -23.89 18.81
N TYR A 249 2.49 -24.49 19.97
CA TYR A 249 2.75 -23.75 21.18
C TYR A 249 4.09 -23.02 21.05
N ALA A 250 4.12 -21.76 21.48
CA ALA A 250 5.32 -20.94 21.50
C ALA A 250 5.33 -20.09 22.77
N MET A 251 6.51 -19.88 23.35
CA MET A 251 6.64 -19.04 24.53
C MET A 251 7.87 -18.17 24.46
N ILE A 252 7.85 -17.06 25.17
CA ILE A 252 8.95 -16.11 25.18
C ILE A 252 9.28 -15.70 26.60
N MET A 253 10.56 -15.45 26.84
CA MET A 253 11.05 -14.85 28.08
C MET A 253 11.83 -13.60 27.65
N GLY A 254 11.65 -12.51 28.37
CA GLY A 254 12.32 -11.26 28.01
C GLY A 254 12.02 -10.11 28.93
N PHE A 255 12.39 -8.90 28.51
CA PHE A 255 12.24 -7.73 29.34
C PHE A 255 11.32 -6.66 28.74
N PRO A 256 9.99 -6.88 28.70
CA PRO A 256 9.11 -5.83 28.14
C PRO A 256 9.21 -4.57 28.99
N GLY A 257 9.31 -3.44 28.31
CA GLY A 257 9.53 -2.15 28.92
C GLY A 257 8.35 -1.51 29.62
N THR A 258 7.29 -1.12 28.87
CA THR A 258 6.16 -0.45 29.47
C THR A 258 4.84 -0.86 28.85
N THR A 259 3.79 -0.95 29.67
CA THR A 259 2.42 -1.17 29.23
C THR A 259 1.54 -0.24 30.08
N HIS A 260 0.28 -0.07 29.69
CA HIS A 260 -0.69 0.74 30.42
C HIS A 260 -2.01 -0.02 30.47
N ARG A 261 -1.95 -1.27 30.96
CA ARG A 261 -3.08 -2.21 31.06
C ARG A 261 -4.15 -1.76 32.07
N TYR A 262 -3.78 -0.90 33.04
CA TYR A 262 -4.73 -0.44 34.05
C TYR A 262 -5.17 0.99 33.88
N PHE A 263 -5.10 1.51 32.64
CA PHE A 263 -5.58 2.84 32.30
C PHE A 263 -7.08 2.90 32.57
N THR A 264 -7.58 4.04 33.04
CA THR A 264 -9.03 4.23 33.16
C THR A 264 -9.54 4.54 31.73
N ALA A 265 -10.86 4.51 31.54
CA ALA A 265 -11.45 4.87 30.26
C ALA A 265 -11.11 6.34 29.93
N SER A 266 -11.04 7.23 30.93
CA SER A 266 -10.69 8.63 30.72
C SER A 266 -9.22 8.81 30.30
N GLU A 267 -8.33 7.92 30.74
CA GLU A 267 -6.93 7.94 30.32
C GLU A 267 -6.80 7.46 28.87
N VAL A 268 -7.66 6.51 28.44
CA VAL A 268 -7.68 6.06 27.05
C VAL A 268 -8.16 7.25 26.18
N ASP A 269 -9.20 7.98 26.62
CA ASP A 269 -9.72 9.14 25.86
C ASP A 269 -8.67 10.24 25.74
N GLU A 270 -7.94 10.48 26.82
CA GLU A 270 -6.88 11.48 26.84
C GLU A 270 -5.76 11.08 25.89
N TRP A 271 -5.36 9.81 25.92
CA TRP A 271 -4.30 9.26 25.05
C TRP A 271 -4.67 9.45 23.58
N LYS A 272 -5.92 9.16 23.21
CA LYS A 272 -6.39 9.32 21.85
C LYS A 272 -6.51 10.80 21.45
N SER A 273 -7.33 11.57 22.20
CA SER A 273 -7.74 12.95 21.84
C SER A 273 -6.69 14.00 22.06
N ILE A 274 -5.71 13.74 22.92
CA ILE A 274 -4.64 14.72 23.13
C ILE A 274 -3.32 14.18 22.54
N ASP A 275 -2.68 13.22 23.22
CA ASP A 275 -1.39 12.67 22.84
C ASP A 275 -1.32 12.23 21.38
N ASN A 276 -2.20 11.30 20.97
CA ASN A 276 -2.16 10.75 19.63
C ASN A 276 -2.64 11.70 18.54
N ASP A 277 -3.81 12.33 18.72
CA ASP A 277 -4.33 13.23 17.69
C ASP A 277 -3.40 14.42 17.42
N ILE A 278 -2.76 14.97 18.46
CA ILE A 278 -1.83 16.09 18.27
C ILE A 278 -0.56 15.61 17.58
N ARG A 279 0.03 14.50 18.03
CA ARG A 279 1.22 13.92 17.41
C ARG A 279 0.95 13.60 15.92
N ILE A 280 -0.21 13.00 15.62
CA ILE A 280 -0.59 12.66 14.25
C ILE A 280 -0.73 13.91 13.40
N ARG A 281 -1.50 14.89 13.88
CA ARG A 281 -1.71 16.13 13.14
C ARG A 281 -0.41 16.90 12.91
N MET A 282 0.39 17.13 13.97
CA MET A 282 1.62 17.89 13.82
C MET A 282 2.66 17.19 12.98
N ARG A 283 2.84 15.88 13.17
CA ARG A 283 3.82 15.15 12.38
C ARG A 283 3.41 15.03 10.94
N ASP A 284 2.10 14.94 10.65
CA ASP A 284 1.64 14.88 9.26
C ASP A 284 2.01 16.19 8.53
N ILE A 285 1.87 17.34 9.20
CA ILE A 285 2.24 18.62 8.62
C ILE A 285 3.76 18.69 8.39
N ARG A 286 4.54 18.34 9.41
CA ARG A 286 6.00 18.37 9.37
C ARG A 286 6.55 17.47 8.25
N GLN A 287 6.09 16.21 8.22
CA GLN A 287 6.49 15.20 7.25
C GLN A 287 6.09 15.60 5.84
N GLY A 288 4.90 16.20 5.69
CA GLY A 288 4.42 16.65 4.40
C GLY A 288 5.33 17.69 3.76
N VAL A 289 5.74 18.71 4.54
CA VAL A 289 6.64 19.74 4.02
C VAL A 289 8.01 19.11 3.71
N MET A 290 8.52 18.29 4.64
CA MET A 290 9.81 17.60 4.50
C MET A 290 9.88 16.74 3.24
N LEU A 291 8.84 15.92 3.00
CA LEU A 291 8.76 15.04 1.84
C LEU A 291 8.77 15.84 0.54
N ARG A 292 7.99 16.94 0.48
CA ARG A 292 7.95 17.82 -0.69
C ARG A 292 9.32 18.40 -1.01
N GLU A 293 10.11 18.76 0.01
CA GLU A 293 11.45 19.31 -0.21
C GLU A 293 12.45 18.23 -0.57
N MET A 294 12.30 17.02 0.00
CA MET A 294 13.21 15.92 -0.31
C MET A 294 13.00 15.42 -1.75
N LEU A 295 11.74 15.36 -2.22
CA LEU A 295 11.42 14.92 -3.58
C LEU A 295 11.85 15.93 -4.66
N ALA A 296 11.97 17.22 -4.29
CA ALA A 296 12.36 18.26 -5.24
C ALA A 296 13.86 18.47 -5.34
N ASP A 297 14.61 18.12 -4.28
CA ASP A 297 16.06 18.31 -4.28
C ASP A 297 16.74 17.06 -3.75
N PRO A 298 17.55 16.38 -4.60
CA PRO A 298 18.23 15.16 -4.13
C PRO A 298 19.18 15.37 -2.96
N GLN A 299 19.75 16.57 -2.83
CA GLN A 299 20.64 16.89 -1.71
C GLN A 299 19.81 17.04 -0.42
N ILE A 300 18.59 17.62 -0.51
CA ILE A 300 17.69 17.75 0.65
C ILE A 300 17.23 16.36 1.14
N LYS A 301 17.02 15.42 0.19
CA LYS A 301 16.63 14.05 0.52
C LYS A 301 17.75 13.38 1.34
N ILE A 302 19.01 13.60 0.97
CA ILE A 302 20.15 13.04 1.68
C ILE A 302 20.23 13.61 3.09
N MET A 303 20.09 14.94 3.22
CA MET A 303 20.18 15.61 4.52
C MET A 303 19.02 15.32 5.46
N TYR A 304 17.80 15.17 4.96
CA TYR A 304 16.62 15.01 5.80
C TYR A 304 16.03 13.62 5.87
N SER A 305 16.66 12.60 5.26
CA SER A 305 16.13 11.23 5.29
C SER A 305 16.05 10.61 6.67
N ALA A 306 17.07 10.79 7.50
CA ALA A 306 17.06 10.22 8.85
C ALA A 306 16.05 10.98 9.74
N LYS A 307 15.97 12.33 9.59
CA LYS A 307 15.04 13.14 10.37
C LYS A 307 13.58 12.79 10.02
N TYR A 308 13.30 12.56 8.73
CA TYR A 308 11.98 12.19 8.25
C TYR A 308 11.59 10.83 8.82
N ALA A 309 12.52 9.85 8.76
CA ALA A 309 12.31 8.50 9.27
C ALA A 309 12.08 8.50 10.78
N ALA A 310 12.86 9.27 11.54
CA ALA A 310 12.69 9.35 12.99
C ALA A 310 11.32 9.92 13.37
N SER A 311 10.82 10.89 12.62
CA SER A 311 9.50 11.48 12.89
C SER A 311 8.40 10.47 12.57
N GLN A 312 8.54 9.71 11.46
CA GLN A 312 7.57 8.71 11.02
C GLN A 312 7.40 7.55 11.99
N ASN A 313 8.45 7.18 12.74
CA ASN A 313 8.35 6.04 13.66
C ASN A 313 7.22 6.18 14.72
N ALA A 314 7.20 7.26 15.56
CA ALA A 314 6.12 7.42 16.54
C ALA A 314 4.81 7.88 15.90
N TYR A 315 4.89 8.50 14.70
CA TYR A 315 3.72 8.88 13.92
C TYR A 315 2.94 7.59 13.55
N LYS A 316 3.62 6.57 13.00
CA LYS A 316 2.99 5.28 12.64
C LYS A 316 2.44 4.56 13.87
N ARG A 317 3.16 4.66 14.99
CA ARG A 317 2.73 4.03 16.23
C ARG A 317 1.43 4.68 16.73
N ALA A 318 1.34 6.01 16.67
CA ALA A 318 0.14 6.76 17.07
C ALA A 318 -1.05 6.42 16.18
N ILE A 319 -0.82 6.23 14.85
CA ILE A 319 -1.85 5.82 13.89
C ILE A 319 -2.37 4.43 14.28
N GLY A 320 -1.45 3.49 14.52
CA GLY A 320 -1.81 2.12 14.89
C GLY A 320 -2.57 2.08 16.21
N ALA A 321 -2.19 2.95 17.16
CA ALA A 321 -2.83 3.00 18.48
C ALA A 321 -4.23 3.56 18.34
N ASN A 322 -4.40 4.62 17.56
CA ASN A 322 -5.72 5.22 17.35
C ASN A 322 -6.66 4.28 16.58
N TRP A 323 -6.11 3.44 15.68
CA TRP A 323 -6.93 2.45 14.97
C TRP A 323 -7.50 1.46 16.00
N ALA A 324 -6.71 1.04 16.99
CA ALA A 324 -7.20 0.11 18.01
C ALA A 324 -8.26 0.75 18.90
N ILE A 325 -8.05 2.00 19.30
CA ILE A 325 -9.00 2.71 20.15
C ILE A 325 -10.34 2.85 19.42
N LYS A 326 -10.30 3.14 18.13
CA LYS A 326 -11.50 3.32 17.33
C LYS A 326 -12.22 2.01 17.01
N THR A 327 -11.48 0.94 16.67
CA THR A 327 -12.09 -0.29 16.19
C THR A 327 -12.15 -1.46 17.17
N ARG A 328 -11.31 -1.48 18.21
CA ARG A 328 -11.26 -2.62 19.12
C ARG A 328 -11.89 -2.39 20.50
N GLY A 329 -12.61 -1.28 20.64
CA GLY A 329 -13.31 -0.92 21.87
C GLY A 329 -12.45 -0.84 23.11
N LEU A 330 -11.26 -0.22 23.01
CA LEU A 330 -10.35 -0.13 24.16
C LEU A 330 -10.94 0.69 25.29
N ARG A 331 -11.56 1.83 24.97
CA ARG A 331 -12.15 2.69 25.98
C ARG A 331 -13.27 1.97 26.72
N GLN A 332 -14.14 1.30 25.97
CA GLN A 332 -15.28 0.55 26.49
C GLN A 332 -14.84 -0.59 27.40
N ASN A 333 -13.74 -1.29 27.05
CA ASN A 333 -13.27 -2.39 27.89
C ASN A 333 -12.68 -1.90 29.21
N LYS A 334 -12.04 -0.71 29.22
CA LYS A 334 -11.53 -0.15 30.48
C LYS A 334 -12.70 0.31 31.35
N GLN A 335 -13.74 0.87 30.71
CA GLN A 335 -14.95 1.33 31.37
C GLN A 335 -15.64 0.15 32.05
N ALA A 336 -15.76 -0.99 31.35
CA ALA A 336 -16.39 -2.18 31.90
C ALA A 336 -15.59 -2.74 33.10
N MET A 337 -14.25 -2.70 32.99
CA MET A 337 -13.35 -3.18 34.05
C MET A 337 -13.53 -2.33 35.32
N GLN A 338 -13.56 -1.00 35.18
CA GLN A 338 -13.72 -0.13 36.35
C GLN A 338 -15.14 -0.19 36.91
N ASP A 339 -16.16 -0.38 36.06
CA ASP A 339 -17.54 -0.50 36.53
C ASP A 339 -17.76 -1.78 37.34
N ARG A 340 -17.08 -2.86 36.95
CA ARG A 340 -17.15 -4.15 37.63
C ARG A 340 -16.50 -4.02 39.03
N LEU A 341 -15.39 -3.30 39.13
CA LEU A 341 -14.75 -3.08 40.43
C LEU A 341 -15.61 -2.19 41.34
N ILE A 342 -16.22 -1.15 40.77
CA ILE A 342 -17.07 -0.23 41.53
C ILE A 342 -18.30 -0.97 42.08
N ALA A 343 -18.89 -1.87 41.29
CA ALA A 343 -20.05 -2.65 41.71
C ALA A 343 -19.67 -3.62 42.83
N TRP A 344 -18.49 -4.24 42.71
CA TRP A 344 -17.99 -5.19 43.70
C TRP A 344 -17.63 -4.48 45.01
N GLY A 345 -17.07 -3.28 44.91
CA GLY A 345 -16.71 -2.46 46.05
C GLY A 345 -17.94 -1.99 46.81
N ALA A 346 -19.04 -1.73 46.09
CA ALA A 346 -20.31 -1.32 46.70
C ALA A 346 -20.90 -2.49 47.53
N LYS A 347 -20.72 -3.74 47.06
CA LYS A 347 -21.18 -4.93 47.76
C LYS A 347 -20.27 -5.29 48.95
N GLN A 348 -18.97 -5.03 48.82
CA GLN A 348 -18.03 -5.26 49.92
C GLN A 348 -18.13 -4.19 51.03
N GLY A 349 -18.85 -3.08 50.77
CA GLY A 349 -18.95 -1.98 51.71
C GLY A 349 -17.69 -1.12 51.76
N THR A 350 -16.85 -1.18 50.69
CA THR A 350 -15.61 -0.42 50.61
C THR A 350 -15.66 0.58 49.45
N PRO A 351 -15.98 1.85 49.73
CA PRO A 351 -16.10 2.83 48.64
C PRO A 351 -14.78 3.40 48.11
N ARG A 352 -13.63 2.99 48.67
CA ARG A 352 -12.34 3.56 48.24
C ARG A 352 -11.93 3.26 46.78
N TYR A 353 -12.48 2.20 46.17
CA TYR A 353 -12.14 1.87 44.78
C TYR A 353 -12.82 2.84 43.82
N GLU A 354 -14.09 3.15 44.09
CA GLU A 354 -14.84 4.10 43.29
C GLU A 354 -14.25 5.52 43.48
N GLU A 355 -13.82 5.85 44.70
CA GLU A 355 -13.19 7.13 45.01
C GLU A 355 -11.86 7.26 44.25
N ALA A 356 -11.10 6.16 44.13
CA ALA A 356 -9.85 6.14 43.40
C ALA A 356 -10.06 6.39 41.89
N VAL A 357 -11.04 5.71 41.27
CA VAL A 357 -11.35 5.92 39.86
C VAL A 357 -11.82 7.37 39.63
N HIS A 358 -12.65 7.89 40.56
CA HIS A 358 -13.12 9.28 40.53
C HIS A 358 -11.93 10.26 40.57
N GLU A 359 -10.92 10.03 41.44
CA GLU A 359 -9.75 10.88 41.53
C GLU A 359 -8.98 10.91 40.21
N ILE A 360 -8.83 9.74 39.55
CA ILE A 360 -8.15 9.67 38.28
C ILE A 360 -8.93 10.47 37.22
N ASP A 361 -10.25 10.23 37.12
CA ASP A 361 -11.09 10.94 36.16
C ASP A 361 -11.03 12.45 36.36
N ALA A 362 -11.15 12.91 37.62
CA ALA A 362 -11.12 14.34 37.93
C ALA A 362 -9.77 14.95 37.60
N THR A 363 -8.68 14.21 37.86
CA THR A 363 -7.33 14.71 37.58
C THR A 363 -7.11 14.81 36.08
N VAL A 364 -7.56 13.80 35.33
CA VAL A 364 -7.42 13.81 33.87
C VAL A 364 -8.21 14.99 33.28
N ALA A 365 -9.46 15.18 33.74
CA ALA A 365 -10.30 16.28 33.26
C ALA A 365 -9.70 17.64 33.62
N LYS A 366 -9.14 17.78 34.83
CA LYS A 366 -8.55 19.05 35.25
C LYS A 366 -7.31 19.45 34.45
N ARG A 367 -6.43 18.49 34.12
CA ARG A 367 -5.20 18.81 33.38
C ARG A 367 -5.35 18.90 31.86
N ALA A 368 -6.56 18.67 31.31
CA ALA A 368 -6.80 18.63 29.86
C ALA A 368 -6.25 19.80 29.04
N ASP A 369 -6.53 21.05 29.43
CA ASP A 369 -6.05 22.21 28.67
C ASP A 369 -4.53 22.34 28.71
N LEU A 370 -3.95 22.17 29.90
CA LEU A 370 -2.50 22.23 30.06
C LEU A 370 -1.79 21.14 29.25
N ARG A 371 -2.32 19.90 29.30
CA ARG A 371 -1.76 18.77 28.55
C ARG A 371 -1.86 19.01 27.04
N ARG A 372 -2.98 19.58 26.58
CA ARG A 372 -3.17 19.92 25.17
C ARG A 372 -2.12 20.98 24.76
N ARG A 373 -1.91 21.98 25.60
CA ARG A 373 -0.89 23.02 25.33
C ARG A 373 0.53 22.45 25.32
N TYR A 374 0.81 21.48 26.19
CA TYR A 374 2.12 20.83 26.28
C TYR A 374 2.42 20.01 25.02
N TRP A 375 1.48 19.19 24.59
CA TRP A 375 1.63 18.38 23.39
C TRP A 375 1.69 19.25 22.14
N MET A 376 0.91 20.33 22.11
CA MET A 376 0.92 21.25 20.97
C MET A 376 2.31 21.90 20.81
N ILE A 377 2.92 22.34 21.91
CA ILE A 377 4.24 22.98 21.83
C ILE A 377 5.35 21.94 21.60
N GLU A 378 5.25 20.76 22.22
CA GLU A 378 6.27 19.73 22.06
C GLU A 378 6.29 19.18 20.61
N GLU A 379 5.14 18.77 20.09
CA GLU A 379 5.06 18.26 18.72
C GLU A 379 5.21 19.36 17.67
N GLY A 380 4.60 20.50 17.94
CA GLY A 380 4.59 21.59 16.99
C GLY A 380 5.86 22.38 16.88
N ILE A 381 6.52 22.63 18.01
CA ILE A 381 7.71 23.49 18.01
C ILE A 381 8.98 22.79 18.49
N ILE A 382 8.97 22.21 19.72
CA ILE A 382 10.16 21.58 20.30
C ILE A 382 10.75 20.52 19.36
N ARG A 383 9.90 19.65 18.83
CA ARG A 383 10.32 18.62 17.89
C ARG A 383 10.13 19.08 16.45
N GLY A 384 9.08 19.84 16.20
CA GLY A 384 8.69 20.23 14.86
C GLY A 384 9.55 21.24 14.14
N ILE A 385 10.15 22.18 14.88
CA ILE A 385 10.95 23.24 14.26
C ILE A 385 12.40 23.16 14.69
N GLU A 386 13.32 22.95 13.74
CA GLU A 386 14.74 22.83 14.06
C GLU A 386 15.34 24.05 14.74
N PHE A 387 14.95 25.28 14.32
CA PHE A 387 15.51 26.49 14.94
C PHE A 387 15.01 26.72 16.37
N ALA A 388 14.11 25.86 16.89
CA ALA A 388 13.73 25.92 18.30
C ALA A 388 14.92 25.44 19.14
N ARG A 389 15.75 24.51 18.61
CA ARG A 389 16.94 24.03 19.30
C ARG A 389 18.20 24.74 18.82
N SER A 390 18.08 26.02 18.45
CA SER A 390 19.22 26.82 18.04
C SER A 390 19.94 27.31 19.33
N PRO A 391 21.20 27.81 19.25
CA PRO A 391 21.91 28.19 20.48
C PRO A 391 21.27 29.29 21.31
N ILE A 392 21.26 29.08 22.63
CA ILE A 392 20.80 30.07 23.58
C ILE A 392 21.98 30.38 24.50
N PRO A 393 22.45 31.63 24.51
CA PRO A 393 23.60 31.97 25.37
C PRO A 393 23.31 31.71 26.84
N THR A 394 24.19 30.96 27.51
CA THR A 394 24.03 30.61 28.92
C THR A 394 24.22 31.84 29.86
N GLU A 395 23.94 31.68 31.19
CA GLU A 395 24.12 32.76 32.15
C GLU A 395 25.61 33.13 32.28
N ASP A 396 26.48 32.10 32.28
CA ASP A 396 27.93 32.28 32.37
C ASP A 396 28.49 32.84 31.08
N GLU A 397 27.92 32.46 29.91
CA GLU A 397 28.36 32.97 28.61
C GLU A 397 28.00 34.44 28.44
N THR A 398 26.81 34.84 28.93
CA THR A 398 26.38 36.23 28.87
C THR A 398 27.23 37.08 29.82
N LYS A 399 27.53 36.54 31.03
CA LYS A 399 28.36 37.22 32.02
C LYS A 399 29.81 37.36 31.53
N ALA A 400 30.31 36.38 30.78
CA ALA A 400 31.67 36.43 30.26
C ALA A 400 31.79 37.49 29.18
N LEU A 401 30.75 37.63 28.33
CA LEU A 401 30.74 38.63 27.26
C LEU A 401 30.51 40.07 27.76
N GLN A 402 30.01 40.24 28.99
CA GLN A 402 29.74 41.56 29.54
C GLN A 402 30.88 42.05 30.43
N ASP A 405 34.91 41.63 30.42
CA ASP A 405 36.18 42.36 30.37
C ASP A 405 37.37 41.45 30.77
N ALA A 406 37.58 40.36 30.02
CA ALA A 406 38.65 39.38 30.22
C ALA A 406 38.86 38.52 28.95
N SER A 407 39.96 37.73 28.86
CA SER A 407 40.18 36.84 27.71
C SER A 407 39.15 35.70 27.60
N ALA A 408 38.20 35.60 28.56
CA ALA A 408 37.15 34.59 28.58
C ALA A 408 36.01 34.88 27.57
N ARG A 409 36.05 36.05 26.89
CA ARG A 409 35.09 36.46 25.85
C ARG A 409 35.29 35.56 24.63
N LYS A 410 36.55 35.29 24.25
CA LYS A 410 36.87 34.42 23.13
C LYS A 410 36.46 32.96 23.41
N GLU A 411 36.45 32.55 24.68
CA GLU A 411 36.02 31.23 25.12
C GLU A 411 34.50 31.10 24.98
N ALA A 412 33.76 32.18 25.33
CA ALA A 412 32.31 32.23 25.22
C ALA A 412 31.88 32.18 23.75
N ILE A 413 32.62 32.86 22.88
CA ILE A 413 32.33 32.84 21.44
C ILE A 413 32.64 31.47 20.86
N ASP A 414 33.69 30.80 21.33
CA ASP A 414 34.04 29.46 20.83
C ASP A 414 33.01 28.41 21.27
N LYS A 415 32.43 28.59 22.47
CA LYS A 415 31.41 27.67 22.97
C LYS A 415 30.10 27.87 22.21
N ILE A 416 29.75 29.14 21.92
CA ILE A 416 28.55 29.47 21.15
C ILE A 416 28.70 29.01 19.71
N ARG A 417 29.90 29.13 19.13
CA ARG A 417 30.23 28.70 17.78
C ARG A 417 30.08 27.19 17.64
N THR A 418 30.52 26.44 18.66
CA THR A 418 30.42 24.98 18.65
C THR A 418 28.95 24.54 18.58
N ARG A 419 28.08 25.18 19.37
CA ARG A 419 26.65 24.88 19.37
C ARG A 419 25.98 25.35 18.08
N TYR A 420 26.46 26.45 17.48
CA TYR A 420 25.90 26.92 16.21
C TYR A 420 26.25 25.90 15.11
N SER A 421 27.49 25.41 15.10
CA SER A 421 27.97 24.43 14.13
C SER A 421 27.24 23.09 14.25
N LYS A 422 26.78 22.73 15.45
CA LYS A 422 26.02 21.51 15.68
C LYS A 422 24.58 21.69 15.19
N PHE A 423 24.00 22.89 15.38
CA PHE A 423 22.64 23.20 14.94
C PHE A 423 22.60 23.29 13.41
N ALA A 424 23.45 24.14 12.83
CA ALA A 424 23.53 24.33 11.40
C ALA A 424 24.59 23.39 10.84
N ASN A 425 24.40 22.08 11.04
CA ASN A 425 25.36 21.09 10.56
C ASN A 425 25.19 20.76 9.05
N LYS A 426 25.92 19.75 8.52
CA LYS A 426 25.86 19.37 7.12
C LYS A 426 24.46 18.92 6.66
N ASP A 427 23.60 18.50 7.60
CA ASP A 427 22.25 18.05 7.31
C ASP A 427 21.17 19.12 7.54
N TYR A 428 21.56 20.34 7.95
CA TYR A 428 20.59 21.39 8.22
C TYR A 428 20.38 22.32 7.03
N SER A 429 19.12 22.52 6.66
CA SER A 429 18.78 23.45 5.59
C SER A 429 17.89 24.54 6.19
N ALA A 430 18.36 25.79 6.18
CA ALA A 430 17.60 26.92 6.69
C ALA A 430 16.34 27.16 5.86
N GLU A 431 16.40 26.90 4.54
CA GLU A 431 15.23 27.08 3.67
C GLU A 431 14.17 26.03 3.98
N VAL A 432 14.59 24.78 4.19
CA VAL A 432 13.67 23.70 4.54
C VAL A 432 13.07 23.99 5.92
N ASP A 433 13.91 24.40 6.88
CA ASP A 433 13.46 24.75 8.21
C ASP A 433 12.47 25.90 8.24
N LYS A 434 12.68 26.94 7.42
CA LYS A 434 11.75 28.06 7.35
C LYS A 434 10.39 27.59 6.83
N LYS A 435 10.38 26.72 5.83
CA LYS A 435 9.14 26.20 5.25
C LYS A 435 8.40 25.33 6.25
N VAL A 436 9.13 24.48 6.98
CA VAL A 436 8.52 23.63 8.00
C VAL A 436 7.93 24.52 9.11
N ALA A 437 8.70 25.51 9.57
CA ALA A 437 8.27 26.42 10.63
C ALA A 437 7.04 27.21 10.24
N VAL A 438 6.94 27.65 8.98
CA VAL A 438 5.77 28.41 8.53
C VAL A 438 4.51 27.53 8.63
N ALA A 439 4.58 26.27 8.17
CA ALA A 439 3.43 25.37 8.25
C ALA A 439 3.10 24.94 9.71
N MET A 440 4.13 24.63 10.51
CA MET A 440 3.94 24.23 11.91
C MET A 440 3.39 25.38 12.76
N LEU A 441 3.95 26.59 12.61
CA LEU A 441 3.50 27.73 13.39
C LEU A 441 2.10 28.16 13.00
N THR A 442 1.74 28.04 11.71
CA THR A 442 0.38 28.37 11.25
C THR A 442 -0.66 27.49 11.99
N GLU A 443 -0.39 26.18 12.10
CA GLU A 443 -1.25 25.26 12.83
C GLU A 443 -1.25 25.56 14.32
N TYR A 444 -0.07 25.84 14.89
CA TYR A 444 0.10 26.14 16.32
C TYR A 444 -0.68 27.39 16.73
N LEU A 445 -0.55 28.46 15.96
CA LEU A 445 -1.24 29.74 16.20
C LEU A 445 -2.76 29.65 16.04
N LYS A 446 -3.24 28.69 15.21
CA LYS A 446 -4.66 28.41 15.06
C LYS A 446 -5.19 27.68 16.33
N GLU A 447 -4.36 26.84 16.97
CA GLU A 447 -4.79 26.06 18.12
C GLU A 447 -4.57 26.69 19.48
N ILE A 448 -3.55 27.54 19.59
CA ILE A 448 -3.19 28.15 20.87
C ILE A 448 -3.56 29.62 20.87
N PRO A 449 -4.44 30.04 21.78
CA PRO A 449 -4.83 31.46 21.81
C PRO A 449 -3.69 32.38 22.23
N TYR A 450 -3.76 33.66 21.82
CA TYR A 450 -2.77 34.69 22.10
C TYR A 450 -2.26 34.70 23.55
N GLU A 451 -3.18 34.64 24.54
CA GLU A 451 -2.81 34.66 25.95
C GLU A 451 -2.03 33.42 26.42
N ASN A 452 -2.13 32.32 25.68
CA ASN A 452 -1.39 31.09 26.03
C ASN A 452 -0.11 30.89 25.17
N LEU A 453 0.20 31.83 24.27
CA LEU A 453 1.35 31.71 23.38
C LEU A 453 2.65 31.98 24.10
N PRO A 454 3.76 31.35 23.67
CA PRO A 454 5.09 31.78 24.14
C PRO A 454 5.27 33.25 23.72
N LEU A 455 5.79 34.09 24.64
CA LEU A 455 5.92 35.54 24.45
C LEU A 455 6.37 36.00 23.06
N HIS A 456 7.43 35.42 22.49
CA HIS A 456 7.92 35.84 21.18
C HIS A 456 6.93 35.61 20.05
N LEU A 457 6.08 34.57 20.18
CA LEU A 457 5.08 34.28 19.16
C LEU A 457 3.93 35.28 19.11
N ARG A 458 3.78 36.11 20.15
CA ARG A 458 2.79 37.20 20.16
C ARG A 458 3.11 38.24 19.06
N LEU A 459 4.38 38.34 18.63
CA LEU A 459 4.83 39.24 17.57
C LEU A 459 4.19 38.92 16.22
N VAL A 460 3.69 37.70 16.00
CA VAL A 460 3.04 37.36 14.73
C VAL A 460 1.82 38.25 14.51
N LYS A 461 1.02 38.42 15.56
CA LYS A 461 -0.16 39.29 15.51
C LYS A 461 0.18 40.76 15.76
N ASP A 462 0.99 41.06 16.78
CA ASP A 462 1.30 42.44 17.16
C ASP A 462 2.25 43.21 16.26
N ARG A 463 3.21 42.52 15.63
CA ARG A 463 4.21 43.19 14.81
C ARG A 463 4.12 42.86 13.33
N PHE A 464 3.74 41.62 12.98
CA PHE A 464 3.72 41.20 11.57
C PHE A 464 2.31 41.07 10.95
N ALA A 465 1.27 41.63 11.59
CA ALA A 465 -0.11 41.59 11.09
C ALA A 465 -0.62 40.19 10.70
N GLY A 466 -0.21 39.18 11.46
CA GLY A 466 -0.62 37.80 11.21
C GLY A 466 0.17 37.05 10.15
N ASP A 467 1.20 37.69 9.58
CA ASP A 467 2.02 37.06 8.53
C ASP A 467 3.10 36.19 9.16
N VAL A 468 2.85 34.87 9.20
CA VAL A 468 3.77 33.89 9.77
C VAL A 468 5.05 33.82 8.92
N GLN A 469 4.91 33.88 7.59
CA GLN A 469 6.04 33.85 6.68
C GLN A 469 7.03 35.01 6.96
N ALA A 470 6.50 36.23 7.14
CA ALA A 470 7.32 37.42 7.42
C ALA A 470 8.02 37.32 8.76
N TYR A 471 7.33 36.78 9.76
CA TYR A 471 7.88 36.60 11.10
C TYR A 471 9.07 35.63 11.04
N VAL A 472 8.93 34.52 10.29
CA VAL A 472 9.98 33.53 10.15
C VAL A 472 11.15 34.09 9.31
N ASP A 473 10.83 34.83 8.23
CA ASP A 473 11.85 35.46 7.38
C ASP A 473 12.68 36.44 8.19
N ASP A 474 12.03 37.24 9.03
CA ASP A 474 12.69 38.24 9.87
C ASP A 474 13.66 37.58 10.88
N ILE A 475 13.26 36.42 11.44
CA ILE A 475 14.08 35.65 12.39
C ILE A 475 15.42 35.30 11.75
N PHE A 476 15.42 34.77 10.53
CA PHE A 476 16.64 34.40 9.84
C PHE A 476 17.42 35.58 9.26
N ALA A 477 16.72 36.61 8.77
CA ALA A 477 17.38 37.77 8.18
C ALA A 477 18.12 38.61 9.21
N ARG A 478 17.59 38.67 10.44
CA ARG A 478 18.18 39.47 11.50
C ARG A 478 18.95 38.70 12.55
N SER A 479 18.82 37.36 12.57
CA SER A 479 19.52 36.58 13.58
C SER A 479 20.98 36.32 13.30
N VAL A 480 21.76 36.33 14.38
CA VAL A 480 23.16 35.97 14.43
C VAL A 480 23.33 34.48 13.97
N PHE A 481 22.31 33.63 14.15
CA PHE A 481 22.37 32.23 13.74
C PHE A 481 21.59 31.93 12.44
N GLY A 482 21.22 32.98 11.70
CA GLY A 482 20.48 32.85 10.44
C GLY A 482 21.31 32.35 9.28
N SER A 483 22.62 32.57 9.34
CA SER A 483 23.57 32.14 8.30
C SER A 483 25.01 32.17 8.87
N GLU A 484 25.96 31.53 8.19
CA GLU A 484 27.33 31.50 8.62
C GLU A 484 27.95 32.90 8.61
N ALA A 485 27.66 33.69 7.58
CA ALA A 485 28.17 35.06 7.44
C ALA A 485 27.64 35.99 8.54
N GLN A 486 26.40 35.75 8.98
CA GLN A 486 25.79 36.54 10.06
C GLN A 486 26.40 36.17 11.41
N PHE A 487 26.73 34.87 11.62
CA PHE A 487 27.37 34.45 12.87
C PHE A 487 28.78 34.98 12.94
N ASP A 488 29.53 34.92 11.83
CA ASP A 488 30.90 35.41 11.80
C ASP A 488 30.99 36.91 12.02
N ALA A 489 29.99 37.67 11.53
CA ALA A 489 29.96 39.12 11.75
C ALA A 489 29.73 39.41 13.24
N PHE A 490 28.92 38.59 13.91
CA PHE A 490 28.68 38.71 15.34
C PHE A 490 29.94 38.31 16.11
N ALA A 491 30.59 37.21 15.74
CA ALA A 491 31.78 36.71 16.42
C ALA A 491 32.95 37.69 16.36
N ALA A 492 33.02 38.52 15.31
CA ALA A 492 34.08 39.52 15.18
C ALA A 492 33.83 40.70 16.13
N VAL A 493 32.55 41.10 16.31
CA VAL A 493 32.18 42.22 17.20
C VAL A 493 31.03 41.77 18.10
N PRO A 494 31.28 40.88 19.08
CA PRO A 494 30.18 40.39 19.92
C PRO A 494 29.78 41.29 21.07
N SER A 495 28.47 41.42 21.27
CA SER A 495 27.92 42.18 22.36
C SER A 495 26.72 41.45 22.95
N VAL A 496 26.55 41.56 24.27
CA VAL A 496 25.43 40.96 25.00
C VAL A 496 24.09 41.51 24.49
N GLU A 497 24.06 42.80 24.12
CA GLU A 497 22.90 43.52 23.64
C GLU A 497 22.36 42.91 22.34
N LYS A 498 23.28 42.42 21.48
CA LYS A 498 22.92 41.79 20.22
C LYS A 498 22.23 40.45 20.48
N LEU A 499 22.74 39.67 21.45
CA LEU A 499 22.19 38.38 21.80
C LEU A 499 20.85 38.50 22.53
N ALA A 500 20.73 39.46 23.44
CA ALA A 500 19.51 39.67 24.23
C ALA A 500 18.31 40.08 23.37
N GLU A 501 18.56 40.71 22.21
CA GLU A 501 17.48 41.11 21.31
C GLU A 501 17.44 40.29 20.00
N ASP A 502 18.24 39.21 19.90
CA ASP A 502 18.27 38.38 18.71
C ASP A 502 16.93 37.66 18.52
N PRO A 503 16.33 37.77 17.33
CA PRO A 503 15.01 37.14 17.11
C PRO A 503 14.97 35.62 17.25
N MET A 504 16.04 34.92 16.85
CA MET A 504 16.08 33.47 16.98
C MET A 504 16.32 33.07 18.44
N VAL A 505 17.17 33.80 19.15
CA VAL A 505 17.42 33.54 20.56
C VAL A 505 16.14 33.76 21.37
N LEU A 506 15.42 34.84 21.10
CA LEU A 506 14.16 35.16 21.77
C LEU A 506 13.09 34.10 21.49
N PHE A 507 13.02 33.60 20.23
CA PHE A 507 12.08 32.53 19.86
C PHE A 507 12.41 31.27 20.66
N ALA A 508 13.67 30.79 20.57
CA ALA A 508 14.11 29.58 21.24
C ALA A 508 13.93 29.65 22.74
N SER A 509 14.29 30.78 23.36
CA SER A 509 14.14 30.99 24.80
C SER A 509 12.68 31.00 25.19
N SER A 510 11.84 31.72 24.44
CA SER A 510 10.42 31.84 24.71
C SER A 510 9.68 30.50 24.59
N VAL A 511 9.97 29.71 23.55
CA VAL A 511 9.29 28.42 23.38
C VAL A 511 9.77 27.43 24.44
N PHE A 512 11.06 27.47 24.82
CA PHE A 512 11.56 26.58 25.87
C PHE A 512 11.03 26.99 27.24
N ASP A 513 10.86 28.31 27.48
CA ASP A 513 10.29 28.82 28.73
C ASP A 513 8.87 28.31 28.92
N GLU A 514 8.06 28.37 27.84
CA GLU A 514 6.68 27.93 27.89
C GLU A 514 6.58 26.40 28.06
N TYR A 515 7.45 25.67 27.38
CA TYR A 515 7.54 24.22 27.45
C TYR A 515 7.87 23.77 28.88
N ARG A 516 8.82 24.46 29.55
CA ARG A 516 9.19 24.13 30.93
C ARG A 516 8.12 24.53 31.92
N LYS A 517 7.49 25.69 31.72
CA LYS A 517 6.40 26.15 32.57
C LYS A 517 5.21 25.17 32.52
N LEU A 518 4.88 24.67 31.31
CA LEU A 518 3.78 23.72 31.15
C LEU A 518 4.12 22.39 31.83
N TYR A 519 5.37 21.94 31.69
CA TYR A 519 5.86 20.72 32.32
C TYR A 519 5.73 20.85 33.85
N ASN A 520 6.17 21.99 34.41
CA ASN A 520 6.10 22.26 35.85
C ASN A 520 4.66 22.34 36.38
N GLU A 521 3.73 22.86 35.59
CA GLU A 521 2.33 22.92 36.00
C GLU A 521 1.65 21.55 35.89
N LEU A 522 2.08 20.71 34.94
CA LEU A 522 1.48 19.39 34.74
C LEU A 522 2.02 18.30 35.67
N ARG A 523 3.30 18.41 36.04
CA ARG A 523 3.96 17.44 36.92
C ARG A 523 3.18 17.13 38.21
N PRO A 524 2.62 18.11 38.95
CA PRO A 524 1.84 17.77 40.15
C PRO A 524 0.63 16.85 39.95
N TYR A 525 0.08 16.78 38.72
CA TYR A 525 -1.08 15.95 38.45
C TYR A 525 -0.76 14.46 38.37
N ASP A 526 0.51 14.08 38.20
CA ASP A 526 0.91 12.67 38.11
C ASP A 526 0.72 11.91 39.44
N ASP A 527 1.08 12.55 40.56
CA ASP A 527 1.04 11.93 41.89
C ASP A 527 -0.35 11.48 42.35
N PRO A 528 -1.42 12.32 42.28
CA PRO A 528 -2.74 11.81 42.69
C PRO A 528 -3.22 10.63 41.84
N ILE A 529 -2.84 10.60 40.54
CA ILE A 529 -3.19 9.48 39.66
C ILE A 529 -2.44 8.23 40.13
N LEU A 530 -1.13 8.37 40.39
CA LEU A 530 -0.33 7.23 40.85
C LEU A 530 -0.86 6.67 42.19
N ARG A 531 -1.16 7.55 43.17
CA ARG A 531 -1.69 7.09 44.47
C ARG A 531 -3.05 6.44 44.30
N ALA A 532 -3.93 6.98 43.43
CA ALA A 532 -5.24 6.36 43.19
C ALA A 532 -5.10 5.04 42.43
N GLN A 533 -4.08 4.89 41.57
CA GLN A 533 -3.82 3.65 40.84
C GLN A 533 -3.41 2.54 41.77
N ARG A 534 -2.68 2.86 42.85
CA ARG A 534 -2.31 1.85 43.85
C ARG A 534 -3.59 1.24 44.46
N THR A 535 -4.57 2.09 44.80
CA THR A 535 -5.86 1.63 45.34
C THR A 535 -6.68 0.89 44.28
N TYR A 536 -6.77 1.44 43.05
CA TYR A 536 -7.51 0.84 41.95
C TYR A 536 -7.00 -0.59 41.61
N ILE A 537 -5.69 -0.75 41.39
CA ILE A 537 -5.10 -2.03 41.07
C ILE A 537 -5.22 -3.00 42.24
N ALA A 538 -5.09 -2.52 43.49
CA ALA A 538 -5.27 -3.39 44.67
C ALA A 538 -6.68 -4.02 44.68
N GLY A 539 -7.67 -3.20 44.34
CA GLY A 539 -9.04 -3.65 44.27
C GLY A 539 -9.24 -4.67 43.18
N LEU A 540 -8.65 -4.44 41.99
CA LEU A 540 -8.75 -5.38 40.88
C LEU A 540 -8.11 -6.71 41.25
N LEU A 541 -6.96 -6.68 41.94
CA LEU A 541 -6.25 -7.86 42.42
C LEU A 541 -7.06 -8.62 43.48
N GLU A 542 -7.68 -7.90 44.41
CA GLU A 542 -8.50 -8.49 45.46
C GLU A 542 -9.78 -9.10 44.86
N MET A 543 -10.35 -8.44 43.86
CA MET A 543 -11.58 -8.90 43.21
C MET A 543 -11.38 -10.12 42.31
N ASP A 544 -10.51 -10.04 41.30
CA ASP A 544 -10.35 -11.13 40.35
C ASP A 544 -9.08 -11.96 40.50
N GLY A 545 -8.22 -11.63 41.45
CA GLY A 545 -7.01 -12.39 41.71
C GLY A 545 -5.84 -12.09 40.78
N ASP A 546 -4.63 -12.48 41.20
CA ASP A 546 -3.41 -12.29 40.42
C ASP A 546 -3.19 -13.50 39.50
N GLN A 547 -4.27 -13.99 38.89
CA GLN A 547 -4.23 -15.17 38.04
C GLN A 547 -4.41 -14.77 36.57
N ASP A 548 -5.46 -14.01 36.22
CA ASP A 548 -5.67 -13.64 34.83
C ASP A 548 -5.38 -12.16 34.51
N GLN A 549 -4.63 -11.46 35.40
CA GLN A 549 -4.26 -10.06 35.16
C GLN A 549 -2.83 -9.79 35.64
N PHE A 550 -1.95 -9.62 34.66
CA PHE A 550 -0.51 -9.42 34.84
C PHE A 550 -0.16 -7.98 35.23
N PRO A 551 0.99 -7.78 35.92
CA PRO A 551 1.39 -6.41 36.25
C PRO A 551 1.95 -5.73 35.01
N ASP A 552 1.77 -4.42 34.89
CA ASP A 552 2.33 -3.66 33.77
C ASP A 552 3.83 -3.93 33.59
N ALA A 553 4.29 -3.99 32.35
CA ALA A 553 5.71 -4.14 32.05
C ALA A 553 6.52 -2.99 32.69
N ASN A 554 7.71 -3.30 33.23
CA ASN A 554 8.57 -2.29 33.86
C ASN A 554 10.05 -2.64 33.69
N LEU A 555 10.41 -3.20 32.53
CA LEU A 555 11.76 -3.63 32.17
C LEU A 555 12.27 -4.74 33.09
N THR A 556 11.38 -5.63 33.52
CA THR A 556 11.76 -6.78 34.33
C THR A 556 11.42 -8.06 33.58
N LEU A 557 12.08 -9.16 33.96
CA LEU A 557 11.92 -10.46 33.32
C LEU A 557 10.50 -10.99 33.38
N ARG A 558 9.92 -11.28 32.21
CA ARG A 558 8.56 -11.79 32.10
C ARG A 558 8.49 -12.93 31.11
N PHE A 559 7.46 -13.77 31.26
CA PHE A 559 7.21 -14.81 30.28
C PHE A 559 5.81 -14.59 29.67
N THR A 560 5.66 -14.97 28.41
CA THR A 560 4.41 -14.92 27.68
C THR A 560 4.32 -16.18 26.82
N TYR A 561 3.12 -16.68 26.61
CA TYR A 561 2.93 -17.88 25.81
C TYR A 561 1.75 -17.68 24.87
N GLY A 562 1.75 -18.44 23.79
CA GLY A 562 0.71 -18.38 22.79
C GLY A 562 0.93 -19.43 21.73
N GLN A 563 0.48 -19.13 20.52
CA GLN A 563 0.61 -20.06 19.41
C GLN A 563 1.16 -19.39 18.17
N VAL A 564 1.76 -20.18 17.27
CA VAL A 564 2.23 -19.69 15.98
C VAL A 564 0.94 -19.56 15.12
N LYS A 565 0.53 -18.33 14.79
CA LYS A 565 -0.74 -18.12 14.11
C LYS A 565 -0.74 -16.81 13.35
N GLY A 566 -1.27 -16.84 12.13
CA GLY A 566 -1.46 -15.62 11.36
C GLY A 566 -2.74 -14.92 11.79
N TYR A 567 -3.26 -14.03 10.94
CA TYR A 567 -4.48 -13.27 11.25
C TYR A 567 -5.03 -12.59 9.98
N SER A 568 -6.28 -12.10 10.05
CA SER A 568 -6.91 -11.38 8.96
C SER A 568 -6.88 -9.88 9.27
N PRO A 569 -6.06 -9.09 8.58
CA PRO A 569 -5.98 -7.65 8.88
C PRO A 569 -7.23 -6.85 8.47
N ARG A 570 -7.95 -7.33 7.44
CA ARG A 570 -9.12 -6.68 6.89
C ARG A 570 -9.91 -7.68 6.04
N ASP A 571 -11.13 -7.31 5.64
CA ASP A 571 -12.05 -8.13 4.85
C ASP A 571 -11.37 -8.82 3.67
N ASN A 572 -11.49 -10.15 3.62
CA ASN A 572 -10.96 -10.98 2.53
C ASN A 572 -9.42 -11.03 2.42
N VAL A 573 -8.69 -10.65 3.46
CA VAL A 573 -7.24 -10.68 3.41
C VAL A 573 -6.73 -11.52 4.58
N TYR A 574 -5.85 -12.50 4.32
CA TYR A 574 -5.29 -13.31 5.38
C TYR A 574 -3.78 -13.33 5.28
N TYR A 575 -3.11 -13.09 6.40
CA TYR A 575 -1.67 -13.18 6.49
C TYR A 575 -1.40 -14.47 7.25
N GLY A 576 -0.65 -15.38 6.63
CA GLY A 576 -0.31 -16.63 7.28
C GLY A 576 0.69 -16.50 8.42
N HIS A 577 1.03 -17.62 9.04
CA HIS A 577 1.94 -17.63 10.18
C HIS A 577 3.41 -17.63 9.81
N GLN A 578 3.76 -17.92 8.55
CA GLN A 578 5.18 -18.07 8.18
C GLN A 578 5.54 -17.42 6.86
N THR A 579 6.68 -16.71 6.83
CA THR A 579 7.22 -16.17 5.58
C THR A 579 8.40 -17.05 5.15
N THR A 580 8.72 -17.01 3.86
CA THR A 580 9.79 -17.82 3.29
C THR A 580 10.81 -16.95 2.52
N LEU A 581 11.98 -17.54 2.18
CA LEU A 581 13.03 -16.88 1.41
C LEU A 581 12.51 -16.42 0.02
N ASP A 582 11.50 -17.10 -0.51
CA ASP A 582 10.85 -16.72 -1.75
C ASP A 582 10.25 -15.30 -1.64
N GLY A 583 9.75 -14.93 -0.44
CA GLY A 583 9.21 -13.61 -0.17
C GLY A 583 10.24 -12.50 -0.17
N VAL A 584 11.48 -12.84 0.22
CA VAL A 584 12.62 -11.93 0.17
C VAL A 584 12.91 -11.63 -1.31
N MET A 585 12.95 -12.69 -2.15
CA MET A 585 13.25 -12.57 -3.57
C MET A 585 12.17 -11.80 -4.32
N GLU A 586 10.89 -11.94 -3.90
CA GLU A 586 9.79 -11.18 -4.50
C GLU A 586 9.96 -9.67 -4.24
N LYS A 587 10.51 -9.31 -3.06
CA LYS A 587 10.70 -7.91 -2.65
C LYS A 587 11.99 -7.28 -3.15
N GLU A 588 12.91 -8.07 -3.73
CA GLU A 588 14.17 -7.53 -4.22
C GLU A 588 14.01 -6.39 -5.23
N ASP A 589 14.72 -5.29 -4.99
CA ASP A 589 14.76 -4.14 -5.87
C ASP A 589 16.21 -3.69 -5.81
N PRO A 590 17.00 -3.94 -6.88
CA PRO A 590 18.42 -3.57 -6.85
C PRO A 590 18.68 -2.07 -6.72
N ASP A 591 17.73 -1.22 -7.13
CA ASP A 591 17.94 0.22 -7.04
C ASP A 591 17.25 0.87 -5.83
N ASN A 592 16.73 0.06 -4.89
CA ASN A 592 16.11 0.56 -3.66
C ASN A 592 16.96 0.01 -2.52
N TRP A 593 17.68 0.90 -1.81
CA TRP A 593 18.60 0.55 -0.72
C TRP A 593 18.00 -0.40 0.32
N GLU A 594 16.73 -0.18 0.69
CA GLU A 594 16.02 -1.00 1.66
C GLU A 594 15.86 -2.45 1.19
N PHE A 595 15.61 -2.66 -0.11
CA PHE A 595 15.27 -3.98 -0.60
C PHE A 595 16.32 -4.64 -1.51
N VAL A 596 17.61 -4.31 -1.33
CA VAL A 596 18.67 -5.00 -2.08
C VAL A 596 18.90 -6.37 -1.42
N VAL A 597 19.20 -7.39 -2.23
CA VAL A 597 19.40 -8.73 -1.72
C VAL A 597 20.87 -9.15 -1.88
N ASP A 598 21.45 -9.67 -0.80
CA ASP A 598 22.83 -10.13 -0.76
C ASP A 598 23.03 -11.25 -1.79
N PRO A 599 24.04 -11.08 -2.66
CA PRO A 599 24.26 -12.09 -3.72
C PRO A 599 24.47 -13.52 -3.22
N LYS A 600 25.13 -13.70 -2.06
CA LYS A 600 25.33 -15.04 -1.50
C LYS A 600 23.97 -15.66 -1.11
N LEU A 601 23.05 -14.83 -0.55
CA LEU A 601 21.71 -15.28 -0.17
C LEU A 601 20.88 -15.63 -1.41
N LYS A 602 20.96 -14.79 -2.45
CA LYS A 602 20.25 -15.05 -3.70
C LYS A 602 20.72 -16.37 -4.36
N ALA A 603 22.03 -16.64 -4.31
CA ALA A 603 22.60 -17.86 -4.86
C ALA A 603 22.15 -19.09 -4.06
N VAL A 604 22.08 -18.99 -2.72
CA VAL A 604 21.61 -20.06 -1.85
C VAL A 604 20.14 -20.40 -2.20
N TYR A 605 19.33 -19.36 -2.45
CA TYR A 605 17.94 -19.52 -2.83
C TYR A 605 17.83 -20.22 -4.21
N GLU A 606 18.62 -19.75 -5.20
CA GLU A 606 18.58 -20.32 -6.55
C GLU A 606 19.03 -21.77 -6.59
N ARG A 607 20.06 -22.11 -5.83
CA ARG A 607 20.56 -23.49 -5.76
C ARG A 607 19.78 -24.36 -4.77
N LYS A 608 18.83 -23.78 -4.00
CA LYS A 608 18.07 -24.47 -2.96
C LYS A 608 19.01 -25.16 -1.96
N ASP A 609 20.15 -24.49 -1.65
CA ASP A 609 21.17 -25.01 -0.76
C ASP A 609 20.74 -24.70 0.67
N PHE A 610 19.64 -25.32 1.09
CA PHE A 610 19.04 -25.08 2.39
C PHE A 610 19.39 -26.12 3.46
N GLY A 611 20.02 -27.22 3.08
CA GLY A 611 20.41 -28.27 4.01
C GLY A 611 19.29 -28.77 4.92
N ARG A 612 19.60 -28.94 6.20
CA ARG A 612 18.62 -29.38 7.20
C ARG A 612 17.72 -28.23 7.74
N TYR A 613 17.91 -26.99 7.24
CA TYR A 613 17.17 -25.82 7.70
C TYR A 613 15.84 -25.61 6.98
N ALA A 614 15.65 -26.24 5.81
CA ALA A 614 14.40 -26.08 5.05
C ALA A 614 13.23 -26.80 5.73
N ASP A 615 12.00 -26.35 5.46
CA ASP A 615 10.81 -27.01 5.99
C ASP A 615 10.52 -28.32 5.21
N ARG A 616 9.52 -29.09 5.66
CA ARG A 616 9.13 -30.36 5.06
C ARG A 616 8.85 -30.29 3.55
N SER A 617 8.30 -29.15 3.07
CA SER A 617 8.04 -28.99 1.63
C SER A 617 9.25 -28.51 0.81
N GLY A 618 10.41 -28.42 1.43
CA GLY A 618 11.61 -27.95 0.76
C GLY A 618 11.71 -26.43 0.66
N ARG A 619 10.75 -25.70 1.26
CA ARG A 619 10.76 -24.25 1.25
C ARG A 619 11.67 -23.76 2.37
N MET A 620 12.28 -22.58 2.21
CA MET A 620 13.17 -22.06 3.24
C MET A 620 12.47 -21.03 4.12
N PRO A 621 12.21 -21.33 5.41
CA PRO A 621 11.51 -20.35 6.26
C PRO A 621 12.37 -19.14 6.61
N VAL A 622 11.75 -17.99 6.85
CA VAL A 622 12.48 -16.77 7.21
C VAL A 622 12.00 -16.27 8.58
N ALA A 623 10.70 -16.06 8.71
CA ALA A 623 10.12 -15.52 9.91
C ALA A 623 8.77 -16.14 10.19
N PHE A 624 8.32 -16.06 11.43
CA PHE A 624 6.99 -16.49 11.80
C PHE A 624 6.38 -15.51 12.79
N CYS A 625 5.06 -15.58 12.97
CA CYS A 625 4.41 -14.70 13.93
C CYS A 625 3.64 -15.52 14.97
N ALA A 626 3.48 -14.96 16.16
CA ALA A 626 2.82 -15.68 17.24
C ALA A 626 1.89 -14.79 18.06
N THR A 627 0.93 -15.40 18.75
CA THR A 627 -0.02 -14.69 19.60
C THR A 627 0.55 -14.35 21.01
N THR A 628 1.88 -14.42 21.18
CA THR A 628 2.53 -14.02 22.43
C THR A 628 2.34 -12.50 22.61
N HIS A 629 2.37 -12.05 23.86
CA HIS A 629 2.19 -10.66 24.18
C HIS A 629 3.52 -9.99 24.48
N THR A 630 4.01 -9.21 23.51
CA THR A 630 5.29 -8.55 23.62
C THR A 630 5.16 -7.04 23.36
N THR A 631 6.20 -6.30 23.74
CA THR A 631 6.31 -4.85 23.53
C THR A 631 7.80 -4.48 23.44
N GLY A 632 8.11 -3.19 23.21
CA GLY A 632 9.50 -2.69 23.22
C GLY A 632 10.27 -3.12 24.46
N GLY A 633 11.45 -3.67 24.26
CA GLY A 633 12.21 -4.31 25.32
C GLY A 633 12.34 -5.80 25.05
N ASN A 634 11.33 -6.39 24.35
CA ASN A 634 11.32 -7.81 23.97
C ASN A 634 12.15 -8.11 22.71
N SER A 635 12.73 -7.08 22.06
CA SER A 635 13.62 -7.29 20.90
C SER A 635 14.77 -8.22 21.30
N GLY A 636 14.95 -9.30 20.57
CA GLY A 636 16.00 -10.28 20.80
C GLY A 636 15.59 -11.43 21.71
N SER A 637 14.34 -11.43 22.20
CA SER A 637 13.87 -12.44 23.13
C SER A 637 13.89 -13.83 22.54
N PRO A 638 14.29 -14.83 23.34
CA PRO A 638 14.25 -16.21 22.83
C PRO A 638 12.80 -16.68 22.71
N VAL A 639 12.49 -17.35 21.59
CA VAL A 639 11.18 -17.92 21.36
C VAL A 639 11.38 -19.44 21.50
N MET A 640 10.64 -20.05 22.40
CA MET A 640 10.76 -21.46 22.69
C MET A 640 9.57 -22.28 22.21
N ASN A 641 9.90 -23.53 21.90
CA ASN A 641 9.09 -24.70 21.58
C ASN A 641 8.32 -25.13 22.85
N ALA A 642 7.44 -26.14 22.71
CA ALA A 642 6.79 -26.80 23.85
C ALA A 642 7.86 -27.51 24.75
N ASN A 643 9.03 -27.83 24.20
CA ASN A 643 10.14 -28.46 24.92
C ASN A 643 11.19 -27.47 25.46
N GLY A 644 10.98 -26.17 25.27
CA GLY A 644 11.95 -25.17 25.72
C GLY A 644 13.12 -24.96 24.78
N GLU A 645 13.07 -25.56 23.60
CA GLU A 645 14.12 -25.42 22.61
C GLU A 645 13.93 -24.14 21.84
N LEU A 646 15.03 -23.51 21.44
CA LEU A 646 14.98 -22.26 20.69
C LEU A 646 14.48 -22.47 19.27
N ILE A 647 13.38 -21.80 18.91
CA ILE A 647 12.79 -21.84 17.56
C ILE A 647 12.86 -20.49 16.83
N GLY A 648 13.22 -19.42 17.55
CA GLY A 648 13.31 -18.10 16.94
C GLY A 648 13.69 -17.01 17.91
N LEU A 649 13.81 -15.79 17.38
CA LEU A 649 14.09 -14.59 18.17
C LEU A 649 13.04 -13.59 17.84
N ASN A 650 12.38 -13.02 18.84
CA ASN A 650 11.41 -11.96 18.61
C ASN A 650 12.18 -10.71 18.14
N PHE A 651 11.64 -9.94 17.18
CA PHE A 651 12.32 -8.73 16.72
C PHE A 651 11.40 -7.54 16.47
N ASP A 652 10.09 -7.78 16.39
CA ASP A 652 9.12 -6.70 16.19
C ASP A 652 7.71 -7.15 16.58
N ARG A 653 6.71 -6.28 16.35
CA ARG A 653 5.29 -6.56 16.47
C ARG A 653 4.58 -5.75 15.38
N ASN A 654 3.46 -6.25 14.87
CA ASN A 654 2.73 -5.57 13.80
C ASN A 654 2.05 -4.29 14.31
N TRP A 655 1.84 -3.29 13.42
CA TRP A 655 1.22 -2.02 13.80
C TRP A 655 -0.18 -2.20 14.34
N GLU A 656 -0.91 -3.22 13.85
CA GLU A 656 -2.25 -3.51 14.34
C GLU A 656 -2.25 -3.89 15.82
N GLY A 657 -1.11 -4.33 16.36
CA GLY A 657 -0.98 -4.73 17.75
C GLY A 657 -0.32 -3.72 18.66
N VAL A 658 -0.02 -2.47 18.17
CA VAL A 658 0.59 -1.47 19.06
C VAL A 658 -0.36 -1.07 20.21
N GLY A 659 -1.68 -1.16 20.00
CA GLY A 659 -2.66 -0.92 21.04
C GLY A 659 -2.63 -1.97 22.16
N GLY A 660 -1.90 -3.06 21.92
CA GLY A 660 -1.66 -4.16 22.85
C GLY A 660 -1.01 -3.72 24.15
N ASP A 661 -0.34 -2.55 24.16
CA ASP A 661 0.21 -2.00 25.41
C ASP A 661 -0.92 -1.59 26.38
N ILE A 662 -2.11 -1.31 25.87
CA ILE A 662 -3.26 -0.96 26.72
C ILE A 662 -4.19 -2.17 26.83
N GLN A 663 -4.41 -2.87 25.72
CA GLN A 663 -5.26 -4.05 25.71
C GLN A 663 -4.76 -5.00 24.63
N TYR A 664 -4.35 -6.21 25.04
CA TYR A 664 -3.91 -7.25 24.11
C TYR A 664 -5.02 -7.53 23.07
N LEU A 665 -4.66 -7.64 21.80
CA LEU A 665 -5.65 -7.82 20.73
C LEU A 665 -5.51 -9.19 20.11
N ALA A 666 -6.25 -10.18 20.63
CA ALA A 666 -6.14 -11.57 20.21
C ALA A 666 -6.21 -11.82 18.71
N ASP A 667 -7.08 -11.10 17.98
CA ASP A 667 -7.24 -11.33 16.56
C ASP A 667 -6.33 -10.51 15.65
N TYR A 668 -5.49 -9.62 16.21
CA TYR A 668 -4.65 -8.76 15.38
C TYR A 668 -3.22 -8.69 15.83
N GLN A 669 -2.97 -8.64 17.14
CA GLN A 669 -1.63 -8.50 17.68
C GLN A 669 -0.76 -9.73 17.52
N ARG A 670 0.41 -9.56 16.91
CA ARG A 670 1.36 -10.66 16.74
C ARG A 670 2.79 -10.23 17.01
N SER A 671 3.56 -11.11 17.65
CA SER A 671 4.99 -10.93 17.82
C SER A 671 5.62 -11.40 16.49
N ILE A 672 6.57 -10.62 15.96
CA ILE A 672 7.21 -10.92 14.68
C ILE A 672 8.56 -11.51 15.03
N ILE A 673 8.79 -12.77 14.64
CA ILE A 673 9.94 -13.56 15.05
C ILE A 673 10.79 -14.07 13.91
N VAL A 674 12.13 -13.97 14.00
CA VAL A 674 12.99 -14.52 12.95
C VAL A 674 13.16 -16.00 13.24
N ASP A 675 12.88 -16.85 12.26
CA ASP A 675 12.97 -18.31 12.42
C ASP A 675 14.44 -18.68 12.69
N ILE A 676 14.69 -19.54 13.69
CA ILE A 676 16.06 -19.97 14.02
C ILE A 676 16.70 -20.78 12.88
N ARG A 677 15.88 -21.43 12.05
CA ARG A 677 16.38 -22.17 10.88
C ARG A 677 17.01 -21.18 9.88
N TYR A 678 16.40 -19.99 9.72
CA TYR A 678 16.93 -18.94 8.86
C TYR A 678 18.21 -18.35 9.48
N VAL A 679 18.26 -18.19 10.81
CA VAL A 679 19.46 -17.70 11.52
C VAL A 679 20.63 -18.65 11.24
N LEU A 680 20.41 -19.95 11.45
CA LEU A 680 21.42 -20.98 11.23
C LEU A 680 21.82 -21.08 9.76
N LEU A 681 20.85 -20.91 8.84
CA LEU A 681 21.13 -20.88 7.39
C LEU A 681 22.08 -19.73 7.04
N VAL A 682 21.85 -18.53 7.60
CA VAL A 682 22.69 -17.35 7.34
C VAL A 682 24.10 -17.51 7.93
N ILE A 683 24.22 -18.02 9.16
CA ILE A 683 25.53 -18.30 9.77
C ILE A 683 26.33 -19.29 8.91
N ASP A 684 25.67 -20.37 8.48
CA ASP A 684 26.23 -21.45 7.69
C ASP A 684 26.55 -21.07 6.22
N LYS A 685 25.53 -20.78 5.42
CA LYS A 685 25.69 -20.53 3.99
C LYS A 685 26.11 -19.11 3.61
N VAL A 686 25.91 -18.13 4.49
CA VAL A 686 26.28 -16.75 4.17
C VAL A 686 27.59 -16.35 4.88
N GLY A 687 27.71 -16.70 6.16
CA GLY A 687 28.91 -16.38 6.92
C GLY A 687 30.01 -17.41 6.86
N GLY A 688 29.64 -18.67 6.60
CA GLY A 688 30.58 -19.78 6.59
C GLY A 688 31.21 -20.06 7.94
N CYS A 689 30.56 -19.61 9.03
CA CYS A 689 31.06 -19.74 10.39
C CYS A 689 30.63 -21.03 11.08
N GLN A 690 31.14 -22.16 10.58
CA GLN A 690 30.85 -23.50 11.05
C GLN A 690 31.11 -23.70 12.55
N ARG A 691 32.15 -23.06 13.09
CA ARG A 691 32.49 -23.19 14.52
C ARG A 691 31.35 -22.74 15.44
N LEU A 692 30.51 -21.78 15.01
CA LEU A 692 29.37 -21.33 15.82
C LEU A 692 28.29 -22.40 15.86
N LEU A 693 28.07 -23.10 14.73
CA LEU A 693 27.13 -24.20 14.65
C LEU A 693 27.62 -25.36 15.52
N ASP A 694 28.93 -25.66 15.46
CA ASP A 694 29.55 -26.74 16.22
C ASP A 694 29.45 -26.54 17.74
N GLU A 695 29.59 -25.30 18.22
CA GLU A 695 29.48 -25.04 19.66
C GLU A 695 28.03 -25.02 20.18
N MET A 696 27.06 -24.84 19.28
CA MET A 696 25.63 -24.87 19.60
C MET A 696 25.17 -26.33 19.74
N ASN A 697 24.21 -26.59 20.65
CA ASN A 697 23.66 -27.94 20.78
C ASN A 697 22.38 -28.00 19.94
N ILE A 698 22.53 -28.44 18.70
CA ILE A 698 21.43 -28.52 17.75
C ILE A 698 20.69 -29.85 17.80
N VAL A 699 19.39 -29.80 18.07
CA VAL A 699 18.58 -31.01 18.16
C VAL A 699 17.79 -31.24 16.87
N PRO A 700 17.79 -32.49 16.37
CA PRO A 700 17.09 -32.79 15.11
C PRO A 700 15.58 -32.54 15.14
N GLU B 3 -9.09 -20.96 -18.88
CA GLU B 3 -7.95 -20.47 -19.63
C GLU B 3 -8.29 -19.69 -20.91
N GLY B 4 -9.39 -19.99 -21.60
CA GLY B 4 -9.70 -19.30 -22.86
C GLY B 4 -10.99 -18.54 -23.07
N MET B 5 -11.09 -17.87 -24.22
CA MET B 5 -12.25 -17.10 -24.65
C MET B 5 -12.71 -17.80 -25.91
N TRP B 6 -13.55 -18.79 -25.68
CA TRP B 6 -13.99 -19.73 -26.68
C TRP B 6 -15.12 -19.27 -27.55
N LEU B 7 -15.06 -19.63 -28.83
CA LEU B 7 -16.15 -19.35 -29.77
C LEU B 7 -17.38 -20.16 -29.34
N MET B 8 -18.58 -19.68 -29.68
CA MET B 8 -19.79 -20.44 -29.38
C MET B 8 -19.78 -21.82 -30.06
N GLN B 9 -19.19 -21.91 -31.26
CA GLN B 9 -19.00 -23.14 -32.05
C GLN B 9 -18.13 -24.15 -31.30
N GLN B 10 -17.23 -23.68 -30.43
CA GLN B 10 -16.36 -24.54 -29.67
C GLN B 10 -17.00 -25.08 -28.39
N LEU B 11 -18.28 -24.77 -28.10
CA LEU B 11 -18.97 -25.29 -26.93
C LEU B 11 -19.07 -26.82 -26.99
N GLY B 12 -19.39 -27.39 -28.14
CA GLY B 12 -19.50 -28.84 -28.33
C GLY B 12 -18.23 -29.57 -27.93
N ARG B 13 -17.08 -29.05 -28.36
CA ARG B 13 -15.75 -29.58 -28.10
C ARG B 13 -15.29 -29.41 -26.64
N LYS B 14 -15.82 -28.40 -25.96
CA LYS B 14 -15.44 -28.08 -24.58
C LYS B 14 -16.41 -28.60 -23.52
N TYR B 15 -17.62 -28.98 -23.94
CA TYR B 15 -18.73 -29.43 -23.10
C TYR B 15 -18.36 -30.49 -22.07
N ALA B 16 -17.65 -31.55 -22.47
CA ALA B 16 -17.21 -32.61 -21.55
C ALA B 16 -16.26 -32.08 -20.46
N GLN B 17 -15.33 -31.18 -20.82
CA GLN B 17 -14.44 -30.56 -19.83
C GLN B 17 -15.24 -29.67 -18.86
N MET B 18 -16.24 -28.96 -19.37
CA MET B 18 -17.08 -28.09 -18.55
C MET B 18 -17.92 -28.92 -17.57
N LYS B 19 -18.44 -30.06 -18.04
CA LYS B 19 -19.22 -30.98 -17.20
C LYS B 19 -18.33 -31.56 -16.09
N GLU B 20 -17.07 -31.88 -16.39
CA GLU B 20 -16.14 -32.36 -15.37
C GLU B 20 -15.80 -31.24 -14.35
N ARG B 21 -15.85 -29.96 -14.77
CA ARG B 21 -15.61 -28.84 -13.86
C ARG B 21 -16.87 -28.44 -13.03
N GLY B 22 -18.03 -29.03 -13.33
CA GLY B 22 -19.24 -28.73 -12.57
C GLY B 22 -20.48 -28.31 -13.34
N LEU B 23 -20.35 -28.00 -14.66
CA LEU B 23 -21.52 -27.56 -15.46
C LEU B 23 -22.67 -28.56 -15.39
N LYS B 24 -23.88 -28.11 -15.08
CA LYS B 24 -25.03 -29.00 -14.97
C LYS B 24 -26.01 -28.84 -16.11
N MET B 25 -26.07 -27.66 -16.75
CA MET B 25 -27.05 -27.45 -17.79
C MET B 25 -26.69 -28.21 -19.10
N LYS B 26 -27.73 -28.55 -19.88
CA LYS B 26 -27.55 -29.24 -21.15
C LYS B 26 -26.87 -28.28 -22.14
N GLU B 27 -26.05 -28.83 -23.06
CA GLU B 27 -25.29 -28.05 -24.02
C GLU B 27 -26.13 -27.05 -24.80
N TYR B 28 -27.24 -27.50 -25.42
CA TYR B 28 -28.10 -26.65 -26.23
C TYR B 28 -28.94 -25.67 -25.44
N ASP B 29 -29.03 -25.82 -24.11
CA ASP B 29 -29.73 -24.82 -23.28
C ASP B 29 -28.83 -23.57 -23.08
N LEU B 30 -27.50 -23.75 -23.18
CA LEU B 30 -26.52 -22.68 -23.06
C LEU B 30 -26.31 -22.04 -24.44
N TYR B 31 -26.02 -22.87 -25.45
CA TYR B 31 -25.88 -22.38 -26.82
C TYR B 31 -26.44 -23.39 -27.79
N ASN B 32 -27.45 -22.95 -28.54
CA ASN B 32 -28.09 -23.76 -29.54
C ASN B 32 -27.95 -23.01 -30.88
N PRO B 33 -27.24 -23.58 -31.88
CA PRO B 33 -27.10 -22.88 -33.17
C PRO B 33 -28.38 -22.79 -34.01
N ASN B 34 -29.44 -23.54 -33.68
CA ASN B 34 -30.70 -23.44 -34.43
C ASN B 34 -31.89 -23.53 -33.50
N GLY B 35 -31.92 -22.63 -32.52
CA GLY B 35 -32.99 -22.56 -31.54
C GLY B 35 -32.71 -21.53 -30.46
N THR B 36 -33.59 -21.44 -29.45
CA THR B 36 -33.41 -20.49 -28.36
C THR B 36 -32.53 -21.10 -27.26
N SER B 37 -31.62 -20.30 -26.71
CA SER B 37 -30.71 -20.70 -25.65
C SER B 37 -30.30 -19.49 -24.78
N LEU B 38 -29.54 -19.72 -23.71
CA LEU B 38 -29.07 -18.66 -22.82
C LEU B 38 -28.29 -17.57 -23.54
N LYS B 39 -27.62 -17.92 -24.64
CA LYS B 39 -26.88 -17.00 -25.51
C LYS B 39 -27.78 -15.83 -25.96
N ASP B 40 -29.10 -16.12 -26.14
CA ASP B 40 -30.08 -15.12 -26.58
C ASP B 40 -30.41 -14.07 -25.54
N ALA B 41 -29.94 -14.23 -24.29
CA ALA B 41 -30.14 -13.22 -23.26
C ALA B 41 -28.88 -12.32 -23.09
N VAL B 42 -27.84 -12.50 -23.92
CA VAL B 42 -26.61 -11.72 -23.85
C VAL B 42 -26.61 -10.63 -24.92
N VAL B 43 -26.19 -9.40 -24.53
CA VAL B 43 -26.15 -8.30 -25.50
C VAL B 43 -24.80 -7.60 -25.47
N LEU B 44 -24.44 -6.99 -26.59
CA LEU B 44 -23.30 -6.10 -26.67
C LEU B 44 -23.94 -4.76 -26.31
N PHE B 45 -23.60 -4.21 -25.15
CA PHE B 45 -24.17 -2.96 -24.63
C PHE B 45 -23.36 -1.76 -25.08
N ASP B 46 -24.02 -0.85 -25.82
CA ASP B 46 -23.43 0.39 -26.30
C ASP B 46 -22.08 0.24 -27.02
N GLY B 47 -21.98 -0.79 -27.85
CA GLY B 47 -20.78 -1.05 -28.65
C GLY B 47 -19.47 -1.41 -27.97
N GLY B 48 -19.39 -1.36 -26.64
CA GLY B 48 -18.14 -1.65 -25.95
C GLY B 48 -18.24 -2.42 -24.65
N CYS B 49 -19.45 -2.66 -24.18
CA CYS B 49 -19.67 -3.37 -22.93
C CYS B 49 -20.53 -4.62 -23.22
N THR B 50 -20.72 -5.45 -22.19
CA THR B 50 -21.64 -6.56 -22.27
C THR B 50 -22.81 -6.23 -21.33
N GLY B 51 -23.94 -6.79 -21.65
CA GLY B 51 -25.13 -6.67 -20.83
C GLY B 51 -25.93 -7.96 -20.87
N GLU B 52 -26.99 -8.04 -20.08
CA GLU B 52 -27.82 -9.23 -20.07
C GLU B 52 -29.25 -8.93 -19.75
N VAL B 53 -30.16 -9.65 -20.40
CA VAL B 53 -31.59 -9.52 -20.21
C VAL B 53 -31.98 -10.34 -18.99
N VAL B 54 -32.68 -9.73 -18.04
CA VAL B 54 -33.04 -10.38 -16.77
C VAL B 54 -34.54 -10.41 -16.46
N SER B 55 -35.39 -10.07 -17.43
CA SER B 55 -36.84 -10.15 -17.22
C SER B 55 -37.59 -10.34 -18.54
N ASP B 56 -38.85 -10.83 -18.48
CA ASP B 56 -39.66 -10.97 -19.71
C ASP B 56 -40.17 -9.63 -20.24
N ARG B 57 -39.77 -8.49 -19.63
CA ARG B 57 -40.10 -7.15 -20.10
C ARG B 57 -38.84 -6.37 -20.50
N GLY B 58 -37.79 -7.08 -20.95
CA GLY B 58 -36.58 -6.49 -21.48
C GLY B 58 -35.66 -5.72 -20.54
N LEU B 59 -35.72 -6.03 -19.24
CA LEU B 59 -34.84 -5.38 -18.27
C LEU B 59 -33.40 -5.87 -18.55
N VAL B 60 -32.43 -4.96 -18.54
CA VAL B 60 -31.03 -5.26 -18.83
C VAL B 60 -30.12 -4.81 -17.70
N LEU B 61 -29.20 -5.68 -17.29
CA LEU B 61 -28.20 -5.31 -16.30
C LEU B 61 -26.86 -5.19 -17.01
N THR B 62 -26.10 -4.19 -16.60
CA THR B 62 -24.73 -3.94 -17.07
C THR B 62 -23.98 -3.22 -15.93
N ASN B 63 -22.73 -2.80 -16.13
CA ASN B 63 -21.99 -2.10 -15.11
C ASN B 63 -22.42 -0.64 -14.97
N HIS B 64 -22.07 -0.03 -13.84
CA HIS B 64 -22.29 1.38 -13.59
C HIS B 64 -21.36 2.15 -14.54
N HIS B 65 -20.09 1.70 -14.70
CA HIS B 65 -19.16 2.37 -15.59
C HIS B 65 -19.53 2.22 -17.07
N CYS B 66 -20.43 1.26 -17.42
CA CYS B 66 -20.95 1.07 -18.78
C CYS B 66 -22.13 2.01 -19.06
N GLY B 67 -22.97 2.24 -18.05
CA GLY B 67 -24.08 3.17 -18.18
C GLY B 67 -23.78 4.58 -17.72
N TYR B 68 -22.53 4.82 -17.27
CA TYR B 68 -22.05 6.09 -16.73
C TYR B 68 -22.45 7.31 -17.58
N ASP B 69 -22.17 7.28 -18.89
CA ASP B 69 -22.50 8.38 -19.80
C ASP B 69 -23.99 8.68 -19.85
N MET B 70 -24.85 7.64 -19.82
CA MET B 70 -26.29 7.84 -19.85
C MET B 70 -26.79 8.43 -18.53
N ILE B 71 -26.20 8.02 -17.40
CA ILE B 71 -26.59 8.53 -16.10
C ILE B 71 -26.17 10.01 -15.98
N GLN B 72 -24.96 10.34 -16.46
CA GLN B 72 -24.40 11.68 -16.46
C GLN B 72 -25.20 12.64 -17.38
N ALA B 73 -25.63 12.16 -18.57
CA ALA B 73 -26.38 12.97 -19.52
C ALA B 73 -27.77 13.35 -18.99
N HIS B 74 -28.36 12.51 -18.14
CA HIS B 74 -29.65 12.83 -17.52
C HIS B 74 -29.51 13.56 -16.17
N SER B 75 -28.29 13.80 -15.70
CA SER B 75 -28.06 14.45 -14.42
C SER B 75 -27.96 15.97 -14.53
N THR B 76 -28.63 16.66 -13.60
CA THR B 76 -28.63 18.12 -13.48
C THR B 76 -28.33 18.49 -11.99
N LEU B 77 -28.22 19.80 -11.66
CA LEU B 77 -28.03 20.21 -10.27
C LEU B 77 -29.25 19.82 -9.44
N GLU B 78 -30.47 19.93 -10.03
CA GLU B 78 -31.73 19.60 -9.37
C GLU B 78 -31.90 18.09 -9.16
N HIS B 79 -31.58 17.27 -10.18
CA HIS B 79 -31.69 15.82 -10.05
C HIS B 79 -30.37 15.16 -10.44
N ASN B 80 -29.40 15.18 -9.52
CA ASN B 80 -28.08 14.61 -9.78
C ASN B 80 -28.10 13.09 -9.64
N TYR B 81 -28.45 12.39 -10.74
CA TYR B 81 -28.51 10.94 -10.75
C TYR B 81 -27.14 10.29 -10.61
N LEU B 82 -26.10 10.94 -11.12
CA LEU B 82 -24.73 10.42 -10.99
C LEU B 82 -24.30 10.36 -9.52
N GLU B 83 -24.71 11.34 -8.70
N GLU B 83 -24.72 11.34 -8.73
CA GLU B 83 -24.31 11.39 -7.30
CA GLU B 83 -24.39 11.42 -7.32
C GLU B 83 -25.30 10.66 -6.34
C GLU B 83 -25.31 10.59 -6.43
N ASN B 84 -26.63 10.73 -6.57
CA ASN B 84 -27.60 10.06 -5.68
C ASN B 84 -28.26 8.81 -6.20
N GLY B 85 -27.96 8.44 -7.44
CA GLY B 85 -28.60 7.29 -8.08
C GLY B 85 -29.90 7.69 -8.75
N PHE B 86 -30.52 6.75 -9.46
CA PHE B 86 -31.77 7.00 -10.16
C PHE B 86 -32.64 5.75 -10.04
N TRP B 87 -33.92 5.91 -9.73
CA TRP B 87 -34.82 4.76 -9.60
C TRP B 87 -36.20 5.08 -10.16
N ALA B 88 -36.46 4.67 -11.41
CA ALA B 88 -37.75 4.90 -12.04
C ALA B 88 -38.80 4.04 -11.35
N MET B 89 -39.83 4.67 -10.78
CA MET B 89 -40.88 3.93 -10.05
C MET B 89 -42.02 3.40 -10.94
N ARG B 90 -41.95 3.68 -12.25
CA ARG B 90 -42.88 3.18 -13.25
C ARG B 90 -42.15 3.15 -14.59
N GLU B 91 -42.58 2.25 -15.49
CA GLU B 91 -41.99 2.13 -16.82
C GLU B 91 -42.01 3.43 -17.60
N ALA B 92 -43.08 4.23 -17.42
CA ALA B 92 -43.21 5.54 -18.08
C ALA B 92 -42.15 6.55 -17.62
N ASP B 93 -41.56 6.34 -16.43
CA ASP B 93 -40.52 7.22 -15.89
C ASP B 93 -39.10 6.85 -16.34
N GLU B 94 -38.93 5.73 -17.06
CA GLU B 94 -37.60 5.32 -17.53
C GLU B 94 -37.14 6.27 -18.62
N LEU B 95 -35.89 6.75 -18.51
CA LEU B 95 -35.35 7.79 -19.38
C LEU B 95 -34.73 7.30 -20.69
N PRO B 96 -35.25 7.80 -21.84
CA PRO B 96 -34.65 7.42 -23.13
C PRO B 96 -33.24 7.96 -23.30
N ASN B 97 -32.42 7.29 -24.11
CA ASN B 97 -31.04 7.71 -24.31
C ASN B 97 -30.72 7.86 -25.77
N LYS B 98 -30.11 8.99 -26.14
CA LYS B 98 -29.69 9.23 -27.52
C LYS B 98 -28.37 8.49 -27.76
N ASP B 99 -28.20 7.94 -28.97
CA ASP B 99 -27.00 7.23 -29.43
C ASP B 99 -26.70 5.94 -28.67
N ILE B 100 -27.73 5.26 -28.16
CA ILE B 100 -27.52 4.00 -27.45
C ILE B 100 -27.94 2.80 -28.32
N SER B 101 -27.38 1.63 -28.03
CA SER B 101 -27.76 0.40 -28.73
C SER B 101 -27.50 -0.84 -27.88
N VAL B 102 -28.24 -1.89 -28.16
CA VAL B 102 -28.06 -3.21 -27.61
C VAL B 102 -28.06 -4.17 -28.83
N VAL B 103 -27.03 -5.01 -28.92
CA VAL B 103 -26.93 -5.94 -30.02
C VAL B 103 -27.07 -7.40 -29.56
N PHE B 104 -28.06 -8.10 -30.10
CA PHE B 104 -28.26 -9.52 -29.83
C PHE B 104 -27.56 -10.33 -30.94
N ILE B 105 -26.93 -11.44 -30.58
CA ILE B 105 -26.29 -12.30 -31.60
C ILE B 105 -27.29 -13.39 -31.96
N ASP B 106 -28.17 -13.07 -32.91
CA ASP B 106 -29.25 -13.96 -33.32
C ASP B 106 -28.76 -15.31 -33.88
N LYS B 107 -27.78 -15.28 -34.78
CA LYS B 107 -27.22 -16.48 -35.39
C LYS B 107 -25.71 -16.30 -35.60
N ILE B 108 -24.98 -17.41 -35.59
CA ILE B 108 -23.54 -17.45 -35.85
C ILE B 108 -23.32 -18.62 -36.78
N GLU B 109 -22.62 -18.40 -37.88
CA GLU B 109 -22.37 -19.44 -38.87
C GLU B 109 -20.92 -19.45 -39.33
N ASP B 110 -20.32 -20.62 -39.45
CA ASP B 110 -18.95 -20.76 -39.96
C ASP B 110 -18.99 -20.58 -41.49
N VAL B 111 -18.33 -19.53 -42.00
CA VAL B 111 -18.26 -19.28 -43.45
C VAL B 111 -16.82 -19.34 -43.98
N THR B 112 -15.94 -20.10 -43.31
CA THR B 112 -14.53 -20.21 -43.68
C THR B 112 -14.31 -20.64 -45.12
N ASP B 113 -14.96 -21.75 -45.55
CA ASP B 113 -14.80 -22.24 -46.92
C ASP B 113 -15.28 -21.24 -47.96
N TYR B 114 -16.41 -20.59 -47.68
CA TYR B 114 -16.99 -19.56 -48.56
C TYR B 114 -16.01 -18.37 -48.70
N VAL B 115 -15.47 -17.85 -47.58
CA VAL B 115 -14.54 -16.73 -47.63
C VAL B 115 -13.25 -17.12 -48.34
N LYS B 116 -12.68 -18.29 -48.00
CA LYS B 116 -11.45 -18.77 -48.65
C LYS B 116 -11.62 -19.02 -50.15
N LYS B 117 -12.82 -19.43 -50.59
CA LYS B 117 -13.08 -19.63 -52.01
C LYS B 117 -13.13 -18.26 -52.71
N GLU B 118 -13.81 -17.28 -52.11
CA GLU B 118 -13.89 -15.92 -52.67
C GLU B 118 -12.51 -15.29 -52.74
N LEU B 119 -11.67 -15.52 -51.72
CA LEU B 119 -10.30 -15.00 -51.64
C LEU B 119 -9.40 -15.53 -52.74
N LYS B 120 -9.66 -16.76 -53.24
CA LYS B 120 -8.87 -17.36 -54.32
C LYS B 120 -8.87 -16.53 -55.61
N ALA B 121 -9.84 -15.62 -55.78
CA ALA B 121 -9.89 -14.73 -56.94
C ALA B 121 -9.06 -13.45 -56.72
N ILE B 122 -8.07 -13.47 -55.80
CA ILE B 122 -7.31 -12.27 -55.45
C ILE B 122 -6.38 -11.76 -56.59
N LYS B 123 -5.35 -12.54 -56.97
CA LYS B 123 -4.33 -12.19 -57.97
C LYS B 123 -3.09 -11.63 -57.26
N ASP B 124 -3.29 -10.75 -56.25
CA ASP B 124 -2.18 -10.22 -55.48
C ASP B 124 -2.04 -11.11 -54.25
N PRO B 125 -0.93 -11.87 -54.13
CA PRO B 125 -0.78 -12.77 -52.98
C PRO B 125 -0.61 -12.06 -51.64
N ASN B 126 -0.14 -10.80 -51.66
CA ASN B 126 0.06 -10.07 -50.41
C ASN B 126 -1.07 -9.05 -50.14
N SER B 127 -2.26 -9.29 -50.73
CA SER B 127 -3.43 -8.44 -50.51
C SER B 127 -3.93 -8.59 -49.05
N MET B 128 -4.46 -7.51 -48.48
CA MET B 128 -4.99 -7.54 -47.13
C MET B 128 -6.52 -7.58 -47.07
N ASP B 129 -7.18 -7.92 -48.20
CA ASP B 129 -8.64 -8.01 -48.25
C ASP B 129 -9.18 -9.07 -47.29
N TYR B 130 -8.39 -10.13 -47.02
CA TYR B 130 -8.77 -11.18 -46.08
C TYR B 130 -9.03 -10.66 -44.64
N LEU B 131 -8.54 -9.45 -44.32
CA LEU B 131 -8.79 -8.79 -43.03
C LEU B 131 -9.57 -7.48 -43.15
N SER B 132 -9.95 -7.08 -44.37
CA SER B 132 -10.65 -5.84 -44.65
C SER B 132 -12.13 -5.88 -44.28
N PRO B 133 -12.57 -5.00 -43.38
CA PRO B 133 -14.00 -4.95 -43.04
C PRO B 133 -14.88 -4.62 -44.24
N LYS B 134 -14.36 -3.82 -45.17
CA LYS B 134 -15.10 -3.47 -46.39
C LYS B 134 -15.25 -4.70 -47.29
N TYR B 135 -14.16 -5.43 -47.52
CA TYR B 135 -14.22 -6.63 -48.36
C TYR B 135 -15.12 -7.70 -47.74
N LEU B 136 -14.92 -7.97 -46.44
CA LEU B 136 -15.71 -8.96 -45.72
C LEU B 136 -17.19 -8.60 -45.67
N GLN B 137 -17.53 -7.29 -45.59
CA GLN B 137 -18.94 -6.84 -45.62
C GLN B 137 -19.57 -7.10 -46.98
N LYS B 138 -18.79 -6.96 -48.05
CA LYS B 138 -19.25 -7.27 -49.40
C LYS B 138 -19.58 -8.77 -49.50
N LEU B 139 -18.76 -9.63 -48.85
CA LEU B 139 -19.03 -11.08 -48.87
C LEU B 139 -20.24 -11.43 -48.00
N ALA B 140 -20.42 -10.71 -46.89
CA ALA B 140 -21.53 -10.93 -45.98
C ALA B 140 -22.85 -10.59 -46.69
N ASP B 141 -22.90 -9.43 -47.37
CA ASP B 141 -24.07 -8.98 -48.14
C ASP B 141 -24.41 -9.93 -49.28
N LYS B 142 -23.40 -10.48 -49.95
CA LYS B 142 -23.59 -11.41 -51.05
C LYS B 142 -24.23 -12.70 -50.53
N LYS B 143 -23.76 -13.19 -49.37
CA LYS B 143 -24.30 -14.41 -48.79
C LYS B 143 -25.73 -14.21 -48.23
N ALA B 144 -25.97 -13.13 -47.47
CA ALA B 144 -27.29 -12.89 -46.88
C ALA B 144 -28.36 -12.47 -47.87
N GLY B 145 -27.97 -11.85 -48.96
CA GLY B 145 -28.91 -11.39 -49.97
C GLY B 145 -28.90 -9.88 -50.08
N LYS B 146 -29.26 -9.35 -51.27
CA LYS B 146 -29.25 -7.91 -51.50
C LYS B 146 -30.16 -7.14 -50.53
N ASN B 147 -31.44 -7.52 -50.45
CA ASN B 147 -32.37 -6.81 -49.57
C ASN B 147 -32.58 -7.54 -48.23
N PHE B 148 -31.49 -8.05 -47.63
CA PHE B 148 -31.60 -8.77 -46.36
C PHE B 148 -32.21 -7.93 -45.23
N SER B 149 -31.66 -6.74 -44.96
CA SER B 149 -32.18 -5.89 -43.86
C SER B 149 -33.60 -5.36 -44.13
N ALA B 150 -34.00 -5.26 -45.40
CA ALA B 150 -35.35 -4.84 -45.76
C ALA B 150 -36.32 -6.02 -45.56
N LYS B 151 -35.90 -7.24 -45.91
CA LYS B 151 -36.73 -8.45 -45.76
C LYS B 151 -36.78 -8.96 -44.31
N ASN B 152 -35.78 -8.63 -43.50
CA ASN B 152 -35.67 -9.07 -42.11
C ASN B 152 -35.40 -7.84 -41.21
N PRO B 153 -36.41 -6.98 -40.98
CA PRO B 153 -36.18 -5.75 -40.20
C PRO B 153 -35.57 -5.97 -38.82
N GLY B 154 -34.61 -5.11 -38.49
CA GLY B 154 -33.84 -5.19 -37.25
C GLY B 154 -32.60 -6.05 -37.34
N LEU B 155 -32.48 -6.88 -38.39
CA LEU B 155 -31.35 -7.78 -38.59
C LEU B 155 -30.28 -7.25 -39.54
N SER B 156 -29.01 -7.51 -39.23
CA SER B 156 -27.87 -7.17 -40.08
C SER B 156 -26.82 -8.31 -40.02
N VAL B 157 -25.97 -8.40 -41.03
CA VAL B 157 -24.96 -9.45 -41.10
C VAL B 157 -23.55 -8.88 -41.07
N GLU B 158 -22.60 -9.66 -40.56
CA GLU B 158 -21.22 -9.23 -40.49
C GLU B 158 -20.30 -10.44 -40.48
N ILE B 159 -19.22 -10.41 -41.25
CA ILE B 159 -18.24 -11.48 -41.26
C ILE B 159 -16.98 -10.97 -40.58
N LYS B 160 -16.42 -11.75 -39.66
CA LYS B 160 -15.17 -11.41 -39.02
C LYS B 160 -14.14 -12.51 -39.21
N ALA B 161 -12.87 -12.14 -39.24
CA ALA B 161 -11.75 -13.05 -39.34
C ALA B 161 -11.35 -13.48 -37.92
N PHE B 162 -10.88 -14.73 -37.80
CA PHE B 162 -10.41 -15.31 -36.53
C PHE B 162 -9.15 -16.10 -36.81
N TYR B 163 -8.32 -16.33 -35.77
CA TYR B 163 -7.07 -17.10 -35.88
C TYR B 163 -6.16 -16.54 -36.98
N GLY B 164 -6.07 -15.21 -37.04
CA GLY B 164 -5.27 -14.50 -38.04
C GLY B 164 -5.71 -14.66 -39.49
N GLY B 165 -6.99 -14.96 -39.71
CA GLY B 165 -7.51 -15.16 -41.06
C GLY B 165 -7.63 -16.62 -41.46
N ASN B 166 -7.59 -17.54 -40.48
CA ASN B 166 -7.75 -18.97 -40.77
C ASN B 166 -9.18 -19.48 -40.52
N LEU B 167 -10.04 -18.66 -39.93
CA LEU B 167 -11.42 -19.03 -39.68
C LEU B 167 -12.29 -17.78 -39.84
N TYR B 168 -13.47 -17.91 -40.43
CA TYR B 168 -14.38 -16.77 -40.62
C TYR B 168 -15.76 -17.13 -40.11
N LEU B 169 -16.38 -16.23 -39.37
CA LEU B 169 -17.74 -16.45 -38.88
C LEU B 169 -18.64 -15.32 -39.33
N MET B 170 -19.88 -15.65 -39.71
CA MET B 170 -20.87 -14.65 -40.08
C MET B 170 -21.86 -14.56 -38.94
N PHE B 171 -22.11 -13.35 -38.46
CA PHE B 171 -23.01 -13.11 -37.36
C PHE B 171 -24.27 -12.42 -37.90
N THR B 172 -25.43 -12.91 -37.50
CA THR B 172 -26.69 -12.26 -37.81
C THR B 172 -27.03 -11.53 -36.50
N LYS B 173 -27.06 -10.21 -36.54
CA LYS B 173 -27.25 -9.36 -35.37
C LYS B 173 -28.59 -8.67 -35.37
N LYS B 174 -29.22 -8.54 -34.20
CA LYS B 174 -30.48 -7.83 -34.06
C LYS B 174 -30.17 -6.65 -33.16
N THR B 175 -30.27 -5.42 -33.68
CA THR B 175 -29.89 -4.23 -32.92
C THR B 175 -31.10 -3.39 -32.51
N TYR B 176 -31.19 -3.02 -31.22
CA TYR B 176 -32.25 -2.16 -30.68
C TYR B 176 -31.63 -0.85 -30.25
N THR B 177 -32.23 0.27 -30.64
CA THR B 177 -31.67 1.59 -30.30
C THR B 177 -32.49 2.38 -29.29
N ASP B 178 -33.64 1.86 -28.85
CA ASP B 178 -34.41 2.52 -27.80
C ASP B 178 -34.13 1.74 -26.49
N VAL B 179 -33.11 2.15 -25.74
CA VAL B 179 -32.71 1.49 -24.50
C VAL B 179 -32.74 2.54 -23.40
N ARG B 180 -33.68 2.41 -22.47
CA ARG B 180 -33.95 3.43 -21.47
C ARG B 180 -33.35 3.15 -20.10
N LEU B 181 -32.86 4.19 -19.44
CA LEU B 181 -32.28 4.11 -18.11
C LEU B 181 -33.39 3.81 -17.11
N VAL B 182 -33.22 2.75 -16.33
CA VAL B 182 -34.23 2.31 -15.36
C VAL B 182 -33.77 2.57 -13.93
N GLY B 183 -32.53 2.23 -13.66
CA GLY B 183 -32.00 2.38 -12.32
C GLY B 183 -30.49 2.38 -12.25
N ALA B 184 -29.96 3.05 -11.25
CA ALA B 184 -28.53 3.13 -11.03
C ALA B 184 -28.30 3.46 -9.57
N PRO B 185 -27.32 2.79 -8.94
CA PRO B 185 -26.99 3.16 -7.56
C PRO B 185 -26.25 4.50 -7.55
N PRO B 186 -26.11 5.16 -6.37
CA PRO B 186 -25.27 6.37 -6.32
C PRO B 186 -23.82 6.03 -6.72
N SER B 187 -23.01 7.03 -7.14
CA SER B 187 -21.62 6.75 -7.49
C SER B 187 -20.79 6.24 -6.32
N SER B 188 -21.24 6.47 -5.09
CA SER B 188 -20.55 5.94 -3.91
C SER B 188 -20.62 4.39 -3.87
N ILE B 189 -21.63 3.79 -4.53
CA ILE B 189 -21.73 2.34 -4.62
C ILE B 189 -21.18 1.87 -5.97
N GLY B 190 -21.68 2.46 -7.05
CA GLY B 190 -21.32 2.14 -8.43
C GLY B 190 -19.85 2.30 -8.76
N LYS B 191 -19.17 3.19 -8.03
CA LYS B 191 -17.76 3.44 -8.25
C LYS B 191 -17.02 3.64 -6.93
N PHE B 192 -17.38 2.87 -5.87
CA PHE B 192 -16.81 2.98 -4.53
C PHE B 192 -15.29 3.14 -4.49
N GLY B 193 -14.54 2.24 -5.09
CA GLY B 193 -13.08 2.35 -5.05
C GLY B 193 -12.52 3.52 -5.84
N ALA B 194 -13.29 3.98 -6.84
CA ALA B 194 -13.00 5.03 -7.80
C ALA B 194 -11.61 4.73 -8.49
N ASP B 195 -10.52 5.52 -8.33
CA ASP B 195 -9.26 5.22 -8.98
C ASP B 195 -8.33 4.41 -8.10
N THR B 196 -8.41 4.59 -6.76
CA THR B 196 -7.56 3.83 -5.83
C THR B 196 -7.76 2.31 -5.95
N ASP B 197 -9.03 1.88 -6.06
CA ASP B 197 -9.32 0.44 -6.17
C ASP B 197 -9.45 -0.06 -7.61
N ASN B 198 -9.11 0.74 -8.63
CA ASN B 198 -9.17 0.27 -10.01
C ASN B 198 -8.13 -0.81 -10.24
N TRP B 199 -8.53 -1.92 -10.87
CA TRP B 199 -7.68 -3.12 -11.10
C TRP B 199 -7.34 -3.80 -9.77
N ILE B 200 -8.07 -3.53 -8.67
CA ILE B 200 -7.71 -4.09 -7.37
C ILE B 200 -8.66 -5.15 -6.87
N TRP B 201 -8.10 -6.24 -6.39
CA TRP B 201 -8.80 -7.26 -5.64
C TRP B 201 -8.05 -7.35 -4.30
N PRO B 202 -8.70 -7.37 -3.11
CA PRO B 202 -10.15 -7.33 -2.85
C PRO B 202 -10.83 -6.06 -3.36
N ARG B 203 -12.10 -6.17 -3.77
CA ARG B 203 -12.85 -5.04 -4.31
C ARG B 203 -14.22 -4.97 -3.64
N HIS B 204 -14.71 -3.77 -3.35
CA HIS B 204 -15.97 -3.55 -2.64
C HIS B 204 -16.94 -2.64 -3.40
N THR B 205 -16.88 -2.68 -4.72
CA THR B 205 -17.65 -1.81 -5.60
C THR B 205 -18.90 -2.48 -6.16
N GLY B 206 -20.05 -1.84 -5.98
CA GLY B 206 -21.32 -2.33 -6.53
C GLY B 206 -21.53 -1.79 -7.93
N ASP B 207 -20.64 -2.19 -8.84
CA ASP B 207 -20.59 -1.71 -10.22
C ASP B 207 -21.69 -2.27 -11.10
N PHE B 208 -22.89 -1.68 -10.99
CA PHE B 208 -24.04 -2.07 -11.81
C PHE B 208 -24.93 -0.85 -12.17
N SER B 209 -25.72 -0.99 -13.23
CA SER B 209 -26.74 -0.07 -13.70
C SER B 209 -27.80 -0.88 -14.45
N ILE B 210 -29.00 -0.36 -14.52
CA ILE B 210 -30.17 -1.06 -15.07
C ILE B 210 -30.80 -0.27 -16.20
N PHE B 211 -31.05 -0.94 -17.31
CA PHE B 211 -31.65 -0.37 -18.50
C PHE B 211 -32.84 -1.24 -18.95
N ARG B 212 -33.57 -0.81 -19.98
CA ARG B 212 -34.66 -1.59 -20.52
C ARG B 212 -34.73 -1.40 -22.01
N ILE B 213 -34.85 -2.50 -22.74
CA ILE B 213 -34.97 -2.45 -24.17
C ILE B 213 -36.42 -2.21 -24.56
N TYR B 214 -36.64 -1.19 -25.39
CA TYR B 214 -37.96 -0.87 -25.93
C TYR B 214 -37.97 -1.21 -27.43
N ALA B 215 -39.14 -1.58 -27.94
CA ALA B 215 -39.31 -2.00 -29.33
C ALA B 215 -40.75 -1.63 -29.83
N ASP B 216 -41.07 -1.85 -31.12
CA ASP B 216 -42.42 -1.59 -31.62
C ASP B 216 -43.41 -2.64 -31.03
N LYS B 217 -44.69 -2.59 -31.42
CA LYS B 217 -45.72 -3.50 -30.94
C LYS B 217 -45.43 -4.99 -31.17
N ASN B 218 -44.59 -5.31 -32.17
CA ASN B 218 -44.26 -6.72 -32.45
C ASN B 218 -42.88 -7.15 -31.95
N GLY B 219 -42.27 -6.37 -31.07
CA GLY B 219 -40.95 -6.69 -30.55
C GLY B 219 -39.82 -6.44 -31.54
N ASN B 220 -40.09 -5.71 -32.62
CA ASN B 220 -39.08 -5.41 -33.62
C ASN B 220 -38.36 -4.11 -33.28
N PRO B 221 -37.05 -4.05 -33.60
CA PRO B 221 -36.30 -2.81 -33.32
C PRO B 221 -36.91 -1.57 -33.93
N ALA B 222 -36.85 -0.46 -33.17
CA ALA B 222 -37.38 0.81 -33.61
C ALA B 222 -36.61 1.92 -32.90
N PRO B 223 -36.31 3.04 -33.59
CA PRO B 223 -35.67 4.16 -32.90
C PRO B 223 -36.59 4.73 -31.82
N TYR B 224 -36.07 5.60 -30.92
CA TYR B 224 -36.93 6.16 -29.85
C TYR B 224 -38.28 6.72 -30.35
N SER B 225 -39.36 6.26 -29.73
CA SER B 225 -40.71 6.71 -29.99
C SER B 225 -41.52 6.58 -28.69
N GLU B 226 -42.40 7.57 -28.43
CA GLU B 226 -43.26 7.55 -27.25
C GLU B 226 -44.23 6.35 -27.28
N ASP B 227 -44.52 5.80 -28.47
CA ASP B 227 -45.38 4.64 -28.67
C ASP B 227 -44.66 3.29 -28.48
N ASN B 228 -43.33 3.31 -28.21
CA ASN B 228 -42.58 2.06 -28.01
C ASN B 228 -42.96 1.37 -26.72
N VAL B 229 -42.94 0.05 -26.76
CA VAL B 229 -43.34 -0.85 -25.67
C VAL B 229 -42.14 -1.74 -25.27
N PRO B 230 -42.00 -2.10 -23.97
CA PRO B 230 -40.87 -2.97 -23.57
C PRO B 230 -40.79 -4.25 -24.40
N LEU B 231 -39.56 -4.67 -24.70
CA LEU B 231 -39.33 -5.86 -25.49
C LEU B 231 -39.62 -7.11 -24.67
N LYS B 232 -40.38 -8.06 -25.21
CA LYS B 232 -40.62 -9.32 -24.53
C LYS B 232 -39.57 -10.24 -25.17
N PRO B 233 -38.42 -10.48 -24.51
CA PRO B 233 -37.37 -11.28 -25.14
C PRO B 233 -37.70 -12.76 -25.19
N LYS B 234 -37.06 -13.49 -26.10
CA LYS B 234 -37.27 -14.93 -26.18
C LYS B 234 -36.54 -15.69 -25.06
N ARG B 235 -35.59 -15.03 -24.37
CA ARG B 235 -34.84 -15.64 -23.29
C ARG B 235 -34.28 -14.56 -22.35
N PHE B 236 -34.31 -14.85 -21.06
CA PHE B 236 -33.76 -13.97 -20.05
C PHE B 236 -33.13 -14.82 -18.92
N PHE B 237 -32.22 -14.21 -18.15
CA PHE B 237 -31.57 -14.92 -17.06
C PHE B 237 -32.44 -15.01 -15.82
N ASN B 238 -32.44 -16.16 -15.18
CA ASN B 238 -33.06 -16.30 -13.87
C ASN B 238 -32.01 -15.81 -12.85
N ILE B 239 -32.44 -15.13 -11.79
CA ILE B 239 -31.51 -14.63 -10.78
C ILE B 239 -31.38 -15.66 -9.68
N SER B 240 -30.14 -16.09 -9.36
CA SER B 240 -29.96 -17.02 -8.25
C SER B 240 -29.74 -16.28 -6.94
N LEU B 241 -30.37 -16.75 -5.87
CA LEU B 241 -30.08 -16.24 -4.53
C LEU B 241 -29.27 -17.25 -3.67
N GLY B 242 -28.83 -18.36 -4.27
CA GLY B 242 -28.04 -19.38 -3.58
C GLY B 242 -26.61 -18.96 -3.30
N GLY B 243 -26.15 -17.92 -3.98
CA GLY B 243 -24.80 -17.40 -3.78
C GLY B 243 -23.70 -18.24 -4.33
N VAL B 244 -22.47 -17.97 -3.85
CA VAL B 244 -21.28 -18.69 -4.29
C VAL B 244 -20.50 -19.19 -3.09
N GLN B 245 -19.77 -20.28 -3.31
CA GLN B 245 -18.84 -20.89 -2.37
C GLN B 245 -17.51 -21.07 -3.10
N GLU B 246 -16.43 -21.19 -2.35
CA GLU B 246 -15.10 -21.44 -2.90
C GLU B 246 -15.11 -22.74 -3.73
N ASN B 247 -14.53 -22.68 -4.95
CA ASN B 247 -14.44 -23.79 -5.91
C ASN B 247 -15.69 -24.02 -6.73
N ASP B 248 -16.75 -23.22 -6.54
CA ASP B 248 -17.96 -23.35 -7.34
C ASP B 248 -17.66 -23.10 -8.81
N TYR B 249 -18.31 -23.84 -9.69
CA TYR B 249 -18.19 -23.62 -11.12
C TYR B 249 -18.83 -22.27 -11.45
N ALA B 250 -18.16 -21.49 -12.30
CA ALA B 250 -18.69 -20.21 -12.78
C ALA B 250 -18.34 -20.07 -14.27
N MET B 251 -19.24 -19.46 -15.04
CA MET B 251 -19.00 -19.23 -16.44
C MET B 251 -19.50 -17.87 -16.87
N ILE B 252 -18.91 -17.33 -17.93
CA ILE B 252 -19.26 -16.03 -18.43
C ILE B 252 -19.44 -16.07 -19.94
N MET B 253 -20.37 -15.26 -20.43
CA MET B 253 -20.55 -15.02 -21.84
C MET B 253 -20.42 -13.50 -22.02
N GLY B 254 -19.73 -13.09 -23.07
CA GLY B 254 -19.52 -11.67 -23.30
C GLY B 254 -18.73 -11.36 -24.53
N PHE B 255 -18.29 -10.10 -24.65
CA PHE B 255 -17.60 -9.64 -25.85
C PHE B 255 -16.18 -9.15 -25.55
N PRO B 256 -15.21 -10.05 -25.26
CA PRO B 256 -13.85 -9.58 -25.04
C PRO B 256 -13.30 -8.91 -26.30
N GLY B 257 -12.66 -7.76 -26.11
CA GLY B 257 -12.18 -6.92 -27.19
C GLY B 257 -10.94 -7.40 -27.90
N THR B 258 -9.79 -7.43 -27.21
CA THR B 258 -8.53 -7.80 -27.86
C THR B 258 -7.64 -8.61 -26.94
N THR B 259 -6.92 -9.57 -27.52
CA THR B 259 -5.88 -10.33 -26.83
C THR B 259 -4.71 -10.46 -27.82
N HIS B 260 -3.55 -10.89 -27.34
CA HIS B 260 -2.37 -11.07 -28.17
C HIS B 260 -1.71 -12.38 -27.76
N ARG B 261 -2.49 -13.47 -27.79
CA ARG B 261 -2.10 -14.81 -27.39
C ARG B 261 -1.07 -15.44 -28.33
N TYR B 262 -0.99 -14.95 -29.58
CA TYR B 262 -0.06 -15.53 -30.54
C TYR B 262 1.13 -14.63 -30.83
N PHE B 263 1.49 -13.74 -29.88
CA PHE B 263 2.65 -12.87 -29.99
C PHE B 263 3.90 -13.72 -30.06
N THR B 264 4.89 -13.30 -30.84
CA THR B 264 6.18 -13.99 -30.83
C THR B 264 6.93 -13.49 -29.57
N ALA B 265 8.04 -14.15 -29.21
CA ALA B 265 8.86 -13.70 -28.10
C ALA B 265 9.40 -12.29 -28.36
N SER B 266 9.73 -11.97 -29.64
CA SER B 266 10.21 -10.63 -30.01
C SER B 266 9.13 -9.55 -29.86
N GLU B 267 7.86 -9.91 -30.06
CA GLU B 267 6.75 -8.99 -29.87
C GLU B 267 6.52 -8.74 -28.36
N VAL B 268 6.75 -9.75 -27.51
CA VAL B 268 6.68 -9.57 -26.06
C VAL B 268 7.80 -8.59 -25.63
N ASP B 269 9.02 -8.77 -26.17
CA ASP B 269 10.16 -7.88 -25.84
C ASP B 269 9.89 -6.45 -26.27
N GLU B 270 9.28 -6.29 -27.45
CA GLU B 270 8.95 -4.97 -27.98
C GLU B 270 7.88 -4.31 -27.11
N TRP B 271 6.86 -5.07 -26.71
CA TRP B 271 5.77 -4.58 -25.88
C TRP B 271 6.31 -4.08 -24.53
N LYS B 272 7.24 -4.83 -23.93
CA LYS B 272 7.87 -4.43 -22.67
C LYS B 272 8.80 -3.22 -22.85
N SER B 273 9.84 -3.35 -23.70
CA SER B 273 10.93 -2.39 -23.83
C SER B 273 10.60 -1.11 -24.55
N ILE B 274 9.56 -1.12 -25.39
CA ILE B 274 9.17 0.09 -26.08
C ILE B 274 7.83 0.61 -25.50
N ASP B 275 6.70 -0.03 -25.86
CA ASP B 275 5.37 0.39 -25.47
C ASP B 275 5.22 0.65 -23.98
N ASN B 276 5.49 -0.36 -23.15
CA ASN B 276 5.29 -0.24 -21.71
C ASN B 276 6.31 0.63 -21.00
N ASP B 277 7.62 0.42 -21.25
CA ASP B 277 8.65 1.21 -20.58
C ASP B 277 8.53 2.70 -20.88
N ILE B 278 8.19 3.06 -22.12
CA ILE B 278 8.05 4.47 -22.49
C ILE B 278 6.81 5.07 -21.84
N ARG B 279 5.66 4.37 -21.91
CA ARG B 279 4.42 4.82 -21.28
C ARG B 279 4.63 5.00 -19.76
N ILE B 280 5.29 4.04 -19.11
CA ILE B 280 5.57 4.09 -17.67
C ILE B 280 6.46 5.28 -17.34
N ARG B 281 7.58 5.40 -18.04
CA ARG B 281 8.52 6.49 -17.79
C ARG B 281 7.90 7.87 -18.02
N MET B 282 7.24 8.06 -19.17
CA MET B 282 6.66 9.37 -19.49
C MET B 282 5.49 9.74 -18.60
N ARG B 283 4.61 8.78 -18.31
CA ARG B 283 3.47 9.05 -17.45
C ARG B 283 3.89 9.28 -16.01
N ASP B 284 4.95 8.61 -15.54
CA ASP B 284 5.45 8.86 -14.18
C ASP B 284 5.94 10.31 -14.05
N ILE B 285 6.63 10.83 -15.07
CA ILE B 285 7.10 12.21 -15.06
C ILE B 285 5.90 13.18 -15.07
N ARG B 286 4.96 12.96 -15.99
CA ARG B 286 3.78 13.81 -16.15
C ARG B 286 2.94 13.86 -14.87
N GLN B 287 2.62 12.67 -14.32
CA GLN B 287 1.83 12.51 -13.11
C GLN B 287 2.53 13.10 -11.89
N GLY B 288 3.86 12.96 -11.83
CA GLY B 288 4.65 13.52 -10.73
C GLY B 288 4.54 15.03 -10.66
N VAL B 289 4.70 15.73 -11.80
CA VAL B 289 4.58 17.18 -11.82
C VAL B 289 3.14 17.60 -11.49
N MET B 290 2.17 16.92 -12.10
CA MET B 290 0.75 17.17 -11.90
C MET B 290 0.34 17.03 -10.42
N LEU B 291 0.74 15.94 -9.76
CA LEU B 291 0.44 15.67 -8.36
C LEU B 291 1.02 16.76 -7.45
N ARG B 292 2.29 17.16 -7.67
CA ARG B 292 2.93 18.24 -6.91
C ARG B 292 2.08 19.52 -6.98
N GLU B 293 1.61 19.88 -8.19
CA GLU B 293 0.84 21.09 -8.39
C GLU B 293 -0.56 20.98 -7.79
N MET B 294 -1.17 19.80 -7.87
CA MET B 294 -2.50 19.59 -7.31
C MET B 294 -2.48 19.63 -5.78
N LEU B 295 -1.44 19.06 -5.15
CA LEU B 295 -1.31 19.07 -3.68
C LEU B 295 -0.97 20.45 -3.12
N ALA B 296 -0.38 21.33 -3.94
CA ALA B 296 0.00 22.66 -3.48
C ALA B 296 -1.12 23.71 -3.68
N ASP B 297 -2.04 23.48 -4.61
CA ASP B 297 -3.12 24.42 -4.89
C ASP B 297 -4.43 23.68 -5.02
N PRO B 298 -5.38 23.93 -4.11
CA PRO B 298 -6.69 23.23 -4.20
C PRO B 298 -7.46 23.49 -5.50
N GLN B 299 -7.25 24.66 -6.13
CA GLN B 299 -7.90 24.97 -7.39
C GLN B 299 -7.27 24.13 -8.52
N ILE B 300 -5.94 23.93 -8.49
CA ILE B 300 -5.25 23.09 -9.48
C ILE B 300 -5.70 21.62 -9.36
N LYS B 301 -5.96 21.15 -8.13
CA LYS B 301 -6.45 19.80 -7.88
C LYS B 301 -7.83 19.62 -8.55
N ILE B 302 -8.70 20.63 -8.45
CA ILE B 302 -10.03 20.58 -9.07
C ILE B 302 -9.91 20.52 -10.59
N MET B 303 -9.06 21.37 -11.16
CA MET B 303 -8.90 21.43 -12.61
C MET B 303 -8.20 20.22 -13.24
N TYR B 304 -7.22 19.63 -12.53
CA TYR B 304 -6.44 18.54 -13.09
C TYR B 304 -6.74 17.14 -12.58
N SER B 305 -7.77 16.96 -11.72
CA SER B 305 -8.10 15.64 -11.18
C SER B 305 -8.50 14.61 -12.22
N ALA B 306 -9.35 15.00 -13.18
CA ALA B 306 -9.77 14.06 -14.22
C ALA B 306 -8.61 13.73 -15.17
N LYS B 307 -7.78 14.72 -15.51
CA LYS B 307 -6.63 14.53 -16.40
C LYS B 307 -5.60 13.59 -15.75
N TYR B 308 -5.37 13.75 -14.45
CA TYR B 308 -4.44 12.93 -13.69
C TYR B 308 -4.95 11.48 -13.66
N ALA B 309 -6.25 11.30 -13.37
CA ALA B 309 -6.88 9.97 -13.30
C ALA B 309 -6.84 9.27 -14.65
N ALA B 310 -7.14 9.99 -15.75
CA ALA B 310 -7.12 9.41 -17.09
C ALA B 310 -5.71 8.90 -17.46
N SER B 311 -4.67 9.64 -17.06
CA SER B 311 -3.29 9.26 -17.34
C SER B 311 -2.89 8.00 -16.53
N GLN B 312 -3.33 7.93 -15.26
CA GLN B 312 -3.04 6.82 -14.35
C GLN B 312 -3.62 5.48 -14.78
N ASN B 313 -4.74 5.49 -15.54
CA ASN B 313 -5.41 4.26 -15.96
C ASN B 313 -4.51 3.30 -16.78
N ALA B 314 -3.96 3.78 -17.92
CA ALA B 314 -3.09 2.92 -18.75
C ALA B 314 -1.67 2.81 -18.15
N TYR B 315 -1.28 3.77 -17.28
CA TYR B 315 -0.02 3.72 -16.55
C TYR B 315 -0.03 2.46 -15.65
N LYS B 316 -1.11 2.27 -14.86
CA LYS B 316 -1.22 1.09 -13.98
C LYS B 316 -1.29 -0.21 -14.78
N ARG B 317 -1.92 -0.16 -15.96
CA ARG B 317 -2.03 -1.34 -16.83
C ARG B 317 -0.64 -1.75 -17.30
N ALA B 318 0.17 -0.77 -17.71
CA ALA B 318 1.52 -1.01 -18.19
C ALA B 318 2.41 -1.58 -17.09
N ILE B 319 2.23 -1.11 -15.83
CA ILE B 319 2.97 -1.61 -14.65
C ILE B 319 2.61 -3.08 -14.43
N GLY B 320 1.30 -3.39 -14.44
CA GLY B 320 0.84 -4.75 -14.25
C GLY B 320 1.31 -5.70 -15.34
N ALA B 321 1.36 -5.20 -16.59
CA ALA B 321 1.79 -6.01 -17.73
C ALA B 321 3.28 -6.30 -17.62
N ASN B 322 4.09 -5.28 -17.26
CA ASN B 322 5.52 -5.46 -17.10
C ASN B 322 5.87 -6.38 -15.92
N TRP B 323 5.02 -6.40 -14.88
CA TRP B 323 5.23 -7.33 -13.77
C TRP B 323 5.07 -8.77 -14.27
N ALA B 324 4.09 -9.02 -15.14
CA ALA B 324 3.88 -10.38 -15.68
C ALA B 324 5.03 -10.78 -16.59
N ILE B 325 5.50 -9.88 -17.44
CA ILE B 325 6.62 -10.18 -18.34
C ILE B 325 7.87 -10.53 -17.55
N LYS B 326 8.12 -9.79 -16.47
CA LYS B 326 9.28 -10.02 -15.62
C LYS B 326 9.19 -11.28 -14.77
N THR B 327 8.02 -11.55 -14.16
CA THR B 327 7.90 -12.63 -13.20
C THR B 327 7.21 -13.92 -13.66
N ARG B 328 6.40 -13.86 -14.72
CA ARG B 328 5.64 -15.04 -15.15
C ARG B 328 6.18 -15.72 -16.40
N GLY B 329 7.36 -15.32 -16.86
CA GLY B 329 8.03 -15.90 -18.02
C GLY B 329 7.24 -15.84 -19.30
N LEU B 330 6.60 -14.70 -19.60
CA LEU B 330 5.78 -14.58 -20.81
C LEU B 330 6.61 -14.70 -22.08
N ARG B 331 7.78 -14.06 -22.11
CA ARG B 331 8.64 -14.12 -23.29
C ARG B 331 9.14 -15.54 -23.54
N GLN B 332 9.55 -16.23 -22.48
CA GLN B 332 10.05 -17.60 -22.52
C GLN B 332 8.98 -18.57 -23.00
N ASN B 333 7.71 -18.37 -22.59
CA ASN B 333 6.64 -19.27 -23.01
C ASN B 333 6.29 -19.08 -24.49
N LYS B 334 6.40 -17.85 -25.02
CA LYS B 334 6.16 -17.62 -26.45
C LYS B 334 7.32 -18.24 -27.26
N GLN B 335 8.55 -18.13 -26.75
CA GLN B 335 9.75 -18.68 -27.36
C GLN B 335 9.62 -20.20 -27.45
N ALA B 336 9.18 -20.85 -26.37
CA ALA B 336 8.99 -22.32 -26.36
C ALA B 336 7.90 -22.75 -27.35
N MET B 337 6.82 -21.96 -27.46
CA MET B 337 5.70 -22.23 -28.37
C MET B 337 6.18 -22.18 -29.83
N GLN B 338 6.95 -21.13 -30.19
CA GLN B 338 7.44 -21.01 -31.56
C GLN B 338 8.54 -22.03 -31.87
N ASP B 339 9.38 -22.40 -30.87
CA ASP B 339 10.42 -23.41 -31.09
C ASP B 339 9.82 -24.80 -31.31
N ARG B 340 8.69 -25.10 -30.65
CA ARG B 340 7.98 -26.36 -30.80
C ARG B 340 7.37 -26.46 -32.21
N LEU B 341 6.82 -25.34 -32.73
CA LEU B 341 6.29 -25.32 -34.08
C LEU B 341 7.41 -25.46 -35.13
N ILE B 342 8.55 -24.79 -34.92
CA ILE B 342 9.68 -24.85 -35.83
C ILE B 342 10.27 -26.26 -35.89
N ALA B 343 10.33 -26.96 -34.74
CA ALA B 343 10.83 -28.34 -34.69
C ALA B 343 9.87 -29.28 -35.41
N TRP B 344 8.57 -29.07 -35.24
CA TRP B 344 7.54 -29.89 -35.89
C TRP B 344 7.51 -29.65 -37.40
N GLY B 345 7.71 -28.40 -37.81
CA GLY B 345 7.77 -28.03 -39.22
C GLY B 345 8.99 -28.64 -39.91
N ALA B 346 10.11 -28.75 -39.19
CA ALA B 346 11.34 -29.35 -39.71
C ALA B 346 11.14 -30.85 -39.95
N LYS B 347 10.42 -31.51 -39.03
CA LYS B 347 10.11 -32.93 -39.14
C LYS B 347 9.18 -33.18 -40.32
N GLN B 348 8.11 -32.37 -40.48
CA GLN B 348 7.16 -32.57 -41.59
C GLN B 348 7.68 -32.14 -42.97
N GLY B 349 8.82 -31.45 -43.01
CA GLY B 349 9.38 -30.97 -44.27
C GLY B 349 8.71 -29.71 -44.79
N THR B 350 8.08 -28.92 -43.89
CA THR B 350 7.40 -27.68 -44.28
C THR B 350 8.08 -26.48 -43.60
N PRO B 351 8.97 -25.77 -44.31
CA PRO B 351 9.71 -24.67 -43.67
C PRO B 351 8.97 -23.34 -43.56
N ARG B 352 7.73 -23.23 -44.06
CA ARG B 352 7.00 -21.97 -44.04
C ARG B 352 6.64 -21.43 -42.64
N TYR B 353 6.60 -22.29 -41.61
CA TYR B 353 6.28 -21.84 -40.25
C TYR B 353 7.47 -21.11 -39.64
N GLU B 354 8.67 -21.67 -39.84
CA GLU B 354 9.90 -21.04 -39.37
C GLU B 354 10.15 -19.73 -40.13
N GLU B 355 9.83 -19.71 -41.43
CA GLU B 355 9.97 -18.51 -42.26
C GLU B 355 9.02 -17.42 -41.78
N ALA B 356 7.80 -17.80 -41.36
CA ALA B 356 6.80 -16.86 -40.85
C ALA B 356 7.26 -16.22 -39.53
N VAL B 357 7.79 -17.02 -38.58
CA VAL B 357 8.32 -16.50 -37.31
C VAL B 357 9.51 -15.57 -37.60
N HIS B 358 10.39 -15.98 -38.53
CA HIS B 358 11.53 -15.16 -38.96
C HIS B 358 11.07 -13.80 -39.52
N GLU B 359 10.00 -13.77 -40.34
CA GLU B 359 9.50 -12.53 -40.91
C GLU B 359 8.99 -11.59 -39.81
N ILE B 360 8.31 -12.15 -38.79
CA ILE B 360 7.82 -11.35 -37.68
C ILE B 360 9.00 -10.77 -36.90
N ASP B 361 10.00 -11.61 -36.56
CA ASP B 361 11.19 -11.16 -35.83
C ASP B 361 11.94 -10.06 -36.59
N ALA B 362 12.14 -10.25 -37.91
CA ALA B 362 12.85 -9.28 -38.74
C ALA B 362 12.07 -7.97 -38.83
N THR B 363 10.75 -8.05 -38.92
CA THR B 363 9.91 -6.85 -39.02
C THR B 363 9.93 -6.07 -37.71
N VAL B 364 9.87 -6.80 -36.57
CA VAL B 364 9.92 -6.17 -35.25
C VAL B 364 11.28 -5.48 -35.06
N ALA B 365 12.37 -6.17 -35.41
CA ALA B 365 13.72 -5.60 -35.29
C ALA B 365 13.91 -4.39 -36.20
N LYS B 366 13.38 -4.43 -37.43
CA LYS B 366 13.51 -3.33 -38.36
C LYS B 366 12.77 -2.05 -37.92
N ARG B 367 11.56 -2.19 -37.35
CA ARG B 367 10.80 -1.02 -36.94
C ARG B 367 11.13 -0.47 -35.55
N ALA B 368 12.09 -1.07 -34.83
CA ALA B 368 12.41 -0.71 -33.44
C ALA B 368 12.66 0.79 -33.18
N ASP B 369 13.53 1.44 -33.96
CA ASP B 369 13.83 2.85 -33.74
C ASP B 369 12.63 3.74 -34.04
N LEU B 370 11.94 3.48 -35.14
CA LEU B 370 10.75 4.25 -35.52
C LEU B 370 9.65 4.12 -34.45
N ARG B 371 9.40 2.90 -33.96
CA ARG B 371 8.39 2.64 -32.93
C ARG B 371 8.76 3.32 -31.62
N ARG B 372 10.06 3.32 -31.27
CA ARG B 372 10.55 4.01 -30.07
C ARG B 372 10.29 5.52 -30.22
N ARG B 373 10.59 6.08 -31.39
CA ARG B 373 10.36 7.50 -31.65
C ARG B 373 8.86 7.86 -31.62
N TYR B 374 8.01 6.96 -32.09
CA TYR B 374 6.56 7.16 -32.11
C TYR B 374 5.98 7.17 -30.68
N TRP B 375 6.35 6.20 -29.87
CA TRP B 375 5.90 6.13 -28.48
C TRP B 375 6.47 7.29 -27.67
N MET B 376 7.72 7.69 -27.94
CA MET B 376 8.33 8.81 -27.22
C MET B 376 7.57 10.11 -27.49
N ILE B 377 7.21 10.36 -28.76
CA ILE B 377 6.49 11.59 -29.09
C ILE B 377 5.02 11.52 -28.64
N GLU B 378 4.38 10.36 -28.76
CA GLU B 378 2.98 10.22 -28.35
C GLU B 378 2.81 10.36 -26.82
N GLU B 379 3.59 9.62 -26.04
CA GLU B 379 3.49 9.70 -24.58
C GLU B 379 4.10 11.00 -24.04
N GLY B 380 5.23 11.41 -24.63
CA GLY B 380 5.94 12.57 -24.16
C GLY B 380 5.35 13.91 -24.52
N ILE B 381 4.83 14.04 -25.74
CA ILE B 381 4.34 15.33 -26.22
C ILE B 381 2.86 15.34 -26.58
N ILE B 382 2.40 14.44 -27.47
CA ILE B 382 1.01 14.40 -27.93
C ILE B 382 0.03 14.30 -26.75
N ARG B 383 0.23 13.34 -25.83
CA ARG B 383 -0.65 13.30 -24.65
C ARG B 383 0.02 13.91 -23.40
N GLY B 384 1.35 14.09 -23.41
CA GLY B 384 2.06 14.64 -22.25
C GLY B 384 1.98 16.14 -22.07
N ILE B 385 1.96 16.91 -23.17
CA ILE B 385 1.96 18.36 -23.10
C ILE B 385 0.67 18.96 -23.67
N GLU B 386 -0.09 19.67 -22.85
CA GLU B 386 -1.36 20.26 -23.29
C GLU B 386 -1.23 21.25 -24.44
N PHE B 387 -0.18 22.11 -24.44
CA PHE B 387 -0.02 23.08 -25.52
C PHE B 387 0.38 22.44 -26.86
N ALA B 388 0.56 21.10 -26.91
CA ALA B 388 0.76 20.40 -28.18
C ALA B 388 -0.59 20.40 -28.94
N ARG B 389 -1.73 20.37 -28.21
CA ARG B 389 -3.04 20.41 -28.82
C ARG B 389 -3.63 21.84 -28.81
N SER B 390 -2.77 22.85 -28.92
CA SER B 390 -3.19 24.24 -29.00
C SER B 390 -3.64 24.54 -30.47
N PRO B 391 -4.36 25.65 -30.73
CA PRO B 391 -4.87 25.87 -32.10
C PRO B 391 -3.82 26.01 -33.20
N ILE B 392 -4.08 25.37 -34.34
CA ILE B 392 -3.22 25.48 -35.52
C ILE B 392 -4.12 26.04 -36.64
N PRO B 393 -3.80 27.22 -37.15
CA PRO B 393 -4.63 27.80 -38.22
C PRO B 393 -4.72 26.89 -39.46
N THR B 394 -5.95 26.64 -39.92
CA THR B 394 -6.19 25.79 -41.09
C THR B 394 -5.73 26.48 -42.41
N GLU B 395 -5.82 25.79 -43.55
CA GLU B 395 -5.51 26.38 -44.85
C GLU B 395 -6.59 27.42 -45.21
N ASP B 396 -7.88 27.14 -44.86
CA ASP B 396 -8.99 28.04 -45.12
C ASP B 396 -8.90 29.30 -44.24
N GLU B 397 -8.41 29.15 -42.99
CA GLU B 397 -8.28 30.28 -42.07
C GLU B 397 -7.14 31.21 -42.48
N THR B 398 -6.04 30.65 -43.01
CA THR B 398 -4.94 31.49 -43.48
C THR B 398 -5.35 32.20 -44.79
N LYS B 399 -6.16 31.53 -45.64
CA LYS B 399 -6.66 32.12 -46.88
C LYS B 399 -7.97 32.85 -46.57
N ALA B 400 -7.93 33.71 -45.55
CA ALA B 400 -9.04 34.54 -45.08
C ALA B 400 -8.44 35.77 -44.36
N LEU B 401 -7.41 35.55 -43.54
CA LEU B 401 -6.72 36.65 -42.86
C LEU B 401 -5.77 37.40 -43.81
N GLN B 402 -5.36 36.76 -44.93
CA GLN B 402 -4.48 37.32 -45.96
C GLN B 402 -4.37 36.35 -47.14
N ALA B 406 -13.41 38.75 -49.91
CA ALA B 406 -14.37 38.66 -48.80
C ALA B 406 -13.81 39.23 -47.50
N SER B 407 -14.69 39.58 -46.55
CA SER B 407 -14.23 40.06 -45.23
C SER B 407 -14.43 38.97 -44.17
N ALA B 408 -14.16 37.71 -44.56
CA ALA B 408 -14.28 36.57 -43.66
C ALA B 408 -13.09 36.47 -42.68
N ARG B 409 -12.37 37.59 -42.46
CA ARG B 409 -11.28 37.72 -41.51
C ARG B 409 -11.86 37.52 -40.10
N LYS B 410 -13.06 38.07 -39.84
CA LYS B 410 -13.78 37.95 -38.57
C LYS B 410 -14.24 36.51 -38.35
N GLU B 411 -14.64 35.80 -39.42
CA GLU B 411 -15.08 34.41 -39.35
C GLU B 411 -13.86 33.52 -39.02
N ALA B 412 -12.72 33.80 -39.65
CA ALA B 412 -11.48 33.06 -39.41
C ALA B 412 -11.02 33.26 -37.96
N ILE B 413 -11.15 34.49 -37.43
CA ILE B 413 -10.78 34.84 -36.07
C ILE B 413 -11.73 34.22 -35.06
N ASP B 414 -13.03 34.15 -35.39
CA ASP B 414 -14.03 33.56 -34.48
C ASP B 414 -13.84 32.04 -34.38
N LYS B 415 -13.40 31.39 -35.46
CA LYS B 415 -13.15 29.95 -35.45
C LYS B 415 -11.88 29.63 -34.66
N ILE B 416 -10.84 30.48 -34.81
CA ILE B 416 -9.60 30.33 -34.07
C ILE B 416 -9.82 30.61 -32.57
N ARG B 417 -10.67 31.61 -32.26
CA ARG B 417 -11.04 31.98 -30.88
C ARG B 417 -11.76 30.83 -30.19
N THR B 418 -12.66 30.14 -30.92
CA THR B 418 -13.41 29.01 -30.37
C THR B 418 -12.46 27.89 -29.95
N ARG B 419 -11.46 27.58 -30.79
CA ARG B 419 -10.48 26.55 -30.50
C ARG B 419 -9.52 26.99 -29.39
N TYR B 420 -9.22 28.29 -29.29
CA TYR B 420 -8.37 28.80 -28.23
C TYR B 420 -9.11 28.65 -26.89
N SER B 421 -10.40 28.98 -26.86
CA SER B 421 -11.25 28.89 -25.67
C SER B 421 -11.43 27.44 -25.20
N LYS B 422 -11.39 26.48 -26.13
CA LYS B 422 -11.50 25.06 -25.80
C LYS B 422 -10.16 24.55 -25.24
N PHE B 423 -9.02 25.05 -25.76
CA PHE B 423 -7.69 24.68 -25.30
C PHE B 423 -7.44 25.28 -23.90
N ALA B 424 -7.59 26.60 -23.77
CA ALA B 424 -7.40 27.30 -22.53
C ALA B 424 -8.75 27.40 -21.80
N ASN B 425 -9.36 26.26 -21.51
CA ASN B 425 -10.65 26.21 -20.83
C ASN B 425 -10.54 26.41 -19.30
N LYS B 426 -11.66 26.24 -18.56
CA LYS B 426 -11.72 26.41 -17.11
C LYS B 426 -10.78 25.48 -16.34
N ASP B 427 -10.39 24.34 -16.95
CA ASP B 427 -9.50 23.36 -16.35
C ASP B 427 -8.04 23.48 -16.79
N TYR B 428 -7.71 24.45 -17.66
CA TYR B 428 -6.35 24.60 -18.16
C TYR B 428 -5.53 25.61 -17.36
N SER B 429 -4.35 25.21 -16.92
CA SER B 429 -3.44 26.11 -16.23
C SER B 429 -2.16 26.21 -17.05
N ALA B 430 -1.84 27.41 -17.55
CA ALA B 430 -0.63 27.63 -18.34
C ALA B 430 0.62 27.41 -17.49
N GLU B 431 0.57 27.74 -16.19
CA GLU B 431 1.71 27.54 -15.30
C GLU B 431 1.95 26.06 -15.06
N VAL B 432 0.89 25.28 -14.86
CA VAL B 432 1.00 23.84 -14.67
C VAL B 432 1.51 23.21 -15.96
N ASP B 433 0.95 23.63 -17.12
CA ASP B 433 1.38 23.14 -18.41
C ASP B 433 2.84 23.43 -18.72
N LYS B 434 3.33 24.63 -18.38
CA LYS B 434 4.73 24.97 -18.59
C LYS B 434 5.64 24.06 -17.77
N LYS B 435 5.26 23.77 -16.52
CA LYS B 435 6.05 22.91 -15.63
C LYS B 435 6.05 21.49 -16.13
N VAL B 436 4.90 20.99 -16.59
CA VAL B 436 4.82 19.64 -17.15
C VAL B 436 5.68 19.56 -18.42
N ALA B 437 5.56 20.55 -19.32
CA ALA B 437 6.32 20.59 -20.56
C ALA B 437 7.81 20.63 -20.33
N VAL B 438 8.28 21.38 -19.31
CA VAL B 438 9.71 21.45 -19.03
C VAL B 438 10.24 20.07 -18.61
N ALA B 439 9.52 19.35 -17.75
CA ALA B 439 9.94 18.00 -17.33
C ALA B 439 9.82 16.98 -18.49
N MET B 440 8.71 17.01 -19.24
CA MET B 440 8.50 16.09 -20.36
C MET B 440 9.50 16.31 -21.50
N LEU B 441 9.75 17.56 -21.87
CA LEU B 441 10.68 17.87 -22.95
C LEU B 441 12.10 17.56 -22.56
N THR B 442 12.48 17.76 -21.28
CA THR B 442 13.82 17.41 -20.80
C THR B 442 14.09 15.92 -21.04
N GLU B 443 13.13 15.06 -20.68
CA GLU B 443 13.25 13.62 -20.91
C GLU B 443 13.25 13.29 -22.40
N TYR B 444 12.36 13.94 -23.18
CA TYR B 444 12.25 13.72 -24.62
C TYR B 444 13.54 14.05 -25.35
N LEU B 445 14.13 15.21 -25.05
CA LEU B 445 15.38 15.68 -25.66
C LEU B 445 16.60 14.81 -25.27
N LYS B 446 16.54 14.16 -24.12
CA LYS B 446 17.57 13.22 -23.69
C LYS B 446 17.46 11.91 -24.51
N GLU B 447 16.23 11.52 -24.89
CA GLU B 447 16.00 10.26 -25.62
C GLU B 447 16.02 10.35 -27.12
N ILE B 448 15.66 11.51 -27.67
CA ILE B 448 15.59 11.67 -29.11
C ILE B 448 16.72 12.55 -29.60
N PRO B 449 17.60 12.02 -30.47
CA PRO B 449 18.71 12.84 -30.96
C PRO B 449 18.25 13.99 -31.85
N TYR B 450 19.07 15.06 -31.92
CA TYR B 450 18.82 16.26 -32.71
C TYR B 450 18.27 16.01 -34.12
N GLU B 451 18.87 15.07 -34.86
CA GLU B 451 18.45 14.76 -36.23
C GLU B 451 17.06 14.12 -36.31
N ASN B 452 16.58 13.52 -35.22
CA ASN B 452 15.26 12.90 -35.18
C ASN B 452 14.18 13.78 -34.50
N LEU B 453 14.55 14.99 -34.07
CA LEU B 453 13.63 15.88 -33.36
C LEU B 453 12.63 16.52 -34.28
N PRO B 454 11.41 16.83 -33.79
CA PRO B 454 10.52 17.70 -34.57
C PRO B 454 11.24 19.06 -34.74
N LEU B 455 11.20 19.62 -35.95
CA LEU B 455 11.93 20.83 -36.33
C LEU B 455 11.96 21.95 -35.28
N HIS B 456 10.83 22.32 -34.68
CA HIS B 456 10.80 23.40 -33.69
C HIS B 456 11.61 23.10 -32.43
N LEU B 457 11.71 21.81 -32.06
CA LEU B 457 12.47 21.42 -30.88
C LEU B 457 13.99 21.54 -31.05
N ARG B 458 14.47 21.69 -32.30
CA ARG B 458 15.89 21.93 -32.57
C ARG B 458 16.33 23.29 -31.97
N LEU B 459 15.38 24.24 -31.77
CA LEU B 459 15.65 25.55 -31.20
C LEU B 459 16.13 25.46 -29.75
N VAL B 460 15.87 24.35 -29.03
CA VAL B 460 16.35 24.21 -27.65
C VAL B 460 17.87 24.27 -27.62
N LYS B 461 18.51 23.55 -28.54
CA LYS B 461 19.97 23.56 -28.65
C LYS B 461 20.50 24.76 -29.45
N ASP B 462 19.90 25.05 -30.61
CA ASP B 462 20.37 26.10 -31.51
C ASP B 462 20.13 27.53 -31.08
N ARG B 463 19.03 27.80 -30.38
CA ARG B 463 18.67 29.16 -30.00
C ARG B 463 18.71 29.41 -28.51
N PHE B 464 18.36 28.41 -27.68
CA PHE B 464 18.30 28.60 -26.24
C PHE B 464 19.43 27.96 -25.44
N ALA B 465 20.54 27.56 -26.08
CA ALA B 465 21.70 26.94 -25.43
C ALA B 465 21.37 25.77 -24.49
N GLY B 466 20.38 24.96 -24.86
CA GLY B 466 19.95 23.80 -24.09
C GLY B 466 19.01 24.10 -22.93
N ASP B 467 18.57 25.35 -22.78
CA ASP B 467 17.67 25.75 -21.70
C ASP B 467 16.23 25.47 -22.09
N VAL B 468 15.68 24.34 -21.62
CA VAL B 468 14.31 23.93 -21.89
C VAL B 468 13.32 24.91 -21.26
N GLN B 469 13.61 25.36 -20.04
CA GLN B 469 12.77 26.33 -19.34
C GLN B 469 12.60 27.62 -20.15
N ALA B 470 13.69 28.16 -20.70
CA ALA B 470 13.65 29.38 -21.50
C ALA B 470 12.88 29.20 -22.79
N TYR B 471 13.03 28.03 -23.42
CA TYR B 471 12.34 27.70 -24.66
C TYR B 471 10.82 27.67 -24.41
N VAL B 472 10.40 27.05 -23.30
CA VAL B 472 8.98 26.98 -22.94
C VAL B 472 8.45 28.36 -22.53
N ASP B 473 9.24 29.14 -21.76
CA ASP B 473 8.85 30.49 -21.35
C ASP B 473 8.65 31.37 -22.57
N ASP B 474 9.55 31.29 -23.56
CA ASP B 474 9.48 32.08 -24.77
C ASP B 474 8.21 31.75 -25.60
N ILE B 475 7.82 30.46 -25.64
CA ILE B 475 6.61 29.99 -26.33
C ILE B 475 5.39 30.73 -25.80
N PHE B 476 5.23 30.79 -24.49
CA PHE B 476 4.09 31.46 -23.87
C PHE B 476 4.19 32.98 -23.88
N ALA B 477 5.40 33.54 -23.71
CA ALA B 477 5.59 34.99 -23.68
C ALA B 477 5.34 35.63 -25.04
N ARG B 478 5.68 34.93 -26.13
CA ARG B 478 5.52 35.46 -27.46
C ARG B 478 4.33 34.91 -28.25
N SER B 479 3.69 33.85 -27.77
CA SER B 479 2.57 33.28 -28.51
C SER B 479 1.26 34.02 -28.35
N VAL B 480 0.48 34.08 -29.46
CA VAL B 480 -0.88 34.63 -29.43
C VAL B 480 -1.80 33.75 -28.57
N PHE B 481 -1.43 32.47 -28.29
CA PHE B 481 -2.23 31.61 -27.42
C PHE B 481 -1.62 31.44 -26.01
N GLY B 482 -0.65 32.29 -25.64
CA GLY B 482 0.02 32.24 -24.36
C GLY B 482 -0.80 32.79 -23.20
N SER B 483 -1.75 33.68 -23.51
CA SER B 483 -2.66 34.29 -22.54
C SER B 483 -3.86 34.91 -23.26
N GLU B 484 -4.93 35.24 -22.52
CA GLU B 484 -6.12 35.84 -23.11
C GLU B 484 -5.80 37.22 -23.69
N ALA B 485 -5.00 38.03 -22.98
CA ALA B 485 -4.61 39.36 -23.43
C ALA B 485 -3.77 39.33 -24.71
N GLN B 486 -2.94 38.29 -24.86
CA GLN B 486 -2.12 38.13 -26.05
C GLN B 486 -2.97 37.69 -27.25
N PHE B 487 -4.00 36.85 -27.02
CA PHE B 487 -4.89 36.43 -28.10
C PHE B 487 -5.74 37.60 -28.56
N ASP B 488 -6.27 38.40 -27.61
CA ASP B 488 -7.09 39.55 -27.95
C ASP B 488 -6.32 40.62 -28.70
N ALA B 489 -5.02 40.79 -28.39
CA ALA B 489 -4.19 41.74 -29.13
C ALA B 489 -4.00 41.27 -30.57
N PHE B 490 -3.88 39.95 -30.78
CA PHE B 490 -3.77 39.37 -32.10
C PHE B 490 -5.11 39.53 -32.85
N ALA B 491 -6.23 39.22 -32.18
CA ALA B 491 -7.55 39.28 -32.80
C ALA B 491 -7.94 40.69 -33.25
N ALA B 492 -7.39 41.74 -32.61
CA ALA B 492 -7.66 43.11 -33.00
C ALA B 492 -6.87 43.49 -34.27
N VAL B 493 -5.63 42.98 -34.40
CA VAL B 493 -4.78 43.24 -35.58
C VAL B 493 -4.21 41.91 -36.09
N PRO B 494 -5.05 41.04 -36.70
CA PRO B 494 -4.54 39.74 -37.15
C PRO B 494 -3.82 39.75 -38.48
N SER B 495 -2.72 39.03 -38.55
CA SER B 495 -1.96 38.87 -39.78
C SER B 495 -1.46 37.44 -39.88
N VAL B 496 -1.40 36.89 -41.11
CA VAL B 496 -0.92 35.52 -41.28
C VAL B 496 0.58 35.40 -40.98
N GLU B 497 1.35 36.50 -41.09
CA GLU B 497 2.77 36.54 -40.75
C GLU B 497 2.98 36.28 -39.26
N LYS B 498 2.05 36.76 -38.41
CA LYS B 498 2.11 36.55 -36.97
C LYS B 498 1.88 35.08 -36.64
N LEU B 499 0.91 34.44 -37.33
CA LEU B 499 0.57 33.04 -37.10
C LEU B 499 1.63 32.09 -37.64
N ALA B 500 2.20 32.40 -38.82
CA ALA B 500 3.22 31.58 -39.45
C ALA B 500 4.52 31.51 -38.65
N GLU B 501 4.81 32.55 -37.84
CA GLU B 501 6.01 32.55 -37.01
C GLU B 501 5.71 32.44 -35.51
N ASP B 502 4.46 32.13 -35.12
CA ASP B 502 4.07 31.98 -33.72
C ASP B 502 4.78 30.77 -33.11
N PRO B 503 5.44 30.96 -31.96
CA PRO B 503 6.19 29.85 -31.36
C PRO B 503 5.35 28.65 -30.93
N MET B 504 4.12 28.88 -30.44
CA MET B 504 3.25 27.78 -30.05
C MET B 504 2.68 27.07 -31.26
N VAL B 505 2.32 27.83 -32.31
CA VAL B 505 1.80 27.24 -33.55
C VAL B 505 2.90 26.38 -34.21
N LEU B 506 4.14 26.88 -34.26
CA LEU B 506 5.26 26.15 -34.83
C LEU B 506 5.58 24.89 -34.02
N PHE B 507 5.48 24.94 -32.67
CA PHE B 507 5.69 23.78 -31.82
C PHE B 507 4.62 22.73 -32.15
N ALA B 508 3.32 23.12 -32.06
CA ALA B 508 2.21 22.21 -32.27
C ALA B 508 2.24 21.59 -33.65
N SER B 509 2.51 22.41 -34.70
CA SER B 509 2.58 21.93 -36.08
C SER B 509 3.74 20.97 -36.24
N SER B 510 4.91 21.32 -35.71
CA SER B 510 6.12 20.51 -35.83
C SER B 510 5.97 19.15 -35.13
N VAL B 511 5.40 19.12 -33.91
CA VAL B 511 5.26 17.85 -33.19
C VAL B 511 4.18 16.98 -33.86
N PHE B 512 3.11 17.60 -34.38
CA PHE B 512 2.08 16.82 -35.07
C PHE B 512 2.59 16.31 -36.43
N ASP B 513 3.44 17.10 -37.11
CA ASP B 513 4.04 16.69 -38.39
C ASP B 513 4.90 15.43 -38.17
N GLU B 514 5.72 15.43 -37.11
CA GLU B 514 6.60 14.32 -36.82
C GLU B 514 5.81 13.08 -36.39
N TYR B 515 4.76 13.28 -35.59
CA TYR B 515 3.88 12.23 -35.12
C TYR B 515 3.18 11.54 -36.32
N ARG B 516 2.71 12.31 -37.30
CA ARG B 516 2.06 11.76 -38.49
C ARG B 516 3.05 11.06 -39.40
N LYS B 517 4.23 11.66 -39.59
CA LYS B 517 5.29 11.07 -40.42
C LYS B 517 5.72 9.71 -39.85
N LEU B 518 5.86 9.61 -38.51
CA LEU B 518 6.26 8.36 -37.86
C LEU B 518 5.17 7.30 -38.04
N TYR B 519 3.90 7.71 -37.88
CA TYR B 519 2.76 6.83 -38.07
C TYR B 519 2.74 6.26 -39.50
N ASN B 520 2.94 7.14 -40.50
CA ASN B 520 2.98 6.76 -41.91
C ASN B 520 4.14 5.83 -42.25
N GLU B 521 5.30 6.01 -41.61
CA GLU B 521 6.45 5.13 -41.85
C GLU B 521 6.27 3.77 -41.15
N LEU B 522 5.57 3.75 -40.00
CA LEU B 522 5.38 2.51 -39.25
C LEU B 522 4.24 1.63 -39.75
N ARG B 523 3.18 2.27 -40.29
CA ARG B 523 2.01 1.55 -40.80
C ARG B 523 2.34 0.40 -41.77
N PRO B 524 3.25 0.55 -42.75
CA PRO B 524 3.59 -0.59 -43.64
C PRO B 524 4.17 -1.83 -42.95
N TYR B 525 4.70 -1.70 -41.74
CA TYR B 525 5.26 -2.86 -41.03
C TYR B 525 4.20 -3.79 -40.45
N ASP B 526 2.96 -3.32 -40.29
CA ASP B 526 1.89 -4.17 -39.75
C ASP B 526 1.50 -5.33 -40.66
N ASP B 527 1.42 -5.08 -41.98
CA ASP B 527 1.01 -6.07 -42.99
C ASP B 527 1.88 -7.32 -43.06
N PRO B 528 3.23 -7.25 -43.15
CA PRO B 528 4.02 -8.49 -43.18
C PRO B 528 3.86 -9.31 -41.91
N ILE B 529 3.65 -8.66 -40.75
CA ILE B 529 3.43 -9.36 -39.48
C ILE B 529 2.07 -10.07 -39.54
N LEU B 530 1.03 -9.37 -40.01
CA LEU B 530 -0.30 -9.96 -40.12
C LEU B 530 -0.28 -11.17 -41.09
N ARG B 531 0.34 -11.04 -42.27
CA ARG B 531 0.42 -12.14 -43.24
C ARG B 531 1.19 -13.32 -42.66
N ALA B 532 2.30 -13.05 -41.95
CA ALA B 532 3.09 -14.13 -41.35
C ALA B 532 2.33 -14.78 -40.18
N GLN B 533 1.50 -14.02 -39.46
CA GLN B 533 0.68 -14.54 -38.36
C GLN B 533 -0.37 -15.51 -38.87
N ARG B 534 -0.91 -15.28 -40.08
CA ARG B 534 -1.86 -16.21 -40.69
C ARG B 534 -1.20 -17.60 -40.85
N THR B 535 0.05 -17.62 -41.33
CA THR B 535 0.82 -18.87 -41.50
C THR B 535 1.22 -19.46 -40.14
N TYR B 536 1.71 -18.63 -39.21
CA TYR B 536 2.12 -19.06 -37.87
C TYR B 536 0.97 -19.72 -37.10
N ILE B 537 -0.20 -19.08 -37.02
CA ILE B 537 -1.36 -19.62 -36.31
C ILE B 537 -1.91 -20.86 -37.01
N ALA B 538 -1.87 -20.91 -38.36
CA ALA B 538 -2.28 -22.11 -39.12
C ALA B 538 -1.43 -23.32 -38.74
N GLY B 539 -0.13 -23.10 -38.53
CA GLY B 539 0.79 -24.15 -38.13
C GLY B 539 0.53 -24.62 -36.71
N LEU B 540 0.28 -23.67 -35.78
CA LEU B 540 -0.04 -24.00 -34.40
C LEU B 540 -1.33 -24.82 -34.33
N LEU B 541 -2.33 -24.47 -35.13
CA LEU B 541 -3.60 -25.20 -35.16
C LEU B 541 -3.44 -26.58 -35.81
N GLU B 542 -2.61 -26.69 -36.85
CA GLU B 542 -2.36 -27.98 -37.50
C GLU B 542 -1.57 -28.89 -36.55
N MET B 543 -0.63 -28.32 -35.81
CA MET B 543 0.20 -29.07 -34.87
C MET B 543 -0.54 -29.53 -33.61
N ASP B 544 -1.13 -28.60 -32.83
CA ASP B 544 -1.77 -28.94 -31.56
C ASP B 544 -3.32 -28.94 -31.57
N GLY B 545 -3.92 -28.51 -32.66
CA GLY B 545 -5.37 -28.47 -32.79
C GLY B 545 -6.06 -27.30 -32.12
N ASP B 546 -7.31 -27.02 -32.55
CA ASP B 546 -8.13 -25.94 -32.02
C ASP B 546 -8.95 -26.44 -30.82
N GLN B 547 -8.33 -27.23 -29.97
CA GLN B 547 -8.99 -27.73 -28.78
C GLN B 547 -8.55 -26.92 -27.55
N ASP B 548 -7.23 -26.79 -27.31
CA ASP B 548 -6.76 -26.03 -26.14
C ASP B 548 -6.12 -24.68 -26.49
N GLN B 549 -6.40 -24.12 -27.68
CA GLN B 549 -5.90 -22.80 -28.05
C GLN B 549 -6.99 -22.00 -28.78
N PHE B 550 -7.53 -21.00 -28.07
CA PHE B 550 -8.64 -20.15 -28.49
C PHE B 550 -8.19 -19.03 -29.45
N PRO B 551 -9.09 -18.53 -30.30
CA PRO B 551 -8.71 -17.42 -31.17
C PRO B 551 -8.65 -16.13 -30.38
N ASP B 552 -7.74 -15.22 -30.75
CA ASP B 552 -7.67 -13.92 -30.10
C ASP B 552 -9.04 -13.21 -30.07
N ALA B 553 -9.32 -12.50 -28.97
CA ALA B 553 -10.54 -11.73 -28.81
C ALA B 553 -10.63 -10.67 -29.93
N ASN B 554 -11.83 -10.43 -30.46
CA ASN B 554 -12.03 -9.46 -31.54
C ASN B 554 -13.43 -8.82 -31.45
N LEU B 555 -13.91 -8.58 -30.24
CA LEU B 555 -15.21 -8.01 -29.92
C LEU B 555 -16.37 -8.88 -30.41
N THR B 556 -16.18 -10.21 -30.35
CA THR B 556 -17.24 -11.15 -30.71
C THR B 556 -17.61 -11.97 -29.49
N LEU B 557 -18.81 -12.57 -29.52
CA LEU B 557 -19.35 -13.34 -28.41
C LEU B 557 -18.49 -14.56 -28.08
N ARG B 558 -18.05 -14.64 -26.82
CA ARG B 558 -17.21 -15.75 -26.36
C ARG B 558 -17.71 -16.24 -25.01
N PHE B 559 -17.37 -17.48 -24.69
CA PHE B 559 -17.65 -18.02 -23.38
C PHE B 559 -16.31 -18.40 -22.72
N THR B 560 -16.29 -18.29 -21.39
CA THR B 560 -15.15 -18.68 -20.57
C THR B 560 -15.72 -19.32 -19.30
N TYR B 561 -15.02 -20.29 -18.76
CA TYR B 561 -15.45 -20.97 -17.55
C TYR B 561 -14.29 -21.14 -16.60
N GLY B 562 -14.61 -21.29 -15.34
CA GLY B 562 -13.62 -21.47 -14.30
C GLY B 562 -14.29 -21.70 -12.96
N GLN B 563 -13.64 -21.29 -11.89
CA GLN B 563 -14.17 -21.47 -10.55
C GLN B 563 -14.10 -20.19 -9.72
N VAL B 564 -14.94 -20.10 -8.69
CA VAL B 564 -14.91 -18.99 -7.74
C VAL B 564 -13.69 -19.31 -6.84
N LYS B 565 -12.61 -18.52 -6.94
CA LYS B 565 -11.39 -18.82 -6.23
C LYS B 565 -10.55 -17.59 -6.02
N GLY B 566 -10.03 -17.44 -4.82
CA GLY B 566 -9.08 -16.37 -4.55
C GLY B 566 -7.69 -16.76 -5.03
N TYR B 567 -6.66 -16.10 -4.49
CA TYR B 567 -5.27 -16.37 -4.90
C TYR B 567 -4.30 -15.73 -3.92
N SER B 568 -3.03 -16.12 -3.99
CA SER B 568 -1.97 -15.56 -3.17
C SER B 568 -1.15 -14.58 -4.00
N PRO B 569 -1.29 -13.26 -3.75
CA PRO B 569 -0.54 -12.27 -4.56
C PRO B 569 0.96 -12.25 -4.29
N ARG B 570 1.36 -12.65 -3.09
CA ARG B 570 2.77 -12.66 -2.65
C ARG B 570 2.90 -13.55 -1.43
N ASP B 571 4.16 -13.84 -1.04
CA ASP B 571 4.49 -14.74 0.08
C ASP B 571 3.68 -14.42 1.34
N ASN B 572 2.99 -15.45 1.87
CA ASN B 572 2.23 -15.36 3.12
C ASN B 572 0.97 -14.45 3.07
N VAL B 573 0.51 -14.08 1.88
CA VAL B 573 -0.68 -13.24 1.74
C VAL B 573 -1.71 -13.96 0.89
N TYR B 574 -2.95 -14.07 1.39
CA TYR B 574 -4.01 -14.72 0.63
C TYR B 574 -5.21 -13.81 0.54
N TYR B 575 -5.74 -13.66 -0.68
CA TYR B 575 -6.95 -12.91 -0.91
C TYR B 575 -8.01 -13.96 -1.19
N GLY B 576 -9.06 -13.98 -0.38
CA GLY B 576 -10.13 -14.94 -0.55
C GLY B 576 -10.99 -14.68 -1.79
N HIS B 577 -11.98 -15.53 -1.99
CA HIS B 577 -12.84 -15.45 -3.14
C HIS B 577 -13.98 -14.46 -2.99
N GLN B 578 -14.30 -13.99 -1.77
CA GLN B 578 -15.47 -13.13 -1.57
C GLN B 578 -15.23 -11.94 -0.64
N THR B 579 -15.71 -10.76 -1.02
CA THR B 579 -15.70 -9.58 -0.16
C THR B 579 -17.12 -9.36 0.42
N THR B 580 -17.20 -8.64 1.53
CA THR B 580 -18.46 -8.38 2.23
C THR B 580 -18.68 -6.87 2.47
N LEU B 581 -19.93 -6.50 2.83
CA LEU B 581 -20.32 -5.13 3.15
C LEU B 581 -19.48 -4.55 4.30
N ASP B 582 -19.01 -5.42 5.20
CA ASP B 582 -18.12 -5.07 6.29
C ASP B 582 -16.82 -4.42 5.74
N GLY B 583 -16.35 -4.89 4.57
CA GLY B 583 -15.16 -4.36 3.90
C GLY B 583 -15.36 -2.96 3.34
N VAL B 584 -16.60 -2.63 2.95
CA VAL B 584 -16.98 -1.30 2.49
C VAL B 584 -16.88 -0.35 3.71
N MET B 585 -17.43 -0.78 4.86
CA MET B 585 -17.42 0.03 6.08
C MET B 585 -16.02 0.25 6.63
N GLU B 586 -15.13 -0.74 6.47
CA GLU B 586 -13.73 -0.61 6.88
C GLU B 586 -13.02 0.49 6.06
N LYS B 587 -13.38 0.62 4.78
CA LYS B 587 -12.78 1.58 3.87
C LYS B 587 -13.38 2.98 3.92
N GLU B 588 -14.50 3.17 4.60
CA GLU B 588 -15.17 4.46 4.68
C GLU B 588 -14.24 5.58 5.22
N ASP B 589 -14.20 6.69 4.49
CA ASP B 589 -13.47 7.88 4.88
C ASP B 589 -14.39 9.02 4.46
N PRO B 590 -15.05 9.69 5.42
CA PRO B 590 -16.00 10.75 5.06
C PRO B 590 -15.39 11.94 4.33
N ASP B 591 -14.08 12.19 4.53
CA ASP B 591 -13.44 13.33 3.87
C ASP B 591 -12.63 12.94 2.63
N ASN B 592 -12.75 11.68 2.15
CA ASN B 592 -12.09 11.23 0.92
C ASN B 592 -13.23 10.88 -0.04
N TRP B 593 -13.41 11.71 -1.09
CA TRP B 593 -14.48 11.57 -2.07
C TRP B 593 -14.67 10.17 -2.65
N GLU B 594 -13.59 9.39 -2.84
CA GLU B 594 -13.71 8.04 -3.40
C GLU B 594 -14.27 7.06 -2.40
N PHE B 595 -14.00 7.27 -1.09
CA PHE B 595 -14.42 6.30 -0.10
C PHE B 595 -15.52 6.76 0.82
N VAL B 596 -16.38 7.69 0.36
CA VAL B 596 -17.55 8.07 1.14
C VAL B 596 -18.57 6.91 1.01
N VAL B 597 -19.34 6.70 2.06
CA VAL B 597 -20.34 5.65 2.08
C VAL B 597 -21.73 6.25 2.15
N ASP B 598 -22.64 5.77 1.28
CA ASP B 598 -24.01 6.22 1.22
C ASP B 598 -24.71 5.95 2.55
N PRO B 599 -25.31 6.98 3.15
CA PRO B 599 -25.96 6.80 4.46
C PRO B 599 -27.02 5.69 4.51
N LYS B 600 -27.79 5.49 3.44
CA LYS B 600 -28.79 4.43 3.42
C LYS B 600 -28.11 3.06 3.48
N LEU B 601 -26.96 2.90 2.78
CA LEU B 601 -26.19 1.66 2.78
C LEU B 601 -25.58 1.40 4.16
N LYS B 602 -25.03 2.45 4.80
CA LYS B 602 -24.45 2.35 6.13
C LYS B 602 -25.51 1.92 7.17
N ALA B 603 -26.73 2.47 7.04
CA ALA B 603 -27.84 2.13 7.94
C ALA B 603 -28.29 0.67 7.74
N VAL B 604 -28.34 0.20 6.48
CA VAL B 604 -28.68 -1.19 6.16
C VAL B 604 -27.66 -2.14 6.81
N TYR B 605 -26.38 -1.78 6.74
CA TYR B 605 -25.30 -2.54 7.36
C TYR B 605 -25.46 -2.57 8.88
N GLU B 606 -25.70 -1.40 9.52
CA GLU B 606 -25.83 -1.30 10.97
C GLU B 606 -27.03 -2.08 11.49
N ARG B 607 -28.16 -2.01 10.78
CA ARG B 607 -29.36 -2.75 11.18
C ARG B 607 -29.37 -4.20 10.71
N LYS B 608 -28.37 -4.63 9.91
CA LYS B 608 -28.28 -5.97 9.32
C LYS B 608 -29.54 -6.31 8.54
N ASP B 609 -30.12 -5.30 7.86
CA ASP B 609 -31.34 -5.41 7.09
C ASP B 609 -30.97 -5.99 5.73
N PHE B 610 -30.50 -7.23 5.72
CA PHE B 610 -30.05 -7.91 4.52
C PHE B 610 -31.07 -8.85 3.88
N GLY B 611 -32.17 -9.12 4.58
CA GLY B 611 -33.24 -10.00 4.10
C GLY B 611 -32.75 -11.34 3.59
N ARG B 612 -33.21 -11.71 2.40
CA ARG B 612 -32.83 -12.95 1.73
C ARG B 612 -31.49 -12.83 0.97
N TYR B 613 -30.77 -11.69 1.08
CA TYR B 613 -29.53 -11.48 0.31
C TYR B 613 -28.25 -11.86 1.03
N ALA B 614 -28.29 -11.98 2.37
CA ALA B 614 -27.12 -12.34 3.16
C ALA B 614 -26.75 -13.81 2.98
N ASP B 615 -25.47 -14.16 3.24
CA ASP B 615 -25.05 -15.56 3.13
C ASP B 615 -25.52 -16.37 4.38
N ARG B 616 -25.16 -17.67 4.44
CA ARG B 616 -25.56 -18.54 5.55
C ARG B 616 -25.01 -18.08 6.92
N SER B 617 -23.93 -17.30 6.91
CA SER B 617 -23.33 -16.80 8.16
C SER B 617 -23.96 -15.49 8.68
N GLY B 618 -24.83 -14.87 7.90
CA GLY B 618 -25.40 -13.58 8.27
C GLY B 618 -24.58 -12.40 7.75
N ARG B 619 -23.52 -12.67 6.98
CA ARG B 619 -22.70 -11.62 6.39
C ARG B 619 -23.21 -11.25 5.00
N MET B 620 -23.15 -9.96 4.67
CA MET B 620 -23.66 -9.49 3.39
C MET B 620 -22.58 -9.50 2.30
N PRO B 621 -22.69 -10.36 1.27
CA PRO B 621 -21.66 -10.38 0.22
C PRO B 621 -21.69 -9.13 -0.67
N VAL B 622 -20.55 -8.76 -1.25
CA VAL B 622 -20.48 -7.60 -2.14
C VAL B 622 -19.95 -8.04 -3.52
N ALA B 623 -18.80 -8.69 -3.53
CA ALA B 623 -18.17 -9.09 -4.76
C ALA B 623 -17.47 -10.43 -4.61
N PHE B 624 -17.19 -11.10 -5.72
CA PHE B 624 -16.41 -12.32 -5.72
C PHE B 624 -15.47 -12.34 -6.92
N CYS B 625 -14.46 -13.21 -6.89
CA CYS B 625 -13.54 -13.33 -8.00
C CYS B 625 -13.51 -14.75 -8.54
N ALA B 626 -13.19 -14.89 -9.84
CA ALA B 626 -13.20 -16.21 -10.48
C ALA B 626 -12.01 -16.40 -11.44
N THR B 627 -11.67 -17.66 -11.73
CA THR B 627 -10.57 -18.00 -12.62
C THR B 627 -10.98 -17.94 -14.12
N THR B 628 -12.10 -17.30 -14.44
CA THR B 628 -12.52 -17.11 -15.82
C THR B 628 -11.51 -16.18 -16.52
N HIS B 629 -11.43 -16.32 -17.85
CA HIS B 629 -10.51 -15.53 -18.65
C HIS B 629 -11.25 -14.40 -19.34
N THR B 630 -11.10 -13.18 -18.81
CA THR B 630 -11.78 -12.03 -19.34
C THR B 630 -10.80 -10.89 -19.64
N THR B 631 -11.26 -9.91 -20.42
CA THR B 631 -10.50 -8.72 -20.76
C THR B 631 -11.48 -7.55 -21.04
N GLY B 632 -10.96 -6.35 -21.36
CA GLY B 632 -11.78 -5.19 -21.74
C GLY B 632 -12.80 -5.55 -22.81
N GLY B 633 -14.05 -5.21 -22.58
CA GLY B 633 -15.16 -5.63 -23.41
C GLY B 633 -16.09 -6.54 -22.62
N ASN B 634 -15.53 -7.30 -21.64
CA ASN B 634 -16.27 -8.19 -20.74
C ASN B 634 -16.96 -7.45 -19.58
N SER B 635 -16.78 -6.11 -19.46
CA SER B 635 -17.48 -5.32 -18.44
C SER B 635 -18.98 -5.48 -18.60
N GLY B 636 -19.66 -5.87 -17.54
CA GLY B 636 -21.11 -6.09 -17.52
C GLY B 636 -21.54 -7.49 -17.92
N SER B 637 -20.58 -8.39 -18.16
CA SER B 637 -20.89 -9.76 -18.57
C SER B 637 -21.64 -10.53 -17.50
N PRO B 638 -22.63 -11.33 -17.92
CA PRO B 638 -23.33 -12.17 -16.93
C PRO B 638 -22.40 -13.29 -16.45
N VAL B 639 -22.43 -13.53 -15.13
CA VAL B 639 -21.67 -14.60 -14.53
C VAL B 639 -22.72 -15.64 -14.11
N MET B 640 -22.56 -16.87 -14.61
CA MET B 640 -23.51 -17.93 -14.38
C MET B 640 -22.97 -19.00 -13.47
N ASN B 641 -23.91 -19.61 -12.75
CA ASN B 641 -23.91 -20.82 -11.92
C ASN B 641 -23.68 -22.04 -12.83
N ALA B 642 -23.52 -23.24 -12.22
CA ALA B 642 -23.50 -24.51 -12.96
C ALA B 642 -24.87 -24.76 -13.67
N ASN B 643 -25.95 -24.13 -13.18
CA ASN B 643 -27.28 -24.23 -13.75
C ASN B 643 -27.63 -23.11 -14.75
N GLY B 644 -26.70 -22.21 -15.03
CA GLY B 644 -26.95 -21.09 -15.94
C GLY B 644 -27.69 -19.92 -15.30
N GLU B 645 -27.85 -19.94 -13.98
CA GLU B 645 -28.52 -18.86 -13.27
C GLU B 645 -27.53 -17.74 -13.02
N LEU B 646 -28.01 -16.51 -13.01
CA LEU B 646 -27.16 -15.34 -12.79
C LEU B 646 -26.73 -15.23 -11.34
N ILE B 647 -25.42 -15.24 -11.11
CA ILE B 647 -24.82 -15.07 -9.79
C ILE B 647 -24.02 -13.77 -9.64
N GLY B 648 -23.74 -13.08 -10.74
CA GLY B 648 -23.01 -11.83 -10.69
C GLY B 648 -22.78 -11.20 -12.04
N LEU B 649 -22.12 -10.04 -12.03
CA LEU B 649 -21.75 -9.31 -13.24
C LEU B 649 -20.29 -9.07 -13.16
N ASN B 650 -19.56 -9.40 -14.22
CA ASN B 650 -18.13 -9.10 -14.27
C ASN B 650 -17.98 -7.56 -14.41
N PHE B 651 -17.00 -6.95 -13.74
CA PHE B 651 -16.80 -5.51 -13.86
C PHE B 651 -15.34 -5.09 -13.95
N ASP B 652 -14.42 -5.99 -13.60
CA ASP B 652 -13.01 -5.68 -13.67
C ASP B 652 -12.16 -6.96 -13.68
N ARG B 653 -10.85 -6.80 -13.66
CA ARG B 653 -9.88 -7.87 -13.47
C ARG B 653 -8.72 -7.26 -12.65
N ASN B 654 -8.05 -8.08 -11.85
CA ASN B 654 -6.97 -7.58 -11.01
C ASN B 654 -5.73 -7.21 -11.85
N TRP B 655 -4.92 -6.27 -11.39
CA TRP B 655 -3.74 -5.81 -12.12
C TRP B 655 -2.75 -6.94 -12.37
N GLU B 656 -2.69 -7.93 -11.45
CA GLU B 656 -1.81 -9.06 -11.63
C GLU B 656 -2.18 -9.90 -12.86
N GLY B 657 -3.41 -9.78 -13.34
CA GLY B 657 -3.90 -10.53 -14.49
C GLY B 657 -3.97 -9.75 -15.79
N VAL B 658 -3.47 -8.49 -15.83
CA VAL B 658 -3.51 -7.75 -17.10
C VAL B 658 -2.62 -8.41 -18.19
N GLY B 659 -1.57 -9.12 -17.78
CA GLY B 659 -0.73 -9.87 -18.68
C GLY B 659 -1.44 -11.07 -19.32
N GLY B 660 -2.65 -11.39 -18.81
CA GLY B 660 -3.54 -12.43 -19.29
C GLY B 660 -3.96 -12.24 -20.73
N ASP B 661 -3.87 -11.01 -21.28
CA ASP B 661 -4.14 -10.77 -22.70
C ASP B 661 -3.09 -11.47 -23.58
N ILE B 662 -1.88 -11.72 -23.06
CA ILE B 662 -0.83 -12.38 -23.80
C ILE B 662 -0.74 -13.84 -23.34
N GLN B 663 -0.83 -14.07 -22.02
CA GLN B 663 -0.78 -15.40 -21.47
C GLN B 663 -1.63 -15.43 -20.20
N TYR B 664 -2.69 -16.26 -20.19
CA TYR B 664 -3.56 -16.42 -19.01
C TYR B 664 -2.70 -16.87 -17.81
N LEU B 665 -2.94 -16.26 -16.63
CA LEU B 665 -2.13 -16.55 -15.46
C LEU B 665 -2.95 -17.24 -14.41
N ALA B 666 -2.98 -18.58 -14.43
CA ALA B 666 -3.80 -19.40 -13.55
C ALA B 666 -3.74 -19.05 -12.06
N ASP B 667 -2.56 -18.72 -11.54
CA ASP B 667 -2.39 -18.45 -10.12
C ASP B 667 -2.56 -17.01 -9.70
N TYR B 668 -2.80 -16.09 -10.65
CA TYR B 668 -2.91 -14.67 -10.32
C TYR B 668 -4.10 -13.99 -10.94
N GLN B 669 -4.40 -14.31 -12.20
CA GLN B 669 -5.48 -13.67 -12.94
C GLN B 669 -6.88 -14.01 -12.45
N ARG B 670 -7.66 -13.00 -12.12
CA ARG B 670 -9.03 -13.20 -11.69
C ARG B 670 -9.99 -12.18 -12.28
N SER B 671 -11.20 -12.62 -12.64
CA SER B 671 -12.27 -11.74 -13.05
C SER B 671 -12.89 -11.20 -11.73
N ILE B 672 -13.16 -9.90 -11.65
CA ILE B 672 -13.72 -9.26 -10.46
C ILE B 672 -15.17 -9.05 -10.75
N ILE B 673 -16.04 -9.65 -9.94
CA ILE B 673 -17.47 -9.74 -10.19
C ILE B 673 -18.32 -9.19 -9.06
N VAL B 674 -19.34 -8.38 -9.37
CA VAL B 674 -20.23 -7.87 -8.32
C VAL B 674 -21.25 -8.98 -8.05
N ASP B 675 -21.41 -9.38 -6.80
CA ASP B 675 -22.35 -10.42 -6.42
C ASP B 675 -23.78 -9.95 -6.71
N ILE B 676 -24.60 -10.81 -7.35
CA ILE B 676 -25.99 -10.46 -7.69
C ILE B 676 -26.84 -10.25 -6.43
N ARG B 677 -26.46 -10.86 -5.30
CA ARG B 677 -27.16 -10.65 -4.03
C ARG B 677 -26.98 -9.20 -3.57
N TYR B 678 -25.78 -8.62 -3.79
CA TYR B 678 -25.50 -7.23 -3.46
C TYR B 678 -26.25 -6.29 -4.42
N VAL B 679 -26.37 -6.67 -5.70
CA VAL B 679 -27.14 -5.89 -6.69
C VAL B 679 -28.59 -5.79 -6.24
N LEU B 680 -29.20 -6.93 -5.84
CA LEU B 680 -30.59 -6.92 -5.36
C LEU B 680 -30.75 -6.21 -4.03
N LEU B 681 -29.75 -6.32 -3.13
CA LEU B 681 -29.81 -5.59 -1.86
C LEU B 681 -29.85 -4.08 -2.12
N VAL B 682 -29.07 -3.58 -3.12
CA VAL B 682 -29.03 -2.16 -3.45
C VAL B 682 -30.33 -1.68 -4.11
N ILE B 683 -30.87 -2.45 -5.07
CA ILE B 683 -32.16 -2.13 -5.71
C ILE B 683 -33.27 -2.05 -4.65
N ASP B 684 -33.32 -3.06 -3.76
CA ASP B 684 -34.32 -3.19 -2.71
C ASP B 684 -34.17 -2.17 -1.57
N LYS B 685 -33.09 -2.25 -0.78
CA LYS B 685 -32.91 -1.42 0.41
C LYS B 685 -32.38 -0.02 0.16
N VAL B 686 -31.75 0.24 -1.00
CA VAL B 686 -31.21 1.57 -1.27
C VAL B 686 -32.11 2.34 -2.26
N GLY B 687 -32.55 1.67 -3.31
CA GLY B 687 -33.41 2.29 -4.30
C GLY B 687 -34.90 2.21 -4.02
N GLY B 688 -35.31 1.20 -3.25
CA GLY B 688 -36.71 0.95 -2.95
C GLY B 688 -37.54 0.58 -4.17
N CYS B 689 -36.87 0.11 -5.23
CA CYS B 689 -37.51 -0.23 -6.51
C CYS B 689 -38.01 -1.67 -6.57
N GLN B 690 -39.01 -1.99 -5.75
CA GLN B 690 -39.60 -3.33 -5.63
C GLN B 690 -40.10 -3.90 -6.97
N ARG B 691 -40.63 -3.05 -7.85
CA ARG B 691 -41.14 -3.50 -9.15
C ARG B 691 -40.07 -4.19 -10.00
N LEU B 692 -38.79 -3.81 -9.85
CA LEU B 692 -37.71 -4.45 -10.60
C LEU B 692 -37.45 -5.86 -10.08
N LEU B 693 -37.56 -6.05 -8.77
CA LEU B 693 -37.40 -7.36 -8.15
C LEU B 693 -38.58 -8.24 -8.57
N ASP B 694 -39.81 -7.69 -8.58
CA ASP B 694 -41.03 -8.41 -8.95
C ASP B 694 -41.00 -8.92 -10.40
N GLU B 695 -40.43 -8.14 -11.33
CA GLU B 695 -40.37 -8.57 -12.73
C GLU B 695 -39.26 -9.58 -13.03
N MET B 696 -38.24 -9.66 -12.17
CA MET B 696 -37.18 -10.67 -12.34
C MET B 696 -37.70 -12.03 -11.86
N ASN B 697 -37.13 -13.12 -12.39
CA ASN B 697 -37.47 -14.46 -11.95
C ASN B 697 -36.37 -14.92 -10.98
N ILE B 698 -36.61 -14.69 -9.69
CA ILE B 698 -35.66 -15.01 -8.64
C ILE B 698 -35.84 -16.42 -8.10
N VAL B 699 -34.81 -17.25 -8.20
CA VAL B 699 -34.86 -18.62 -7.73
C VAL B 699 -34.21 -18.75 -6.34
N PRO B 700 -34.90 -19.44 -5.41
CA PRO B 700 -34.36 -19.57 -4.04
C PRO B 700 -33.03 -20.32 -3.94
N1 I8M C . 22.43 -0.79 1.81
C4 I8M C . 19.97 -0.55 5.64
C5 I8M C . 21.14 -0.60 4.89
C6 I8M C . 21.30 -1.53 3.88
C7 I8M C . 22.56 -1.55 3.04
C8 I8M C . 23.14 0.49 1.88
C10 I8M C . 22.66 -0.77 -0.63
O1 I8M C . 20.31 -3.35 2.62
C1 I8M C . 20.23 -2.41 3.60
C2 I8M C . 19.07 -2.36 4.35
C3 I8M C . 18.94 -1.41 5.36
C9 I8M C . 23.06 1.21 0.56
O2 I8M C . 22.20 0.55 -0.36
C11 I8M C . 22.86 -1.56 0.64
CL CL D . -12.89 1.72 51.92
CL CL E . -8.80 -8.43 18.77
N1 I8M F . -18.54 11.75 -4.81
C4 I8M F . -16.92 8.93 -7.97
C5 I8M F . -17.80 9.84 -7.42
C6 I8M F . -18.28 9.68 -6.13
C7 I8M F . -19.23 10.68 -5.53
C8 I8M F . -19.01 11.86 -3.43
C10 I8M F . -18.09 14.16 -4.69
O1 I8M F . -18.22 8.39 -4.08
C1 I8M F . -17.80 8.59 -5.37
C2 I8M F . -16.90 7.69 -5.92
C3 I8M F . -16.47 7.86 -7.22
C9 I8M F . -18.27 12.95 -2.69
O2 I8M F . -17.40 13.68 -3.55
C11 I8M F . -18.65 13.03 -5.51
N1 I8M G . 20.92 -1.00 -37.64
C4 I8M G . 16.93 -1.04 -35.20
C5 I8M G . 17.95 -1.56 -35.97
C6 I8M G . 18.46 -0.87 -37.07
C7 I8M G . 19.56 -1.49 -37.89
C8 I8M G . 21.18 -0.69 -36.22
C10 I8M G . 22.71 0.52 -38.25
O1 I8M G . 18.23 1.05 -38.54
C1 I8M G . 17.83 0.33 -37.44
C2 I8M G . 16.79 0.85 -36.67
C3 I8M G . 16.35 0.16 -35.56
C9 I8M G . 22.62 -0.27 -36.05
O2 I8M G . 22.95 0.84 -36.88
C11 I8M G . 21.29 0.14 -38.49
CL CL H . -34.98 -11.26 -28.29
#